data_2M5O
#
_entry.id   2M5O
#
_entity_poly.entity_id   1
_entity_poly.type   'polypeptide(L)'
_entity_poly.pdbx_seq_one_letter_code
;MGHHHHHHSHMGSEEDDGVVAMIKELLDTRIRPTVQEDGGDVIYKGFEDGIVQLKLQGSCTSCPSSIITLKNGIQNMLQF
YIPEVEGVEQVMDDESD
;
_entity_poly.pdbx_strand_id   A
#
# COMPACT_ATOMS: atom_id res chain seq x y z
N MET A 1 5.19 -28.34 -11.60
CA MET A 1 4.97 -27.55 -12.84
C MET A 1 5.91 -28.05 -13.96
N GLY A 2 5.85 -27.39 -15.13
CA GLY A 2 6.61 -27.82 -16.32
C GLY A 2 8.10 -27.48 -16.26
N HIS A 3 8.85 -27.97 -17.25
CA HIS A 3 10.29 -27.70 -17.42
C HIS A 3 10.47 -26.27 -17.98
N HIS A 4 10.31 -25.28 -17.08
CA HIS A 4 10.52 -23.86 -17.37
C HIS A 4 11.42 -23.30 -16.25
N HIS A 5 10.86 -23.23 -15.01
CA HIS A 5 11.57 -22.91 -13.75
C HIS A 5 12.26 -21.52 -13.79
N HIS A 6 11.77 -20.65 -14.70
CA HIS A 6 12.35 -19.31 -14.96
C HIS A 6 11.37 -18.25 -14.46
N HIS A 7 11.91 -17.24 -13.75
CA HIS A 7 11.12 -16.11 -13.22
C HIS A 7 11.62 -14.80 -13.85
N HIS A 8 10.70 -14.08 -14.51
CA HIS A 8 10.96 -12.76 -15.12
C HIS A 8 11.15 -11.72 -14.01
N SER A 9 10.35 -11.86 -12.94
CA SER A 9 10.38 -11.00 -11.76
C SER A 9 10.29 -11.85 -10.49
N HIS A 10 10.55 -11.20 -9.35
CA HIS A 10 10.57 -11.86 -8.02
C HIS A 10 10.19 -10.85 -6.92
N MET A 11 9.35 -11.31 -5.97
CA MET A 11 8.93 -10.53 -4.79
C MET A 11 9.98 -10.62 -3.67
N GLY A 12 9.73 -9.90 -2.56
CA GLY A 12 10.67 -9.87 -1.42
C GLY A 12 11.82 -8.90 -1.70
N SER A 13 12.73 -9.32 -2.57
CA SER A 13 13.76 -8.44 -3.13
C SER A 13 13.18 -7.69 -4.35
N GLU A 14 12.40 -6.63 -4.04
CA GLU A 14 11.63 -5.84 -5.03
C GLU A 14 12.34 -4.53 -5.37
N GLU A 15 11.66 -3.68 -6.16
CA GLU A 15 12.13 -2.32 -6.49
C GLU A 15 12.17 -1.45 -5.21
N ASP A 16 13.40 -1.26 -4.71
CA ASP A 16 13.70 -0.55 -3.46
C ASP A 16 13.00 -1.26 -2.29
N ASP A 17 13.55 -2.43 -1.89
CA ASP A 17 12.96 -3.26 -0.83
C ASP A 17 13.03 -2.54 0.54
N GLY A 18 13.86 -1.47 0.63
CA GLY A 18 13.93 -0.61 1.82
C GLY A 18 12.62 0.13 2.04
N VAL A 19 12.13 0.80 0.96
CA VAL A 19 10.83 1.48 0.95
C VAL A 19 9.69 0.46 1.12
N VAL A 20 9.73 -0.60 0.29
CA VAL A 20 8.69 -1.67 0.25
C VAL A 20 8.44 -2.29 1.65
N ALA A 21 9.55 -2.61 2.35
CA ALA A 21 9.52 -3.26 3.68
C ALA A 21 8.93 -2.34 4.75
N MET A 22 9.32 -1.05 4.73
CA MET A 22 8.84 -0.09 5.74
C MET A 22 7.37 0.31 5.46
N ILE A 23 6.90 0.16 4.19
CA ILE A 23 5.46 0.32 3.87
C ILE A 23 4.67 -0.81 4.55
N LYS A 24 5.19 -2.05 4.44
CA LYS A 24 4.59 -3.25 5.04
C LYS A 24 4.32 -3.06 6.55
N GLU A 25 5.30 -2.47 7.26
CA GLU A 25 5.18 -2.24 8.71
C GLU A 25 4.24 -1.05 8.97
N LEU A 26 4.33 0.03 8.15
CA LEU A 26 3.46 1.24 8.27
C LEU A 26 1.97 0.87 8.08
N LEU A 27 1.70 -0.19 7.30
CA LEU A 27 0.37 -0.76 7.16
C LEU A 27 0.04 -1.61 8.39
N ASP A 28 0.90 -2.59 8.68
CA ASP A 28 0.64 -3.64 9.69
C ASP A 28 0.43 -3.07 11.11
N THR A 29 1.11 -1.96 11.41
CA THR A 29 1.07 -1.32 12.73
C THR A 29 -0.05 -0.26 12.80
N ARG A 30 -0.14 0.60 11.77
CA ARG A 30 -0.98 1.83 11.80
C ARG A 30 -2.33 1.63 11.08
N ILE A 31 -2.29 1.06 9.87
CA ILE A 31 -3.46 0.97 8.98
C ILE A 31 -4.31 -0.29 9.24
N ARG A 32 -3.72 -1.49 9.01
CA ARG A 32 -4.41 -2.81 9.12
C ARG A 32 -5.29 -2.92 10.39
N PRO A 33 -4.78 -2.66 11.66
CA PRO A 33 -5.63 -2.72 12.90
C PRO A 33 -6.92 -1.88 12.78
N THR A 34 -6.76 -0.62 12.31
CA THR A 34 -7.86 0.35 12.16
C THR A 34 -8.95 -0.19 11.19
N VAL A 35 -8.50 -0.69 10.03
CA VAL A 35 -9.39 -1.22 8.97
C VAL A 35 -10.13 -2.49 9.46
N GLN A 36 -9.40 -3.33 10.23
CA GLN A 36 -9.92 -4.58 10.79
C GLN A 36 -11.00 -4.33 11.86
N GLU A 37 -10.87 -3.21 12.61
CA GLU A 37 -11.89 -2.78 13.61
C GLU A 37 -13.19 -2.38 12.91
N ASP A 38 -13.08 -1.85 11.67
CA ASP A 38 -14.24 -1.48 10.85
C ASP A 38 -14.84 -2.73 10.15
N GLY A 39 -14.00 -3.76 9.99
CA GLY A 39 -14.44 -5.04 9.42
C GLY A 39 -13.91 -5.27 8.02
N GLY A 40 -12.67 -4.81 7.79
CA GLY A 40 -11.94 -5.04 6.54
C GLY A 40 -10.48 -5.37 6.79
N ASP A 41 -9.62 -5.05 5.81
CA ASP A 41 -8.15 -5.18 5.92
C ASP A 41 -7.49 -4.63 4.64
N VAL A 42 -6.17 -4.36 4.70
CA VAL A 42 -5.36 -3.93 3.55
C VAL A 42 -4.24 -4.96 3.33
N ILE A 43 -4.21 -5.54 2.12
CA ILE A 43 -3.19 -6.51 1.71
C ILE A 43 -2.20 -5.80 0.78
N TYR A 44 -0.92 -5.76 1.19
CA TYR A 44 0.14 -5.12 0.41
C TYR A 44 0.42 -5.92 -0.88
N LYS A 45 0.02 -5.35 -2.02
CA LYS A 45 0.21 -5.95 -3.35
C LYS A 45 1.57 -5.55 -3.94
N GLY A 46 2.01 -4.32 -3.68
CA GLY A 46 3.34 -3.87 -4.10
C GLY A 46 3.53 -2.36 -4.07
N PHE A 47 4.67 -1.93 -4.61
CA PHE A 47 5.03 -0.52 -4.78
C PHE A 47 5.73 -0.42 -6.13
N GLU A 48 5.09 0.24 -7.12
CA GLU A 48 5.54 0.25 -8.50
C GLU A 48 5.26 1.62 -9.12
N ASP A 49 6.33 2.28 -9.63
CA ASP A 49 6.27 3.60 -10.31
C ASP A 49 5.83 4.72 -9.32
N GLY A 50 6.07 4.48 -8.02
CA GLY A 50 5.66 5.41 -6.96
C GLY A 50 4.22 5.19 -6.49
N ILE A 51 3.58 4.12 -7.00
CA ILE A 51 2.20 3.77 -6.67
C ILE A 51 2.17 2.57 -5.72
N VAL A 52 1.72 2.77 -4.49
CA VAL A 52 1.53 1.70 -3.51
C VAL A 52 0.20 0.99 -3.82
N GLN A 53 0.29 -0.20 -4.38
CA GLN A 53 -0.86 -0.99 -4.78
C GLN A 53 -1.32 -1.85 -3.59
N LEU A 54 -2.59 -1.66 -3.18
CA LEU A 54 -3.19 -2.33 -2.01
C LEU A 54 -4.54 -2.93 -2.40
N LYS A 55 -4.79 -4.14 -1.91
CA LYS A 55 -6.10 -4.80 -2.03
C LYS A 55 -6.93 -4.44 -0.80
N LEU A 56 -8.12 -3.84 -1.00
CA LEU A 56 -9.01 -3.46 0.11
C LEU A 56 -10.08 -4.56 0.30
N GLN A 57 -10.35 -4.88 1.58
CA GLN A 57 -11.41 -5.84 1.97
C GLN A 57 -12.70 -5.08 2.34
N GLY A 58 -13.77 -5.86 2.64
CA GLY A 58 -15.13 -5.35 2.85
C GLY A 58 -15.29 -4.27 3.91
N SER A 59 -16.51 -3.70 3.98
CA SER A 59 -16.88 -2.54 4.81
C SER A 59 -16.23 -1.24 4.27
N CYS A 60 -14.89 -1.20 4.27
CA CYS A 60 -14.10 -0.10 3.70
C CYS A 60 -14.29 0.01 2.17
N THR A 61 -14.29 -1.14 1.46
CA THR A 61 -14.46 -1.18 -0.01
C THR A 61 -15.97 -1.19 -0.39
N SER A 62 -16.83 -1.51 0.59
CA SER A 62 -18.29 -1.58 0.38
C SER A 62 -18.89 -0.18 0.17
N CYS A 63 -18.40 0.80 0.97
CA CYS A 63 -18.82 2.21 0.86
C CYS A 63 -17.80 2.99 0.01
N PRO A 64 -18.24 3.63 -1.13
CA PRO A 64 -17.34 4.40 -2.05
C PRO A 64 -16.58 5.54 -1.35
N SER A 65 -17.25 6.20 -0.38
CA SER A 65 -16.66 7.29 0.42
C SER A 65 -15.49 6.76 1.27
N SER A 66 -15.69 5.57 1.87
CA SER A 66 -14.72 4.91 2.75
C SER A 66 -13.49 4.44 1.96
N ILE A 67 -13.68 4.09 0.66
CA ILE A 67 -12.55 3.77 -0.25
C ILE A 67 -11.61 4.96 -0.39
N ILE A 68 -12.21 6.14 -0.69
CA ILE A 68 -11.45 7.38 -0.94
C ILE A 68 -10.73 7.84 0.34
N THR A 69 -11.47 7.79 1.48
CA THR A 69 -10.96 8.21 2.79
C THR A 69 -9.78 7.34 3.24
N LEU A 70 -9.94 6.00 3.08
CA LEU A 70 -8.91 5.03 3.48
C LEU A 70 -7.66 5.20 2.60
N LYS A 71 -7.86 5.22 1.27
CA LYS A 71 -6.79 5.35 0.27
C LYS A 71 -5.95 6.63 0.52
N ASN A 72 -6.65 7.73 0.80
CA ASN A 72 -6.02 9.05 1.07
C ASN A 72 -5.29 9.06 2.42
N GLY A 73 -5.87 8.40 3.43
CA GLY A 73 -5.25 8.32 4.77
C GLY A 73 -3.93 7.56 4.75
N ILE A 74 -3.96 6.39 4.07
CA ILE A 74 -2.78 5.55 3.85
C ILE A 74 -1.74 6.32 3.04
N GLN A 75 -2.21 6.97 1.96
CA GLN A 75 -1.36 7.72 1.01
C GLN A 75 -0.56 8.80 1.74
N ASN A 76 -1.26 9.68 2.46
CA ASN A 76 -0.65 10.83 3.17
C ASN A 76 0.33 10.36 4.26
N MET A 77 -0.03 9.25 4.94
CA MET A 77 0.83 8.63 5.98
C MET A 77 2.17 8.14 5.37
N LEU A 78 2.05 7.41 4.24
CA LEU A 78 3.21 6.85 3.51
C LEU A 78 4.06 7.97 2.90
N GLN A 79 3.41 9.03 2.39
CA GLN A 79 4.09 10.18 1.74
C GLN A 79 4.91 10.98 2.75
N PHE A 80 4.43 10.99 4.01
CA PHE A 80 5.09 11.72 5.11
C PHE A 80 6.52 11.18 5.35
N TYR A 81 6.63 9.84 5.41
CA TYR A 81 7.91 9.14 5.65
C TYR A 81 8.66 8.86 4.33
N ILE A 82 7.88 8.68 3.25
CA ILE A 82 8.36 8.19 1.95
C ILE A 82 7.81 9.11 0.83
N PRO A 83 8.59 10.16 0.40
CA PRO A 83 8.17 11.06 -0.71
C PRO A 83 8.22 10.37 -2.10
N GLU A 84 8.68 9.11 -2.13
CA GLU A 84 8.67 8.24 -3.34
C GLU A 84 7.22 7.85 -3.68
N VAL A 85 6.36 7.77 -2.64
CA VAL A 85 4.93 7.53 -2.80
C VAL A 85 4.27 8.78 -3.41
N GLU A 86 3.91 8.68 -4.69
CA GLU A 86 3.14 9.71 -5.39
C GLU A 86 1.65 9.39 -5.29
N GLY A 87 1.32 8.09 -5.27
CA GLY A 87 -0.06 7.63 -5.24
C GLY A 87 -0.22 6.28 -4.57
N VAL A 88 -1.49 5.93 -4.29
CA VAL A 88 -1.92 4.63 -3.75
C VAL A 88 -3.13 4.18 -4.60
N GLU A 89 -3.16 2.89 -4.98
CA GLU A 89 -4.14 2.35 -5.93
C GLU A 89 -4.88 1.16 -5.31
N GLN A 90 -6.23 1.19 -5.41
CA GLN A 90 -7.08 0.08 -4.96
C GLN A 90 -7.15 -0.96 -6.09
N VAL A 91 -6.51 -2.10 -5.89
CA VAL A 91 -6.53 -3.24 -6.82
C VAL A 91 -7.28 -4.41 -6.18
N MET A 92 -8.49 -4.72 -6.70
CA MET A 92 -9.28 -5.89 -6.26
C MET A 92 -8.66 -7.15 -6.90
N ASP A 93 -7.63 -7.69 -6.23
CA ASP A 93 -6.84 -8.81 -6.74
C ASP A 93 -7.33 -10.09 -6.09
N ASP A 94 -8.28 -10.76 -6.76
CA ASP A 94 -8.85 -12.03 -6.28
C ASP A 94 -9.45 -12.78 -7.47
N GLU A 95 -8.85 -13.93 -7.80
CA GLU A 95 -9.14 -14.68 -9.04
C GLU A 95 -10.44 -15.53 -8.96
N SER A 96 -11.26 -15.32 -7.90
CA SER A 96 -12.61 -15.93 -7.83
C SER A 96 -13.57 -15.25 -8.81
N ASP A 97 -13.30 -13.96 -9.09
CA ASP A 97 -14.01 -13.18 -10.12
C ASP A 97 -13.46 -13.57 -11.51
N MET A 1 40.13 10.05 -6.18
CA MET A 1 39.98 11.18 -5.25
C MET A 1 38.85 10.86 -4.27
N GLY A 2 39.21 10.56 -3.00
CA GLY A 2 38.25 10.30 -1.95
C GLY A 2 37.61 11.58 -1.42
N HIS A 3 36.40 11.88 -1.90
CA HIS A 3 35.59 13.01 -1.41
C HIS A 3 35.03 12.65 -0.02
N HIS A 4 35.55 13.33 1.02
CA HIS A 4 35.32 12.97 2.44
C HIS A 4 33.83 13.11 2.85
N HIS A 5 33.12 14.12 2.31
CA HIS A 5 31.68 14.32 2.61
C HIS A 5 30.82 13.62 1.53
N HIS A 6 30.62 14.32 0.38
CA HIS A 6 29.72 13.88 -0.70
C HIS A 6 30.49 13.03 -1.72
N HIS A 7 30.15 11.74 -1.80
CA HIS A 7 30.68 10.82 -2.81
C HIS A 7 29.64 9.72 -3.06
N HIS A 8 29.35 9.44 -4.35
CA HIS A 8 28.39 8.40 -4.72
C HIS A 8 29.02 7.02 -4.52
N SER A 9 28.53 6.28 -3.51
CA SER A 9 28.95 4.90 -3.27
C SER A 9 28.25 3.96 -4.27
N HIS A 10 26.98 4.28 -4.56
CA HIS A 10 26.13 3.58 -5.52
C HIS A 10 25.30 4.61 -6.29
N MET A 11 25.75 4.95 -7.51
CA MET A 11 25.01 5.82 -8.43
C MET A 11 23.88 5.00 -9.07
N GLY A 12 22.77 4.90 -8.32
CA GLY A 12 21.58 4.14 -8.72
C GLY A 12 20.37 4.59 -7.91
N SER A 13 19.17 4.17 -8.33
CA SER A 13 17.92 4.73 -7.81
C SER A 13 16.77 3.68 -7.86
N GLU A 14 17.13 2.39 -7.77
CA GLU A 14 16.14 1.27 -7.86
C GLU A 14 15.19 1.31 -6.65
N GLU A 15 13.91 0.93 -6.87
CA GLU A 15 12.89 0.84 -5.81
C GLU A 15 13.24 -0.33 -4.85
N ASP A 16 14.18 -0.05 -3.94
CA ASP A 16 14.83 -1.07 -3.09
C ASP A 16 13.89 -1.55 -1.98
N ASP A 17 14.30 -2.67 -1.36
CA ASP A 17 13.54 -3.37 -0.31
C ASP A 17 13.40 -2.53 0.97
N GLY A 18 14.21 -1.45 1.09
CA GLY A 18 14.10 -0.50 2.21
C GLY A 18 12.77 0.24 2.19
N VAL A 19 12.38 0.72 0.98
CA VAL A 19 11.09 1.39 0.75
C VAL A 19 9.93 0.40 0.97
N VAL A 20 10.03 -0.76 0.30
CA VAL A 20 8.97 -1.79 0.26
C VAL A 20 8.66 -2.32 1.69
N ALA A 21 9.72 -2.58 2.47
CA ALA A 21 9.64 -3.15 3.83
C ALA A 21 8.98 -2.15 4.80
N MET A 22 9.39 -0.86 4.72
CA MET A 22 8.86 0.17 5.65
C MET A 22 7.39 0.49 5.31
N ILE A 23 6.99 0.35 4.02
CA ILE A 23 5.56 0.48 3.63
C ILE A 23 4.75 -0.65 4.30
N LYS A 24 5.28 -1.91 4.19
CA LYS A 24 4.63 -3.11 4.77
C LYS A 24 4.31 -2.92 6.26
N GLU A 25 5.31 -2.43 7.03
CA GLU A 25 5.20 -2.31 8.49
C GLU A 25 4.27 -1.14 8.86
N LEU A 26 4.37 0.02 8.12
CA LEU A 26 3.53 1.22 8.39
C LEU A 26 2.04 0.88 8.23
N LEU A 27 1.74 0.03 7.25
CA LEU A 27 0.38 -0.50 7.04
C LEU A 27 0.02 -1.47 8.18
N ASP A 28 0.89 -2.46 8.41
CA ASP A 28 0.61 -3.60 9.31
C ASP A 28 0.46 -3.19 10.79
N THR A 29 1.07 -2.06 11.15
CA THR A 29 1.05 -1.53 12.54
C THR A 29 -0.05 -0.47 12.74
N ARG A 30 -0.24 0.42 11.74
CA ARG A 30 -1.14 1.58 11.86
C ARG A 30 -2.50 1.31 11.22
N ILE A 31 -2.49 0.91 9.93
CA ILE A 31 -3.69 0.90 9.09
C ILE A 31 -4.47 -0.42 9.25
N ARG A 32 -3.80 -1.57 8.94
CA ARG A 32 -4.43 -2.92 8.96
C ARG A 32 -5.23 -3.18 10.26
N PRO A 33 -4.64 -2.99 11.53
CA PRO A 33 -5.40 -3.20 12.80
C PRO A 33 -6.70 -2.38 12.87
N THR A 34 -6.63 -1.10 12.45
CA THR A 34 -7.77 -0.17 12.43
C THR A 34 -8.90 -0.70 11.52
N VAL A 35 -8.50 -1.13 10.31
CA VAL A 35 -9.43 -1.61 9.28
C VAL A 35 -10.01 -3.00 9.67
N GLN A 36 -9.19 -3.82 10.37
CA GLN A 36 -9.60 -5.15 10.89
C GLN A 36 -10.66 -5.00 11.99
N GLU A 37 -10.49 -3.96 12.84
CA GLU A 37 -11.47 -3.61 13.89
C GLU A 37 -12.76 -3.04 13.27
N ASP A 38 -12.62 -2.42 12.08
CA ASP A 38 -13.75 -1.89 11.29
C ASP A 38 -14.49 -3.03 10.54
N GLY A 39 -13.79 -4.15 10.32
CA GLY A 39 -14.40 -5.36 9.71
C GLY A 39 -13.87 -5.67 8.32
N GLY A 40 -12.81 -4.95 7.90
CA GLY A 40 -12.09 -5.23 6.65
C GLY A 40 -10.62 -5.55 6.90
N ASP A 41 -9.75 -5.11 5.97
CA ASP A 41 -8.28 -5.24 6.04
C ASP A 41 -7.65 -4.61 4.77
N VAL A 42 -6.35 -4.28 4.83
CA VAL A 42 -5.58 -3.78 3.66
C VAL A 42 -4.33 -4.69 3.48
N ILE A 43 -4.24 -5.38 2.33
CA ILE A 43 -3.16 -6.33 2.05
C ILE A 43 -2.20 -5.68 1.03
N TYR A 44 -0.92 -5.53 1.42
CA TYR A 44 0.11 -4.95 0.56
C TYR A 44 0.36 -5.89 -0.64
N LYS A 45 -0.06 -5.46 -1.84
CA LYS A 45 0.10 -6.24 -3.09
C LYS A 45 1.42 -5.88 -3.76
N GLY A 46 1.80 -4.59 -3.71
CA GLY A 46 3.07 -4.15 -4.27
C GLY A 46 3.23 -2.64 -4.32
N PHE A 47 4.31 -2.22 -4.99
CA PHE A 47 4.66 -0.81 -5.23
C PHE A 47 5.29 -0.75 -6.62
N GLU A 48 4.60 -0.14 -7.58
CA GLU A 48 5.06 0.00 -8.97
C GLU A 48 5.04 1.48 -9.34
N ASP A 49 6.16 1.95 -9.97
CA ASP A 49 6.37 3.35 -10.38
C ASP A 49 6.51 4.26 -9.13
N GLY A 50 5.35 4.64 -8.55
CA GLY A 50 5.28 5.41 -7.30
C GLY A 50 3.93 5.21 -6.61
N ILE A 51 3.23 4.16 -7.04
CA ILE A 51 1.87 3.87 -6.59
C ILE A 51 1.90 2.64 -5.68
N VAL A 52 1.53 2.84 -4.41
CA VAL A 52 1.41 1.77 -3.42
C VAL A 52 0.08 1.04 -3.67
N GLN A 53 0.18 -0.13 -4.28
CA GLN A 53 -0.98 -0.92 -4.70
C GLN A 53 -1.43 -1.84 -3.56
N LEU A 54 -2.65 -1.57 -3.06
CA LEU A 54 -3.22 -2.24 -1.88
C LEU A 54 -4.54 -2.91 -2.25
N LYS A 55 -4.73 -4.11 -1.71
CA LYS A 55 -5.97 -4.87 -1.80
C LYS A 55 -6.88 -4.47 -0.62
N LEU A 56 -8.02 -3.83 -0.92
CA LEU A 56 -8.95 -3.38 0.15
C LEU A 56 -10.06 -4.45 0.33
N GLN A 57 -10.36 -4.78 1.59
CA GLN A 57 -11.41 -5.75 1.96
C GLN A 57 -12.73 -5.02 2.27
N GLY A 58 -13.81 -5.82 2.50
CA GLY A 58 -15.18 -5.32 2.74
C GLY A 58 -15.30 -4.39 3.94
N SER A 59 -16.51 -3.81 4.12
CA SER A 59 -16.84 -2.81 5.17
C SER A 59 -16.29 -1.41 4.81
N CYS A 60 -14.96 -1.33 4.55
CA CYS A 60 -14.30 -0.09 4.11
C CYS A 60 -14.52 0.17 2.60
N THR A 61 -14.73 -0.90 1.82
CA THR A 61 -15.02 -0.80 0.37
C THR A 61 -16.49 -0.40 0.13
N SER A 62 -17.34 -0.59 1.16
CA SER A 62 -18.75 -0.17 1.12
C SER A 62 -18.84 1.35 0.94
N CYS A 63 -19.50 1.76 -0.18
CA CYS A 63 -19.60 3.17 -0.64
C CYS A 63 -18.22 3.72 -1.10
N PRO A 64 -18.10 4.20 -2.39
CA PRO A 64 -16.85 4.81 -2.95
C PRO A 64 -16.25 5.93 -2.07
N SER A 65 -17.11 6.59 -1.28
CA SER A 65 -16.72 7.66 -0.33
C SER A 65 -15.66 7.14 0.67
N SER A 66 -15.93 5.95 1.25
CA SER A 66 -15.04 5.33 2.26
C SER A 66 -13.75 4.78 1.62
N ILE A 67 -13.83 4.40 0.33
CA ILE A 67 -12.66 3.98 -0.48
C ILE A 67 -11.69 5.18 -0.68
N ILE A 68 -12.27 6.37 -0.98
CA ILE A 68 -11.51 7.62 -1.15
C ILE A 68 -10.82 8.01 0.16
N THR A 69 -11.58 7.92 1.27
CA THR A 69 -11.10 8.25 2.63
C THR A 69 -9.95 7.31 3.07
N LEU A 70 -10.10 6.01 2.74
CA LEU A 70 -9.09 4.98 3.08
C LEU A 70 -7.81 5.23 2.26
N LYS A 71 -7.97 5.44 0.93
CA LYS A 71 -6.86 5.78 0.00
C LYS A 71 -6.09 7.02 0.49
N ASN A 72 -6.87 8.06 0.86
CA ASN A 72 -6.38 9.42 1.14
C ASN A 72 -5.52 9.46 2.42
N GLY A 73 -6.05 8.85 3.51
CA GLY A 73 -5.35 8.79 4.80
C GLY A 73 -4.05 7.98 4.73
N ILE A 74 -4.13 6.79 4.10
CA ILE A 74 -2.98 5.90 3.85
C ILE A 74 -1.91 6.63 3.00
N GLN A 75 -2.38 7.35 1.97
CA GLN A 75 -1.53 8.06 1.01
C GLN A 75 -0.73 9.15 1.72
N ASN A 76 -1.43 10.00 2.50
CA ASN A 76 -0.81 11.10 3.28
C ASN A 76 0.23 10.55 4.27
N MET A 77 -0.05 9.37 4.86
CA MET A 77 0.85 8.70 5.81
C MET A 77 2.16 8.29 5.09
N LEU A 78 2.01 7.49 4.02
CA LEU A 78 3.12 6.92 3.26
C LEU A 78 3.94 8.00 2.52
N GLN A 79 3.28 9.13 2.16
CA GLN A 79 3.95 10.27 1.50
C GLN A 79 4.76 11.08 2.52
N PHE A 80 4.24 11.17 3.76
CA PHE A 80 4.86 11.91 4.87
C PHE A 80 6.23 11.29 5.19
N TYR A 81 6.25 9.97 5.36
CA TYR A 81 7.45 9.20 5.72
C TYR A 81 8.36 8.95 4.49
N ILE A 82 7.75 8.72 3.31
CA ILE A 82 8.45 8.24 2.09
C ILE A 82 8.15 9.17 0.88
N PRO A 83 9.18 9.90 0.33
CA PRO A 83 9.01 10.76 -0.88
C PRO A 83 8.81 9.96 -2.19
N GLU A 84 9.01 8.63 -2.14
CA GLU A 84 8.87 7.74 -3.31
C GLU A 84 7.39 7.48 -3.64
N VAL A 85 6.54 7.54 -2.59
CA VAL A 85 5.09 7.34 -2.73
C VAL A 85 4.44 8.57 -3.39
N GLU A 86 4.18 8.45 -4.70
CA GLU A 86 3.43 9.46 -5.47
C GLU A 86 1.92 9.34 -5.19
N GLY A 87 1.45 8.09 -4.96
CA GLY A 87 0.04 7.81 -4.70
C GLY A 87 -0.20 6.42 -4.16
N VAL A 88 -1.49 6.10 -3.89
CA VAL A 88 -1.95 4.79 -3.39
C VAL A 88 -3.18 4.36 -4.22
N GLU A 89 -3.22 3.08 -4.63
CA GLU A 89 -4.30 2.54 -5.46
C GLU A 89 -4.98 1.36 -4.76
N GLN A 90 -6.26 1.13 -5.11
CA GLN A 90 -6.99 -0.10 -4.77
C GLN A 90 -6.88 -1.06 -5.96
N VAL A 91 -6.09 -2.13 -5.79
CA VAL A 91 -6.05 -3.26 -6.72
C VAL A 91 -6.85 -4.42 -6.11
N MET A 92 -8.00 -4.71 -6.73
CA MET A 92 -8.94 -5.74 -6.25
C MET A 92 -8.47 -7.12 -6.69
N ASP A 93 -7.62 -7.71 -5.84
CA ASP A 93 -7.18 -9.11 -5.95
C ASP A 93 -8.27 -10.01 -5.32
N ASP A 94 -9.44 -10.06 -5.98
CA ASP A 94 -10.59 -10.83 -5.49
C ASP A 94 -10.57 -12.23 -6.15
N GLU A 95 -10.63 -13.26 -5.30
CA GLU A 95 -10.67 -14.67 -5.75
C GLU A 95 -12.02 -14.96 -6.40
N SER A 96 -13.07 -14.35 -5.82
CA SER A 96 -14.44 -14.42 -6.32
C SER A 96 -15.13 -13.05 -6.12
N ASP A 97 -16.13 -12.74 -6.96
CA ASP A 97 -16.93 -11.50 -6.89
C ASP A 97 -18.43 -11.85 -6.76
N MET A 1 -1.46 -5.85 -27.91
CA MET A 1 -2.30 -5.42 -26.78
C MET A 1 -2.57 -6.60 -25.82
N GLY A 2 -2.91 -6.28 -24.57
CA GLY A 2 -3.18 -7.28 -23.55
C GLY A 2 -3.38 -6.61 -22.21
N HIS A 3 -4.53 -6.86 -21.57
CA HIS A 3 -4.93 -6.20 -20.32
C HIS A 3 -4.11 -6.73 -19.13
N HIS A 4 -2.99 -6.04 -18.82
CA HIS A 4 -2.09 -6.41 -17.71
C HIS A 4 -2.17 -5.37 -16.58
N HIS A 5 -3.02 -5.66 -15.58
CA HIS A 5 -3.30 -4.74 -14.45
C HIS A 5 -3.55 -5.54 -13.16
N HIS A 6 -2.75 -6.61 -12.99
CA HIS A 6 -2.82 -7.51 -11.82
C HIS A 6 -1.41 -7.68 -11.21
N HIS A 7 -0.42 -7.77 -12.11
CA HIS A 7 1.00 -7.92 -11.75
C HIS A 7 1.87 -7.43 -12.91
N HIS A 8 2.61 -6.34 -12.70
CA HIS A 8 3.54 -5.81 -13.71
C HIS A 8 4.93 -6.43 -13.51
N SER A 9 5.54 -6.81 -14.65
CA SER A 9 6.88 -7.41 -14.72
C SER A 9 7.53 -6.96 -16.04
N HIS A 10 8.88 -6.89 -16.04
CA HIS A 10 9.68 -6.36 -17.18
C HIS A 10 9.30 -4.89 -17.42
N MET A 11 9.63 -4.07 -16.42
CA MET A 11 9.26 -2.64 -16.37
C MET A 11 10.44 -1.83 -15.82
N GLY A 12 10.34 -0.49 -15.92
CA GLY A 12 11.36 0.41 -15.36
C GLY A 12 11.24 0.57 -13.86
N SER A 13 10.05 0.22 -13.32
CA SER A 13 9.76 0.27 -11.88
C SER A 13 10.48 -0.89 -11.16
N GLU A 14 11.43 -0.52 -10.30
CA GLU A 14 12.21 -1.46 -9.49
C GLU A 14 12.84 -0.71 -8.30
N GLU A 15 12.06 0.25 -7.77
CA GLU A 15 12.41 1.04 -6.57
C GLU A 15 12.71 0.12 -5.35
N ASP A 16 13.55 0.62 -4.44
CA ASP A 16 14.22 -0.18 -3.39
C ASP A 16 13.26 -1.04 -2.54
N ASP A 17 13.72 -2.26 -2.22
CA ASP A 17 12.96 -3.26 -1.42
C ASP A 17 12.89 -2.84 0.05
N GLY A 18 13.79 -1.93 0.47
CA GLY A 18 13.76 -1.37 1.82
C GLY A 18 12.58 -0.44 2.04
N VAL A 19 12.20 0.29 0.97
CA VAL A 19 10.99 1.12 0.95
C VAL A 19 9.74 0.23 1.08
N VAL A 20 9.72 -0.84 0.26
CA VAL A 20 8.68 -1.88 0.28
C VAL A 20 8.50 -2.43 1.71
N ALA A 21 9.65 -2.75 2.36
CA ALA A 21 9.70 -3.30 3.72
C ALA A 21 9.05 -2.35 4.76
N MET A 22 9.37 -1.04 4.70
CA MET A 22 8.83 -0.07 5.66
C MET A 22 7.34 0.24 5.40
N ILE A 23 6.89 0.12 4.13
CA ILE A 23 5.45 0.26 3.77
C ILE A 23 4.65 -0.87 4.45
N LYS A 24 5.23 -2.10 4.41
CA LYS A 24 4.62 -3.30 5.00
C LYS A 24 4.26 -3.07 6.48
N GLU A 25 5.21 -2.47 7.24
CA GLU A 25 5.03 -2.25 8.69
C GLU A 25 4.09 -1.05 8.94
N LEU A 26 4.25 0.06 8.17
CA LEU A 26 3.40 1.28 8.33
C LEU A 26 1.91 0.93 8.14
N LEU A 27 1.63 -0.10 7.32
CA LEU A 27 0.29 -0.66 7.17
C LEU A 27 -0.03 -1.58 8.36
N ASP A 28 0.81 -2.60 8.56
CA ASP A 28 0.54 -3.72 9.49
C ASP A 28 0.39 -3.28 10.95
N THR A 29 1.11 -2.22 11.32
CA THR A 29 1.17 -1.71 12.70
C THR A 29 0.10 -0.63 12.94
N ARG A 30 -0.09 0.27 11.95
CA ARG A 30 -0.95 1.47 12.11
C ARG A 30 -2.33 1.26 11.46
N ILE A 31 -2.32 0.90 10.16
CA ILE A 31 -3.53 0.94 9.32
C ILE A 31 -4.38 -0.34 9.46
N ARG A 32 -3.76 -1.52 9.20
CA ARG A 32 -4.47 -2.83 9.23
C ARG A 32 -5.33 -3.01 10.50
N PRO A 33 -4.77 -2.81 11.78
CA PRO A 33 -5.59 -2.91 13.03
C PRO A 33 -6.86 -2.04 12.97
N THR A 34 -6.72 -0.80 12.47
CA THR A 34 -7.79 0.20 12.36
C THR A 34 -8.93 -0.29 11.42
N VAL A 35 -8.53 -0.75 10.23
CA VAL A 35 -9.48 -1.19 9.19
C VAL A 35 -10.19 -2.50 9.62
N GLN A 36 -9.47 -3.34 10.39
CA GLN A 36 -10.00 -4.60 10.95
C GLN A 36 -11.04 -4.32 12.06
N GLU A 37 -10.89 -3.18 12.77
CA GLU A 37 -11.91 -2.69 13.73
C GLU A 37 -13.17 -2.24 12.97
N ASP A 38 -12.96 -1.69 11.76
CA ASP A 38 -14.03 -1.22 10.88
C ASP A 38 -14.68 -2.41 10.12
N GLY A 39 -13.95 -3.55 10.06
CA GLY A 39 -14.47 -4.80 9.48
C GLY A 39 -13.60 -5.36 8.36
N GLY A 40 -12.96 -4.46 7.59
CA GLY A 40 -12.15 -4.84 6.41
C GLY A 40 -10.69 -5.04 6.73
N ASP A 41 -9.81 -4.78 5.75
CA ASP A 41 -8.36 -4.94 5.88
C ASP A 41 -7.66 -4.32 4.66
N VAL A 42 -6.37 -4.00 4.83
CA VAL A 42 -5.50 -3.52 3.75
C VAL A 42 -4.34 -4.52 3.55
N ILE A 43 -4.25 -5.09 2.35
CA ILE A 43 -3.24 -6.09 2.01
C ILE A 43 -2.24 -5.45 1.04
N TYR A 44 -0.94 -5.41 1.43
CA TYR A 44 0.11 -4.87 0.57
C TYR A 44 0.32 -5.80 -0.65
N LYS A 45 0.17 -5.24 -1.87
CA LYS A 45 0.32 -6.00 -3.13
C LYS A 45 1.56 -5.56 -3.92
N GLY A 46 1.89 -4.26 -3.90
CA GLY A 46 3.08 -3.78 -4.60
C GLY A 46 3.33 -2.31 -4.41
N PHE A 47 4.43 -1.86 -5.03
CA PHE A 47 4.84 -0.45 -5.07
C PHE A 47 5.66 -0.27 -6.36
N GLU A 48 5.09 0.45 -7.31
CA GLU A 48 5.67 0.62 -8.66
C GLU A 48 5.22 1.97 -9.26
N ASP A 49 6.20 2.71 -9.83
CA ASP A 49 5.99 4.07 -10.43
C ASP A 49 5.67 5.11 -9.33
N GLY A 50 6.01 4.78 -8.07
CA GLY A 50 5.63 5.61 -6.93
C GLY A 50 4.22 5.34 -6.44
N ILE A 51 3.54 4.35 -7.04
CA ILE A 51 2.15 4.01 -6.73
C ILE A 51 2.12 2.77 -5.85
N VAL A 52 1.71 2.95 -4.57
CA VAL A 52 1.56 1.84 -3.63
C VAL A 52 0.22 1.16 -3.91
N GLN A 53 0.29 -0.04 -4.48
CA GLN A 53 -0.89 -0.79 -4.87
C GLN A 53 -1.33 -1.69 -3.71
N LEU A 54 -2.50 -1.36 -3.13
CA LEU A 54 -3.06 -2.03 -1.94
C LEU A 54 -4.44 -2.61 -2.24
N LYS A 55 -4.68 -3.82 -1.77
CA LYS A 55 -6.00 -4.46 -1.87
C LYS A 55 -6.83 -4.07 -0.65
N LEU A 56 -8.09 -3.66 -0.86
CA LEU A 56 -9.04 -3.34 0.23
C LEU A 56 -10.07 -4.47 0.36
N GLN A 57 -10.49 -4.79 1.60
CA GLN A 57 -11.46 -5.87 1.89
C GLN A 57 -12.89 -5.33 2.08
N GLY A 58 -13.85 -6.27 2.19
CA GLY A 58 -15.27 -5.99 2.38
C GLY A 58 -15.57 -5.15 3.61
N SER A 59 -16.79 -4.58 3.65
CA SER A 59 -17.23 -3.60 4.68
C SER A 59 -16.65 -2.20 4.36
N CYS A 60 -15.33 -2.13 4.13
CA CYS A 60 -14.65 -0.91 3.64
C CYS A 60 -15.02 -0.64 2.18
N THR A 61 -15.05 -1.71 1.37
CA THR A 61 -15.42 -1.64 -0.05
C THR A 61 -16.95 -1.51 -0.25
N SER A 62 -17.73 -1.90 0.78
CA SER A 62 -19.21 -1.86 0.74
C SER A 62 -19.72 -0.42 0.54
N CYS A 63 -19.05 0.55 1.19
CA CYS A 63 -19.37 1.98 1.06
C CYS A 63 -18.23 2.69 0.30
N PRO A 64 -18.56 3.38 -0.85
CA PRO A 64 -17.54 3.90 -1.80
C PRO A 64 -16.70 5.07 -1.25
N SER A 65 -17.29 5.87 -0.33
CA SER A 65 -16.58 7.00 0.31
C SER A 65 -15.49 6.48 1.26
N SER A 66 -15.77 5.34 1.94
CA SER A 66 -14.83 4.69 2.87
C SER A 66 -13.58 4.18 2.14
N ILE A 67 -13.78 3.69 0.89
CA ILE A 67 -12.69 3.25 -0.01
C ILE A 67 -11.68 4.40 -0.22
N ILE A 68 -12.23 5.56 -0.62
CA ILE A 68 -11.45 6.73 -1.03
C ILE A 68 -10.76 7.38 0.19
N THR A 69 -11.54 7.57 1.29
CA THR A 69 -11.04 8.20 2.54
C THR A 69 -9.87 7.39 3.15
N LEU A 70 -10.03 6.05 3.15
CA LEU A 70 -9.02 5.12 3.67
C LEU A 70 -7.73 5.23 2.84
N LYS A 71 -7.89 5.05 1.51
CA LYS A 71 -6.79 5.09 0.53
C LYS A 71 -6.03 6.44 0.60
N ASN A 72 -6.78 7.54 0.82
CA ASN A 72 -6.21 8.91 0.94
C ASN A 72 -5.42 9.07 2.24
N GLY A 73 -5.98 8.54 3.35
CA GLY A 73 -5.33 8.60 4.65
C GLY A 73 -3.98 7.86 4.66
N ILE A 74 -4.00 6.66 4.05
CA ILE A 74 -2.81 5.83 3.84
C ILE A 74 -1.82 6.54 2.90
N GLN A 75 -2.37 7.16 1.84
CA GLN A 75 -1.58 7.87 0.81
C GLN A 75 -0.77 8.99 1.44
N ASN A 76 -1.46 9.84 2.21
CA ASN A 76 -0.86 11.00 2.88
C ASN A 76 0.15 10.55 3.95
N MET A 77 -0.11 9.38 4.59
CA MET A 77 0.82 8.77 5.58
C MET A 77 2.13 8.32 4.90
N LEU A 78 1.99 7.56 3.81
CA LEU A 78 3.12 6.98 3.07
C LEU A 78 3.94 8.07 2.35
N GLN A 79 3.27 9.16 1.92
CA GLN A 79 3.96 10.32 1.29
C GLN A 79 4.65 11.20 2.35
N PHE A 80 4.14 11.12 3.59
CA PHE A 80 4.66 11.88 4.74
C PHE A 80 5.99 11.28 5.22
N TYR A 81 6.05 9.94 5.33
CA TYR A 81 7.27 9.22 5.74
C TYR A 81 8.24 9.03 4.56
N ILE A 82 7.68 8.63 3.41
CA ILE A 82 8.46 8.19 2.24
C ILE A 82 8.28 9.19 1.08
N PRO A 83 9.41 9.79 0.56
CA PRO A 83 9.37 10.67 -0.64
C PRO A 83 9.03 9.92 -1.94
N GLU A 84 9.32 8.61 -2.00
CA GLU A 84 9.14 7.78 -3.21
C GLU A 84 7.66 7.58 -3.57
N VAL A 85 6.80 7.54 -2.54
CA VAL A 85 5.36 7.39 -2.72
C VAL A 85 4.78 8.67 -3.35
N GLU A 86 4.48 8.58 -4.64
CA GLU A 86 3.84 9.65 -5.42
C GLU A 86 2.29 9.50 -5.40
N GLY A 87 1.83 8.29 -5.10
CA GLY A 87 0.40 8.00 -5.00
C GLY A 87 0.13 6.61 -4.45
N VAL A 88 -1.16 6.29 -4.27
CA VAL A 88 -1.65 4.98 -3.79
C VAL A 88 -2.93 4.65 -4.58
N GLU A 89 -3.07 3.38 -4.99
CA GLU A 89 -4.24 2.92 -5.77
C GLU A 89 -4.82 1.65 -5.12
N GLN A 90 -6.15 1.50 -5.21
CA GLN A 90 -6.84 0.28 -4.78
C GLN A 90 -6.78 -0.74 -5.93
N VAL A 91 -6.10 -1.85 -5.70
CA VAL A 91 -6.02 -2.98 -6.64
C VAL A 91 -6.76 -4.19 -6.05
N MET A 92 -7.82 -4.65 -6.74
CA MET A 92 -8.50 -5.89 -6.38
C MET A 92 -7.72 -7.07 -7.00
N ASP A 93 -6.66 -7.47 -6.27
CA ASP A 93 -5.81 -8.61 -6.62
C ASP A 93 -6.45 -9.87 -6.03
N ASP A 94 -7.14 -10.63 -6.89
CA ASP A 94 -8.02 -11.72 -6.45
C ASP A 94 -8.19 -12.77 -7.57
N GLU A 95 -8.65 -13.96 -7.17
CA GLU A 95 -8.96 -15.08 -8.07
C GLU A 95 -10.04 -15.99 -7.44
N SER A 96 -10.75 -15.49 -6.41
CA SER A 96 -11.69 -16.30 -5.62
C SER A 96 -12.91 -15.47 -5.15
N ASP A 97 -12.67 -14.47 -4.29
CA ASP A 97 -13.74 -13.55 -3.80
C ASP A 97 -13.09 -12.31 -3.16
N MET A 1 16.46 26.46 0.07
CA MET A 1 15.50 27.12 -0.85
C MET A 1 14.83 26.08 -1.77
N GLY A 2 13.66 25.58 -1.33
CA GLY A 2 12.89 24.60 -2.07
C GLY A 2 13.57 23.24 -2.15
N HIS A 3 14.41 23.07 -3.20
CA HIS A 3 15.09 21.81 -3.54
C HIS A 3 14.03 20.72 -3.86
N HIS A 4 13.07 21.13 -4.72
CA HIS A 4 11.97 20.28 -5.19
C HIS A 4 12.51 19.18 -6.13
N HIS A 5 11.94 17.98 -6.03
CA HIS A 5 12.40 16.79 -6.77
C HIS A 5 11.84 16.80 -8.21
N HIS A 6 12.39 17.73 -9.00
CA HIS A 6 11.92 18.05 -10.37
C HIS A 6 12.21 16.90 -11.34
N HIS A 7 13.49 16.49 -11.41
CA HIS A 7 13.99 15.55 -12.43
C HIS A 7 13.28 14.17 -12.35
N HIS A 8 12.86 13.77 -11.13
CA HIS A 8 12.16 12.49 -10.84
C HIS A 8 13.04 11.25 -11.06
N SER A 9 13.42 10.99 -12.34
CA SER A 9 14.26 9.87 -12.80
C SER A 9 15.39 9.51 -11.81
N HIS A 10 15.15 8.44 -11.04
CA HIS A 10 16.10 7.93 -10.06
C HIS A 10 17.25 7.22 -10.76
N MET A 11 18.47 7.76 -10.62
CA MET A 11 19.67 7.18 -11.23
C MET A 11 20.14 5.99 -10.37
N GLY A 12 19.51 4.83 -10.60
CA GLY A 12 19.75 3.61 -9.83
C GLY A 12 18.51 2.73 -9.77
N SER A 13 18.66 1.56 -9.14
CA SER A 13 17.56 0.59 -8.98
C SER A 13 16.74 0.89 -7.70
N GLU A 14 16.18 2.12 -7.66
CA GLU A 14 15.41 2.64 -6.50
C GLU A 14 13.92 2.24 -6.58
N GLU A 15 13.10 2.76 -5.62
CA GLU A 15 11.70 2.29 -5.38
C GLU A 15 11.74 0.81 -4.88
N ASP A 16 12.90 0.43 -4.35
CA ASP A 16 13.32 -0.96 -4.07
C ASP A 16 12.72 -1.51 -2.77
N ASP A 17 13.19 -2.72 -2.39
CA ASP A 17 12.67 -3.50 -1.23
C ASP A 17 12.85 -2.74 0.11
N GLY A 18 13.75 -1.75 0.16
CA GLY A 18 13.90 -0.89 1.33
C GLY A 18 12.66 -0.05 1.58
N VAL A 19 12.18 0.62 0.50
CA VAL A 19 10.94 1.41 0.50
C VAL A 19 9.72 0.49 0.79
N VAL A 20 9.69 -0.63 0.05
CA VAL A 20 8.62 -1.65 0.12
C VAL A 20 8.43 -2.19 1.56
N ALA A 21 9.57 -2.45 2.25
CA ALA A 21 9.59 -3.04 3.60
C ALA A 21 8.98 -2.09 4.65
N MET A 22 9.35 -0.79 4.57
CA MET A 22 8.89 0.22 5.54
C MET A 22 7.41 0.57 5.30
N ILE A 23 6.92 0.43 4.04
CA ILE A 23 5.48 0.58 3.74
C ILE A 23 4.69 -0.53 4.46
N LYS A 24 5.17 -1.79 4.29
CA LYS A 24 4.57 -2.99 4.91
C LYS A 24 4.36 -2.81 6.42
N GLU A 25 5.39 -2.29 7.13
CA GLU A 25 5.34 -2.14 8.58
C GLU A 25 4.38 -1.00 8.97
N LEU A 26 4.43 0.15 8.24
CA LEU A 26 3.57 1.33 8.53
C LEU A 26 2.08 1.00 8.31
N LEU A 27 1.80 0.01 7.44
CA LEU A 27 0.45 -0.55 7.26
C LEU A 27 0.12 -1.47 8.45
N ASP A 28 1.01 -2.44 8.70
CA ASP A 28 0.76 -3.55 9.64
C ASP A 28 0.72 -3.07 11.11
N THR A 29 1.35 -1.91 11.37
CA THR A 29 1.37 -1.29 12.71
C THR A 29 0.19 -0.31 12.89
N ARG A 30 -0.14 0.45 11.82
CA ARG A 30 -1.13 1.55 11.90
C ARG A 30 -2.44 1.22 11.17
N ILE A 31 -2.33 0.98 9.84
CA ILE A 31 -3.49 0.96 8.93
C ILE A 31 -4.31 -0.33 9.11
N ARG A 32 -3.66 -1.51 8.84
CA ARG A 32 -4.32 -2.84 8.93
C ARG A 32 -5.13 -2.99 10.24
N PRO A 33 -4.55 -2.73 11.49
CA PRO A 33 -5.33 -2.77 12.77
C PRO A 33 -6.67 -1.99 12.73
N THR A 34 -6.61 -0.74 12.21
CA THR A 34 -7.77 0.17 12.10
C THR A 34 -8.85 -0.42 11.16
N VAL A 35 -8.39 -0.90 9.99
CA VAL A 35 -9.26 -1.44 8.93
C VAL A 35 -9.90 -2.78 9.36
N GLN A 36 -9.14 -3.57 10.15
CA GLN A 36 -9.59 -4.85 10.74
C GLN A 36 -10.75 -4.62 11.72
N GLU A 37 -10.61 -3.55 12.53
CA GLU A 37 -11.66 -3.13 13.48
C GLU A 37 -12.91 -2.60 12.76
N ASP A 38 -12.70 -1.97 11.59
CA ASP A 38 -13.80 -1.51 10.71
C ASP A 38 -14.49 -2.72 10.04
N GLY A 39 -13.77 -3.85 9.94
CA GLY A 39 -14.32 -5.11 9.47
C GLY A 39 -13.52 -5.73 8.34
N GLY A 40 -12.74 -4.89 7.63
CA GLY A 40 -11.94 -5.34 6.49
C GLY A 40 -10.49 -5.63 6.85
N ASP A 41 -9.58 -5.27 5.91
CA ASP A 41 -8.11 -5.38 6.04
C ASP A 41 -7.47 -4.82 4.76
N VAL A 42 -6.17 -4.44 4.82
CA VAL A 42 -5.41 -3.96 3.65
C VAL A 42 -4.19 -4.90 3.43
N ILE A 43 -4.21 -5.64 2.32
CA ILE A 43 -3.16 -6.62 1.97
C ILE A 43 -2.20 -5.93 0.98
N TYR A 44 -0.92 -5.79 1.39
CA TYR A 44 0.11 -5.16 0.56
C TYR A 44 0.41 -6.05 -0.66
N LYS A 45 0.04 -5.54 -1.85
CA LYS A 45 0.20 -6.24 -3.14
C LYS A 45 1.47 -5.78 -3.87
N GLY A 46 1.84 -4.51 -3.71
CA GLY A 46 3.06 -4.01 -4.35
C GLY A 46 3.21 -2.50 -4.28
N PHE A 47 4.21 -1.99 -5.02
CA PHE A 47 4.52 -0.55 -5.11
C PHE A 47 5.20 -0.29 -6.46
N GLU A 48 4.47 0.37 -7.37
CA GLU A 48 4.87 0.55 -8.79
C GLU A 48 4.61 2.02 -9.19
N ASP A 49 5.66 2.73 -9.68
CA ASP A 49 5.57 4.13 -10.18
C ASP A 49 5.26 5.12 -9.02
N GLY A 50 5.62 4.70 -7.79
CA GLY A 50 5.31 5.48 -6.58
C GLY A 50 3.89 5.27 -6.10
N ILE A 51 3.19 4.28 -6.66
CA ILE A 51 1.78 3.99 -6.35
C ILE A 51 1.69 2.69 -5.53
N VAL A 52 1.19 2.81 -4.28
CA VAL A 52 1.10 1.69 -3.34
C VAL A 52 -0.15 0.84 -3.67
N GLN A 53 0.08 -0.36 -4.22
CA GLN A 53 -1.02 -1.28 -4.57
C GLN A 53 -1.45 -2.06 -3.31
N LEU A 54 -2.69 -1.80 -2.88
CA LEU A 54 -3.28 -2.39 -1.67
C LEU A 54 -4.61 -3.03 -2.01
N LYS A 55 -4.87 -4.20 -1.41
CA LYS A 55 -6.12 -4.91 -1.55
C LYS A 55 -7.05 -4.50 -0.39
N LEU A 56 -8.15 -3.81 -0.70
CA LEU A 56 -9.13 -3.42 0.32
C LEU A 56 -10.17 -4.55 0.45
N GLN A 57 -10.50 -4.90 1.70
CA GLN A 57 -11.55 -5.89 2.03
C GLN A 57 -12.89 -5.15 2.29
N GLY A 58 -13.96 -5.94 2.55
CA GLY A 58 -15.32 -5.41 2.85
C GLY A 58 -15.36 -4.39 3.99
N SER A 59 -16.53 -3.72 4.12
CA SER A 59 -16.78 -2.57 5.04
C SER A 59 -16.14 -1.26 4.50
N CYS A 60 -14.83 -1.32 4.19
CA CYS A 60 -14.08 -0.19 3.61
C CYS A 60 -14.42 0.03 2.12
N THR A 61 -14.76 -1.08 1.43
CA THR A 61 -15.15 -1.06 0.00
C THR A 61 -16.61 -0.60 -0.18
N SER A 62 -17.36 -0.52 0.94
CA SER A 62 -18.75 -0.04 0.95
C SER A 62 -18.79 1.46 0.58
N CYS A 63 -19.30 1.76 -0.64
CA CYS A 63 -19.43 3.13 -1.19
C CYS A 63 -18.05 3.73 -1.60
N PRO A 64 -17.97 4.45 -2.78
CA PRO A 64 -16.70 5.02 -3.30
C PRO A 64 -16.02 5.97 -2.29
N SER A 65 -16.82 6.74 -1.51
CA SER A 65 -16.32 7.74 -0.56
C SER A 65 -15.42 7.11 0.54
N SER A 66 -15.79 5.91 1.02
CA SER A 66 -15.03 5.18 2.06
C SER A 66 -13.67 4.70 1.50
N ILE A 67 -13.69 4.23 0.24
CA ILE A 67 -12.48 3.86 -0.53
C ILE A 67 -11.53 5.06 -0.65
N ILE A 68 -12.09 6.23 -1.02
CA ILE A 68 -11.34 7.48 -1.24
C ILE A 68 -10.68 7.95 0.07
N THR A 69 -11.45 7.90 1.19
CA THR A 69 -10.97 8.33 2.52
C THR A 69 -9.82 7.45 3.01
N LEU A 70 -9.99 6.11 2.88
CA LEU A 70 -8.99 5.13 3.32
C LEU A 70 -7.68 5.30 2.52
N LYS A 71 -7.83 5.32 1.17
CA LYS A 71 -6.72 5.49 0.21
C LYS A 71 -5.92 6.80 0.49
N ASN A 72 -6.64 7.89 0.82
CA ASN A 72 -6.03 9.21 1.11
C ASN A 72 -5.30 9.21 2.47
N GLY A 73 -5.90 8.52 3.46
CA GLY A 73 -5.32 8.43 4.80
C GLY A 73 -3.98 7.71 4.80
N ILE A 74 -3.98 6.53 4.14
CA ILE A 74 -2.79 5.70 3.92
C ILE A 74 -1.72 6.50 3.15
N GLN A 75 -2.16 7.13 2.05
CA GLN A 75 -1.31 7.90 1.13
C GLN A 75 -0.52 8.98 1.88
N ASN A 76 -1.26 9.91 2.51
CA ASN A 76 -0.69 11.10 3.17
C ASN A 76 0.22 10.71 4.35
N MET A 77 -0.15 9.62 5.04
CA MET A 77 0.65 9.06 6.14
C MET A 77 2.02 8.59 5.62
N LEU A 78 1.99 7.71 4.59
CA LEU A 78 3.20 7.14 3.97
C LEU A 78 4.09 8.24 3.36
N GLN A 79 3.46 9.29 2.79
CA GLN A 79 4.17 10.44 2.15
C GLN A 79 5.01 11.23 3.16
N PHE A 80 4.58 11.25 4.43
CA PHE A 80 5.29 11.94 5.53
C PHE A 80 6.65 11.26 5.81
N TYR A 81 6.67 9.92 5.68
CA TYR A 81 7.88 9.11 5.97
C TYR A 81 8.68 8.83 4.67
N ILE A 82 7.96 8.79 3.53
CA ILE A 82 8.49 8.27 2.25
C ILE A 82 8.18 9.27 1.11
N PRO A 83 9.22 9.88 0.46
CA PRO A 83 9.05 10.78 -0.71
C PRO A 83 8.58 10.03 -1.98
N GLU A 84 8.86 8.72 -2.04
CA GLU A 84 8.54 7.85 -3.20
C GLU A 84 7.03 7.76 -3.46
N VAL A 85 6.23 7.69 -2.36
CA VAL A 85 4.77 7.53 -2.43
C VAL A 85 4.12 8.77 -3.09
N GLU A 86 3.82 8.63 -4.38
CA GLU A 86 3.02 9.59 -5.14
C GLU A 86 1.52 9.36 -4.88
N GLY A 87 1.12 8.09 -4.79
CA GLY A 87 -0.27 7.72 -4.64
C GLY A 87 -0.46 6.32 -4.09
N VAL A 88 -1.74 5.92 -3.98
CA VAL A 88 -2.17 4.57 -3.55
C VAL A 88 -3.28 4.10 -4.51
N GLU A 89 -3.17 2.86 -5.01
CA GLU A 89 -4.14 2.23 -5.93
C GLU A 89 -4.81 1.04 -5.22
N GLN A 90 -6.14 0.91 -5.35
CA GLN A 90 -6.86 -0.26 -4.88
C GLN A 90 -6.84 -1.34 -5.98
N VAL A 91 -6.52 -2.56 -5.57
CA VAL A 91 -6.56 -3.76 -6.42
C VAL A 91 -7.34 -4.84 -5.66
N MET A 92 -8.02 -5.75 -6.39
CA MET A 92 -8.86 -6.80 -5.79
C MET A 92 -8.70 -8.13 -6.55
N ASP A 93 -8.49 -9.21 -5.79
CA ASP A 93 -8.37 -10.58 -6.34
C ASP A 93 -9.75 -11.12 -6.72
N ASP A 94 -9.81 -11.83 -7.86
CA ASP A 94 -11.00 -12.51 -8.37
C ASP A 94 -12.17 -11.52 -8.63
N GLU A 95 -12.16 -10.93 -9.82
CA GLU A 95 -13.27 -10.13 -10.36
C GLU A 95 -13.88 -10.84 -11.59
N SER A 96 -13.12 -11.82 -12.12
CA SER A 96 -13.49 -12.61 -13.29
C SER A 96 -12.74 -13.96 -13.23
N ASP A 97 -13.44 -15.01 -12.78
CA ASP A 97 -12.85 -16.36 -12.61
C ASP A 97 -12.66 -17.04 -13.97
N MET A 1 7.52 -24.20 -21.09
CA MET A 1 8.39 -23.13 -21.59
C MET A 1 9.86 -23.61 -21.48
N GLY A 2 10.46 -23.49 -20.27
CA GLY A 2 11.73 -24.15 -19.96
C GLY A 2 12.97 -23.39 -20.47
N HIS A 3 13.09 -23.30 -21.80
CA HIS A 3 14.34 -22.88 -22.49
C HIS A 3 14.71 -21.40 -22.20
N HIS A 4 13.78 -20.64 -21.62
CA HIS A 4 14.00 -19.27 -21.16
C HIS A 4 14.44 -19.30 -19.67
N HIS A 5 15.54 -20.05 -19.40
CA HIS A 5 16.16 -20.13 -18.06
C HIS A 5 16.86 -18.80 -17.70
N HIS A 6 17.40 -18.11 -18.73
CA HIS A 6 18.05 -16.80 -18.58
C HIS A 6 17.03 -15.73 -18.17
N HIS A 7 17.01 -15.40 -16.86
CA HIS A 7 16.13 -14.38 -16.28
C HIS A 7 16.98 -13.31 -15.58
N HIS A 8 16.48 -12.06 -15.59
CA HIS A 8 17.09 -10.92 -14.85
C HIS A 8 15.98 -10.03 -14.32
N SER A 9 16.01 -9.78 -13.00
CA SER A 9 15.21 -8.71 -12.39
C SER A 9 15.86 -7.37 -12.80
N HIS A 10 15.25 -6.71 -13.80
CA HIS A 10 15.90 -5.60 -14.52
C HIS A 10 14.94 -4.39 -14.62
N MET A 11 14.10 -4.22 -13.58
CA MET A 11 13.44 -2.91 -13.30
C MET A 11 14.52 -1.94 -12.79
N GLY A 12 15.50 -2.54 -12.11
CA GLY A 12 16.80 -1.95 -11.87
C GLY A 12 17.83 -3.08 -11.92
N SER A 13 17.98 -3.75 -10.77
CA SER A 13 18.81 -4.96 -10.60
C SER A 13 18.25 -5.73 -9.40
N GLU A 14 18.23 -5.03 -8.26
CA GLU A 14 17.64 -5.47 -6.99
C GLU A 14 16.83 -4.28 -6.46
N GLU A 15 15.50 -4.31 -6.70
CA GLU A 15 14.61 -3.15 -6.49
C GLU A 15 14.52 -2.79 -5.00
N ASP A 16 14.04 -1.55 -4.71
CA ASP A 16 14.07 -0.93 -3.36
C ASP A 16 13.19 -1.67 -2.33
N ASP A 17 13.70 -2.82 -1.83
CA ASP A 17 12.99 -3.67 -0.85
C ASP A 17 12.89 -3.00 0.51
N GLY A 18 13.81 -2.06 0.80
CA GLY A 18 13.79 -1.29 2.03
C GLY A 18 12.55 -0.40 2.12
N VAL A 19 12.30 0.37 1.03
CA VAL A 19 11.10 1.23 0.89
C VAL A 19 9.82 0.35 0.95
N VAL A 20 9.81 -0.74 0.16
CA VAL A 20 8.70 -1.71 0.07
C VAL A 20 8.35 -2.29 1.46
N ALA A 21 9.39 -2.68 2.22
CA ALA A 21 9.25 -3.37 3.52
C ALA A 21 8.72 -2.43 4.61
N MET A 22 9.22 -1.17 4.62
CA MET A 22 8.79 -0.18 5.62
C MET A 22 7.37 0.31 5.34
N ILE A 23 6.93 0.30 4.05
CA ILE A 23 5.51 0.56 3.68
C ILE A 23 4.63 -0.54 4.30
N LYS A 24 5.06 -1.82 4.13
CA LYS A 24 4.35 -3.01 4.68
C LYS A 24 4.06 -2.87 6.18
N GLU A 25 5.08 -2.43 6.95
CA GLU A 25 4.96 -2.32 8.41
C GLU A 25 4.16 -1.06 8.80
N LEU A 26 4.31 0.06 8.05
CA LEU A 26 3.54 1.31 8.29
C LEU A 26 2.02 1.04 8.10
N LEU A 27 1.69 0.10 7.22
CA LEU A 27 0.32 -0.42 7.08
C LEU A 27 -0.02 -1.31 8.28
N ASP A 28 0.85 -2.30 8.53
CA ASP A 28 0.62 -3.39 9.51
C ASP A 28 0.47 -2.89 10.95
N THR A 29 1.12 -1.76 11.25
CA THR A 29 1.13 -1.16 12.60
C THR A 29 0.04 -0.09 12.76
N ARG A 30 -0.23 0.68 11.68
CA ARG A 30 -1.11 1.86 11.72
C ARG A 30 -2.46 1.61 11.03
N ILE A 31 -2.42 1.23 9.73
CA ILE A 31 -3.60 1.20 8.88
C ILE A 31 -4.42 -0.09 9.09
N ARG A 32 -3.80 -1.26 8.79
CA ARG A 32 -4.44 -2.59 8.86
C ARG A 32 -5.25 -2.77 10.18
N PRO A 33 -4.65 -2.56 11.44
CA PRO A 33 -5.39 -2.74 12.73
C PRO A 33 -6.72 -1.96 12.77
N THR A 34 -6.69 -0.71 12.28
CA THR A 34 -7.84 0.19 12.24
C THR A 34 -8.94 -0.32 11.28
N VAL A 35 -8.50 -0.82 10.12
CA VAL A 35 -9.40 -1.35 9.06
C VAL A 35 -10.03 -2.70 9.49
N GLN A 36 -9.27 -3.48 10.27
CA GLN A 36 -9.72 -4.78 10.82
C GLN A 36 -10.80 -4.56 11.89
N GLU A 37 -10.68 -3.46 12.65
CA GLU A 37 -11.72 -2.99 13.60
C GLU A 37 -12.96 -2.48 12.83
N ASP A 38 -12.71 -1.84 11.67
CA ASP A 38 -13.76 -1.31 10.77
C ASP A 38 -14.57 -2.46 10.12
N GLY A 39 -13.95 -3.66 10.04
CA GLY A 39 -14.62 -4.87 9.55
C GLY A 39 -14.13 -5.29 8.16
N GLY A 40 -12.82 -5.06 7.92
CA GLY A 40 -12.15 -5.45 6.69
C GLY A 40 -10.66 -5.66 6.94
N ASP A 41 -9.83 -5.26 5.97
CA ASP A 41 -8.35 -5.33 6.05
C ASP A 41 -7.74 -4.74 4.76
N VAL A 42 -6.45 -4.37 4.80
CA VAL A 42 -5.70 -3.87 3.63
C VAL A 42 -4.41 -4.71 3.50
N ILE A 43 -4.26 -5.39 2.35
CA ILE A 43 -3.11 -6.27 2.09
C ILE A 43 -2.18 -5.56 1.10
N TYR A 44 -0.88 -5.49 1.43
CA TYR A 44 0.12 -4.91 0.53
C TYR A 44 0.33 -5.82 -0.70
N LYS A 45 0.00 -5.31 -1.88
CA LYS A 45 0.11 -6.06 -3.16
C LYS A 45 1.29 -5.57 -4.01
N GLY A 46 1.79 -4.35 -3.74
CA GLY A 46 3.03 -3.88 -4.38
C GLY A 46 3.25 -2.39 -4.31
N PHE A 47 4.31 -1.94 -5.03
CA PHE A 47 4.69 -0.53 -5.17
C PHE A 47 5.32 -0.39 -6.56
N GLU A 48 4.60 0.27 -7.48
CA GLU A 48 5.02 0.41 -8.88
C GLU A 48 5.05 1.91 -9.22
N ASP A 49 6.28 2.47 -9.30
CA ASP A 49 6.53 3.87 -9.69
C ASP A 49 5.70 4.86 -8.84
N GLY A 50 5.93 4.79 -7.51
CA GLY A 50 5.29 5.70 -6.55
C GLY A 50 3.91 5.26 -6.09
N ILE A 51 3.29 4.32 -6.83
CA ILE A 51 1.91 3.91 -6.58
C ILE A 51 1.89 2.65 -5.70
N VAL A 52 1.42 2.83 -4.45
CA VAL A 52 1.28 1.74 -3.48
C VAL A 52 -0.01 0.97 -3.78
N GLN A 53 0.12 -0.21 -4.37
CA GLN A 53 -1.02 -1.04 -4.77
C GLN A 53 -1.47 -1.91 -3.58
N LEU A 54 -2.73 -1.73 -3.15
CA LEU A 54 -3.30 -2.37 -1.95
C LEU A 54 -4.64 -3.05 -2.27
N LYS A 55 -4.83 -4.25 -1.71
CA LYS A 55 -6.09 -5.00 -1.79
C LYS A 55 -6.99 -4.59 -0.61
N LEU A 56 -8.12 -3.93 -0.91
CA LEU A 56 -9.10 -3.54 0.12
C LEU A 56 -10.12 -4.68 0.30
N GLN A 57 -10.41 -5.03 1.56
CA GLN A 57 -11.39 -6.10 1.90
C GLN A 57 -12.78 -5.49 2.12
N GLY A 58 -13.79 -6.38 2.34
CA GLY A 58 -15.20 -6.01 2.45
C GLY A 58 -15.49 -4.96 3.50
N SER A 59 -16.68 -4.32 3.38
CA SER A 59 -17.10 -3.14 4.15
C SER A 59 -16.38 -1.87 3.62
N CYS A 60 -15.04 -1.88 3.72
CA CYS A 60 -14.17 -0.79 3.28
C CYS A 60 -14.26 -0.54 1.76
N THR A 61 -14.29 -1.64 0.98
CA THR A 61 -14.39 -1.58 -0.50
C THR A 61 -15.87 -1.53 -0.98
N SER A 62 -16.81 -1.67 -0.03
CA SER A 62 -18.25 -1.79 -0.31
C SER A 62 -18.96 -0.43 -0.40
N CYS A 63 -18.23 0.65 -0.06
CA CYS A 63 -18.76 2.01 -0.04
C CYS A 63 -17.67 3.00 -0.51
N PRO A 64 -17.97 3.88 -1.53
CA PRO A 64 -16.96 4.79 -2.14
C PRO A 64 -16.39 5.80 -1.12
N SER A 65 -17.17 6.10 -0.06
CA SER A 65 -16.74 6.99 1.02
C SER A 65 -15.49 6.45 1.73
N SER A 66 -15.55 5.14 2.10
CA SER A 66 -14.46 4.47 2.81
C SER A 66 -13.26 4.23 1.89
N ILE A 67 -13.50 3.96 0.59
CA ILE A 67 -12.42 3.78 -0.42
C ILE A 67 -11.58 5.07 -0.55
N ILE A 68 -12.28 6.23 -0.66
CA ILE A 68 -11.65 7.55 -0.83
C ILE A 68 -10.87 7.96 0.45
N THR A 69 -11.55 7.90 1.62
CA THR A 69 -10.96 8.29 2.92
C THR A 69 -9.72 7.42 3.24
N LEU A 70 -9.87 6.09 3.05
CA LEU A 70 -8.83 5.10 3.37
C LEU A 70 -7.59 5.32 2.50
N LYS A 71 -7.77 5.31 1.17
CA LYS A 71 -6.69 5.50 0.17
C LYS A 71 -5.91 6.81 0.41
N ASN A 72 -6.66 7.90 0.68
CA ASN A 72 -6.09 9.24 0.93
C ASN A 72 -5.32 9.27 2.26
N GLY A 73 -5.86 8.63 3.29
CA GLY A 73 -5.23 8.56 4.61
C GLY A 73 -3.91 7.80 4.59
N ILE A 74 -3.91 6.67 3.86
CA ILE A 74 -2.72 5.84 3.62
C ILE A 74 -1.67 6.63 2.81
N GLN A 75 -2.15 7.39 1.81
CA GLN A 75 -1.31 8.20 0.93
C GLN A 75 -0.57 9.29 1.71
N ASN A 76 -1.31 10.12 2.46
CA ASN A 76 -0.74 11.22 3.27
C ASN A 76 0.15 10.69 4.41
N MET A 77 -0.12 9.45 4.89
CA MET A 77 0.72 8.78 5.89
C MET A 77 2.08 8.41 5.28
N LEU A 78 2.04 7.57 4.24
CA LEU A 78 3.24 7.03 3.57
C LEU A 78 4.11 8.14 2.99
N GLN A 79 3.49 9.19 2.40
CA GLN A 79 4.22 10.33 1.80
C GLN A 79 4.96 11.17 2.86
N PHE A 80 4.38 11.27 4.06
CA PHE A 80 4.95 12.01 5.19
C PHE A 80 6.31 11.41 5.63
N TYR A 81 6.43 10.08 5.50
CA TYR A 81 7.65 9.32 5.90
C TYR A 81 8.51 8.96 4.67
N ILE A 82 7.86 8.84 3.50
CA ILE A 82 8.45 8.24 2.27
C ILE A 82 8.08 9.12 1.06
N PRO A 83 9.01 10.02 0.58
CA PRO A 83 8.76 10.90 -0.60
C PRO A 83 8.70 10.11 -1.93
N GLU A 84 9.10 8.81 -1.89
CA GLU A 84 9.01 7.92 -3.06
C GLU A 84 7.54 7.65 -3.45
N VAL A 85 6.66 7.57 -2.43
CA VAL A 85 5.22 7.38 -2.63
C VAL A 85 4.61 8.65 -3.26
N GLU A 86 4.07 8.49 -4.47
CA GLU A 86 3.36 9.53 -5.21
C GLU A 86 1.84 9.39 -5.04
N GLY A 87 1.39 8.16 -4.79
CA GLY A 87 -0.03 7.86 -4.63
C GLY A 87 -0.28 6.42 -4.19
N VAL A 88 -1.56 6.07 -4.04
CA VAL A 88 -2.03 4.72 -3.65
C VAL A 88 -3.15 4.29 -4.62
N GLU A 89 -3.14 3.01 -5.07
CA GLU A 89 -4.17 2.45 -5.96
C GLU A 89 -4.83 1.23 -5.31
N GLN A 90 -6.14 1.10 -5.51
CA GLN A 90 -6.92 -0.06 -5.07
C GLN A 90 -6.84 -1.16 -6.14
N VAL A 91 -6.18 -2.27 -5.81
CA VAL A 91 -6.16 -3.49 -6.64
C VAL A 91 -6.83 -4.64 -5.86
N MET A 92 -8.03 -5.04 -6.29
CA MET A 92 -8.79 -6.13 -5.65
C MET A 92 -8.32 -7.48 -6.23
N ASP A 93 -7.23 -8.00 -5.63
CA ASP A 93 -6.58 -9.26 -6.06
C ASP A 93 -7.45 -10.47 -5.65
N ASP A 94 -8.39 -10.85 -6.52
CA ASP A 94 -9.30 -11.99 -6.31
C ASP A 94 -10.07 -12.32 -7.60
N GLU A 95 -10.59 -13.55 -7.63
CA GLU A 95 -11.30 -14.12 -8.79
C GLU A 95 -12.75 -13.56 -8.90
N SER A 96 -13.22 -12.92 -7.80
CA SER A 96 -14.50 -12.16 -7.77
C SER A 96 -15.76 -13.05 -7.95
N ASP A 97 -15.60 -14.37 -7.74
CA ASP A 97 -16.71 -15.33 -7.82
C ASP A 97 -17.58 -15.22 -6.55
N MET A 1 21.91 6.69 -17.67
CA MET A 1 20.91 5.78 -18.29
C MET A 1 21.62 4.49 -18.76
N GLY A 2 22.60 4.65 -19.68
CA GLY A 2 23.45 3.56 -20.15
C GLY A 2 22.68 2.49 -20.92
N HIS A 3 23.09 1.23 -20.74
CA HIS A 3 22.44 0.06 -21.36
C HIS A 3 22.05 -0.94 -20.24
N HIS A 4 20.74 -1.03 -19.93
CA HIS A 4 20.25 -1.90 -18.85
C HIS A 4 19.47 -3.11 -19.42
N HIS A 5 20.19 -4.24 -19.53
CA HIS A 5 19.61 -5.58 -19.75
C HIS A 5 19.01 -6.13 -18.43
N HIS A 6 19.13 -5.34 -17.35
CA HIS A 6 18.45 -5.57 -16.06
C HIS A 6 17.23 -4.62 -15.95
N HIS A 7 16.02 -5.21 -15.82
CA HIS A 7 14.72 -4.50 -15.70
C HIS A 7 14.48 -3.47 -16.83
N HIS A 8 14.31 -3.99 -18.05
CA HIS A 8 13.80 -3.22 -19.19
C HIS A 8 12.28 -3.04 -19.00
N SER A 9 11.62 -4.18 -18.70
CA SER A 9 10.18 -4.25 -18.38
C SER A 9 9.90 -3.59 -17.01
N HIS A 10 8.70 -3.01 -16.88
CA HIS A 10 8.24 -2.34 -15.65
C HIS A 10 6.80 -2.80 -15.30
N MET A 11 6.71 -3.88 -14.49
CA MET A 11 5.44 -4.36 -13.91
C MET A 11 5.71 -4.84 -12.47
N GLY A 12 5.02 -4.21 -11.49
CA GLY A 12 5.36 -4.36 -10.07
C GLY A 12 6.74 -3.79 -9.80
N SER A 13 6.97 -2.57 -10.29
CA SER A 13 8.29 -1.90 -10.32
C SER A 13 8.76 -1.50 -8.91
N GLU A 14 9.38 -2.47 -8.23
CA GLU A 14 9.95 -2.34 -6.88
C GLU A 14 11.45 -2.59 -6.99
N GLU A 15 12.26 -1.50 -7.08
CA GLU A 15 13.73 -1.62 -7.21
C GLU A 15 14.38 -1.82 -5.84
N ASP A 16 13.83 -1.13 -4.82
CA ASP A 16 14.43 -1.02 -3.49
C ASP A 16 13.53 -1.69 -2.45
N ASP A 17 14.05 -2.77 -1.87
CA ASP A 17 13.35 -3.58 -0.85
C ASP A 17 13.13 -2.79 0.45
N GLY A 18 14.05 -1.87 0.77
CA GLY A 18 14.00 -1.10 2.01
C GLY A 18 12.75 -0.22 2.11
N VAL A 19 12.43 0.48 1.01
CA VAL A 19 11.23 1.32 0.89
C VAL A 19 9.97 0.44 1.02
N VAL A 20 9.95 -0.65 0.24
CA VAL A 20 8.85 -1.64 0.21
C VAL A 20 8.55 -2.18 1.62
N ALA A 21 9.63 -2.51 2.36
CA ALA A 21 9.56 -3.13 3.70
C ALA A 21 8.96 -2.18 4.73
N MET A 22 9.37 -0.89 4.68
CA MET A 22 8.88 0.12 5.64
C MET A 22 7.46 0.60 5.27
N ILE A 23 7.06 0.45 3.98
CA ILE A 23 5.65 0.64 3.57
C ILE A 23 4.81 -0.46 4.22
N LYS A 24 5.25 -1.72 4.04
CA LYS A 24 4.60 -2.92 4.62
C LYS A 24 4.39 -2.78 6.13
N GLU A 25 5.41 -2.24 6.85
CA GLU A 25 5.37 -2.13 8.31
C GLU A 25 4.41 -1.00 8.74
N LEU A 26 4.44 0.18 8.05
CA LEU A 26 3.55 1.32 8.38
C LEU A 26 2.06 0.94 8.18
N LEU A 27 1.81 0.09 7.17
CA LEU A 27 0.49 -0.51 6.95
C LEU A 27 0.15 -1.47 8.09
N ASP A 28 1.05 -2.42 8.35
CA ASP A 28 0.79 -3.58 9.24
C ASP A 28 0.63 -3.16 10.72
N THR A 29 1.33 -2.10 11.11
CA THR A 29 1.37 -1.62 12.51
C THR A 29 0.26 -0.57 12.80
N ARG A 30 -0.06 0.27 11.80
CA ARG A 30 -1.03 1.37 11.96
C ARG A 30 -2.36 1.04 11.26
N ILE A 31 -2.28 0.82 9.95
CA ILE A 31 -3.46 0.81 9.06
C ILE A 31 -4.28 -0.47 9.28
N ARG A 32 -3.67 -1.65 9.02
CA ARG A 32 -4.32 -2.97 9.14
C ARG A 32 -5.10 -3.13 10.48
N PRO A 33 -4.51 -2.86 11.72
CA PRO A 33 -5.26 -2.88 13.01
C PRO A 33 -6.57 -2.08 12.97
N THR A 34 -6.46 -0.79 12.58
CA THR A 34 -7.60 0.17 12.54
C THR A 34 -8.72 -0.30 11.58
N VAL A 35 -8.29 -0.76 10.39
CA VAL A 35 -9.17 -1.23 9.31
C VAL A 35 -9.87 -2.56 9.71
N GLN A 36 -9.14 -3.41 10.48
CA GLN A 36 -9.69 -4.70 11.00
C GLN A 36 -10.65 -4.46 12.18
N GLU A 37 -10.46 -3.33 12.92
CA GLU A 37 -11.40 -2.89 13.96
C GLU A 37 -12.75 -2.52 13.33
N ASP A 38 -12.68 -1.95 12.11
CA ASP A 38 -13.86 -1.59 11.31
C ASP A 38 -14.44 -2.84 10.60
N GLY A 39 -13.59 -3.86 10.38
CA GLY A 39 -14.01 -5.15 9.82
C GLY A 39 -13.25 -5.52 8.55
N GLY A 40 -12.66 -4.51 7.88
CA GLY A 40 -11.89 -4.72 6.64
C GLY A 40 -10.45 -5.16 6.90
N ASP A 41 -9.59 -5.00 5.87
CA ASP A 41 -8.15 -5.29 5.94
C ASP A 41 -7.47 -4.75 4.67
N VAL A 42 -6.16 -4.48 4.74
CA VAL A 42 -5.36 -4.01 3.58
C VAL A 42 -4.20 -5.01 3.35
N ILE A 43 -4.17 -5.59 2.14
CA ILE A 43 -3.18 -6.60 1.74
C ILE A 43 -2.21 -5.94 0.74
N TYR A 44 -0.91 -5.86 1.11
CA TYR A 44 0.11 -5.23 0.25
C TYR A 44 0.32 -6.10 -1.02
N LYS A 45 -0.08 -5.55 -2.17
CA LYS A 45 -0.04 -6.23 -3.47
C LYS A 45 1.25 -5.90 -4.23
N GLY A 46 1.55 -4.60 -4.34
CA GLY A 46 2.69 -4.15 -5.16
C GLY A 46 3.04 -2.69 -4.95
N PHE A 47 3.99 -2.22 -5.76
CA PHE A 47 4.47 -0.83 -5.77
C PHE A 47 5.10 -0.57 -7.15
N GLU A 48 4.62 0.46 -7.87
CA GLU A 48 5.22 0.88 -9.15
C GLU A 48 5.54 2.37 -9.09
N ASP A 49 6.86 2.71 -9.08
CA ASP A 49 7.39 4.09 -9.05
C ASP A 49 7.14 4.73 -7.68
N GLY A 50 5.86 5.07 -7.41
CA GLY A 50 5.43 5.57 -6.11
C GLY A 50 4.02 5.17 -5.74
N ILE A 51 3.37 4.36 -6.60
CA ILE A 51 1.98 3.94 -6.41
C ILE A 51 1.95 2.62 -5.61
N VAL A 52 1.56 2.74 -4.34
CA VAL A 52 1.42 1.62 -3.40
C VAL A 52 0.09 0.89 -3.70
N GLN A 53 0.19 -0.27 -4.33
CA GLN A 53 -0.98 -1.07 -4.72
C GLN A 53 -1.44 -1.92 -3.51
N LEU A 54 -2.67 -1.65 -3.04
CA LEU A 54 -3.28 -2.31 -1.88
C LEU A 54 -4.62 -2.94 -2.26
N LYS A 55 -4.80 -4.19 -1.83
CA LYS A 55 -6.08 -4.89 -1.93
C LYS A 55 -6.90 -4.58 -0.67
N LEU A 56 -7.96 -3.79 -0.83
CA LEU A 56 -8.83 -3.41 0.29
C LEU A 56 -9.92 -4.49 0.44
N GLN A 57 -10.33 -4.75 1.67
CA GLN A 57 -11.46 -5.66 1.97
C GLN A 57 -12.73 -4.83 2.25
N GLY A 58 -13.86 -5.54 2.45
CA GLY A 58 -15.17 -4.91 2.73
C GLY A 58 -15.22 -4.15 4.05
N SER A 59 -16.42 -3.65 4.40
CA SER A 59 -16.70 -2.81 5.61
C SER A 59 -16.15 -1.38 5.42
N CYS A 60 -14.82 -1.29 5.23
CA CYS A 60 -14.11 -0.02 4.96
C CYS A 60 -14.31 0.46 3.50
N THR A 61 -14.97 -0.38 2.67
CA THR A 61 -15.28 -0.07 1.25
C THR A 61 -16.79 -0.20 0.98
N SER A 62 -17.62 0.21 1.96
CA SER A 62 -19.11 0.17 1.85
C SER A 62 -19.63 1.06 0.70
N CYS A 63 -18.92 2.16 0.45
CA CYS A 63 -19.26 3.16 -0.57
C CYS A 63 -18.00 3.61 -1.32
N PRO A 64 -18.13 4.15 -2.59
CA PRO A 64 -17.00 4.78 -3.32
C PRO A 64 -16.23 5.82 -2.48
N SER A 65 -16.97 6.61 -1.67
CA SER A 65 -16.38 7.64 -0.79
C SER A 65 -15.63 7.02 0.40
N SER A 66 -16.08 5.83 0.87
CA SER A 66 -15.38 5.06 1.92
C SER A 66 -13.98 4.63 1.41
N ILE A 67 -13.95 4.18 0.13
CA ILE A 67 -12.72 3.80 -0.58
C ILE A 67 -11.77 5.01 -0.72
N ILE A 68 -12.31 6.15 -1.24
CA ILE A 68 -11.54 7.38 -1.51
C ILE A 68 -10.86 7.91 -0.22
N THR A 69 -11.63 7.95 0.89
CA THR A 69 -11.15 8.43 2.19
C THR A 69 -10.04 7.50 2.74
N LEU A 70 -10.26 6.17 2.67
CA LEU A 70 -9.30 5.16 3.17
C LEU A 70 -7.98 5.24 2.38
N LYS A 71 -8.10 5.20 1.04
CA LYS A 71 -6.98 5.27 0.07
C LYS A 71 -6.13 6.52 0.29
N ASN A 72 -6.80 7.68 0.49
CA ASN A 72 -6.14 8.98 0.70
C ASN A 72 -5.45 9.05 2.07
N GLY A 73 -6.08 8.49 3.10
CA GLY A 73 -5.54 8.48 4.46
C GLY A 73 -4.22 7.72 4.54
N ILE A 74 -4.24 6.51 3.96
CA ILE A 74 -3.06 5.65 3.83
C ILE A 74 -1.98 6.36 3.00
N GLN A 75 -2.42 6.99 1.88
CA GLN A 75 -1.56 7.65 0.90
C GLN A 75 -0.72 8.76 1.53
N ASN A 76 -1.40 9.73 2.16
CA ASN A 76 -0.75 10.92 2.74
C ASN A 76 0.08 10.54 3.99
N MET A 77 -0.30 9.47 4.71
CA MET A 77 0.51 8.94 5.84
C MET A 77 1.86 8.39 5.31
N LEU A 78 1.77 7.54 4.26
CA LEU A 78 2.94 6.95 3.60
C LEU A 78 3.82 8.04 2.95
N GLN A 79 3.17 9.12 2.42
CA GLN A 79 3.88 10.26 1.79
C GLN A 79 4.58 11.15 2.83
N PHE A 80 4.04 11.17 4.06
CA PHE A 80 4.56 12.00 5.16
C PHE A 80 5.91 11.46 5.66
N TYR A 81 5.98 10.13 5.83
CA TYR A 81 7.19 9.44 6.34
C TYR A 81 8.14 9.05 5.19
N ILE A 82 7.54 8.65 4.04
CA ILE A 82 8.27 8.12 2.87
C ILE A 82 8.01 9.04 1.65
N PRO A 83 9.02 9.86 1.21
CA PRO A 83 8.88 10.76 0.03
C PRO A 83 8.82 9.99 -1.32
N GLU A 84 9.03 8.66 -1.27
CA GLU A 84 9.06 7.80 -2.46
C GLU A 84 7.63 7.51 -2.99
N VAL A 85 6.63 7.70 -2.12
CA VAL A 85 5.22 7.44 -2.44
C VAL A 85 4.59 8.63 -3.20
N GLU A 86 4.08 8.35 -4.41
CA GLU A 86 3.31 9.29 -5.23
C GLU A 86 1.80 9.15 -4.94
N GLY A 87 1.37 7.90 -4.72
CA GLY A 87 -0.03 7.59 -4.53
C GLY A 87 -0.26 6.20 -3.99
N VAL A 88 -1.55 5.85 -3.80
CA VAL A 88 -2.02 4.50 -3.42
C VAL A 88 -3.15 4.10 -4.39
N GLU A 89 -3.09 2.89 -4.94
CA GLU A 89 -4.14 2.36 -5.84
C GLU A 89 -4.85 1.20 -5.16
N GLN A 90 -6.19 1.14 -5.31
CA GLN A 90 -6.98 -0.02 -4.88
C GLN A 90 -7.00 -1.04 -6.02
N VAL A 91 -6.42 -2.21 -5.78
CA VAL A 91 -6.37 -3.31 -6.74
C VAL A 91 -6.98 -4.57 -6.10
N MET A 92 -8.10 -5.08 -6.64
CA MET A 92 -8.61 -6.39 -6.22
C MET A 92 -7.90 -7.48 -7.03
N ASP A 93 -6.70 -7.83 -6.55
CA ASP A 93 -5.88 -8.92 -7.10
C ASP A 93 -5.94 -10.05 -6.07
N ASP A 94 -6.88 -10.96 -6.29
CA ASP A 94 -7.16 -12.09 -5.40
C ASP A 94 -6.62 -13.38 -6.03
N GLU A 95 -6.36 -14.39 -5.17
CA GLU A 95 -5.83 -15.71 -5.56
C GLU A 95 -6.39 -16.81 -4.60
N SER A 96 -7.45 -16.45 -3.87
CA SER A 96 -8.04 -17.26 -2.79
C SER A 96 -9.57 -17.35 -2.98
N ASP A 97 -10.02 -17.33 -4.26
CA ASP A 97 -11.44 -17.40 -4.66
C ASP A 97 -12.13 -18.67 -4.06
N MET A 1 10.04 31.76 -0.41
CA MET A 1 9.49 30.60 -1.16
C MET A 1 10.42 30.18 -2.33
N GLY A 2 11.59 30.83 -2.45
CA GLY A 2 12.47 30.67 -3.61
C GLY A 2 13.39 29.45 -3.56
N HIS A 3 13.10 28.48 -2.65
CA HIS A 3 13.86 27.22 -2.54
C HIS A 3 13.01 26.13 -1.85
N HIS A 4 12.62 25.11 -2.62
CA HIS A 4 11.91 23.90 -2.13
C HIS A 4 12.62 22.66 -2.70
N HIS A 5 13.92 22.55 -2.41
CA HIS A 5 14.78 21.44 -2.88
C HIS A 5 14.37 20.12 -2.22
N HIS A 6 13.61 19.28 -2.97
CA HIS A 6 13.12 17.98 -2.47
C HIS A 6 12.90 16.99 -3.65
N HIS A 7 13.83 17.04 -4.63
CA HIS A 7 13.80 16.19 -5.85
C HIS A 7 12.65 16.62 -6.78
N HIS A 8 12.88 17.72 -7.53
CA HIS A 8 11.90 18.26 -8.51
C HIS A 8 11.92 17.47 -9.82
N SER A 9 13.12 17.10 -10.27
CA SER A 9 13.30 16.21 -11.41
C SER A 9 13.12 14.76 -10.95
N HIS A 10 11.89 14.25 -11.10
CA HIS A 10 11.53 12.88 -10.71
C HIS A 10 12.09 11.87 -11.74
N MET A 11 13.41 11.68 -11.69
CA MET A 11 14.16 10.82 -12.62
C MET A 11 14.47 9.48 -11.94
N GLY A 12 14.06 8.38 -12.59
CA GLY A 12 14.32 7.03 -12.10
C GLY A 12 13.46 6.65 -10.91
N SER A 13 12.20 6.24 -11.19
CA SER A 13 11.27 5.74 -10.18
C SER A 13 11.76 4.36 -9.68
N GLU A 14 12.20 4.31 -8.41
CA GLU A 14 12.80 3.11 -7.81
C GLU A 14 11.75 2.02 -7.46
N GLU A 15 12.22 0.94 -6.83
CA GLU A 15 11.39 -0.18 -6.37
C GLU A 15 12.10 -0.90 -5.19
N ASP A 16 12.87 -0.10 -4.43
CA ASP A 16 13.79 -0.60 -3.38
C ASP A 16 13.06 -1.42 -2.31
N ASP A 17 13.65 -2.57 -1.96
CA ASP A 17 13.08 -3.53 -1.00
C ASP A 17 13.07 -2.95 0.42
N GLY A 18 13.96 -1.99 0.70
CA GLY A 18 13.97 -1.28 1.98
C GLY A 18 12.72 -0.41 2.14
N VAL A 19 12.37 0.33 1.07
CA VAL A 19 11.14 1.14 0.99
C VAL A 19 9.90 0.23 1.14
N VAL A 20 9.85 -0.84 0.32
CA VAL A 20 8.75 -1.83 0.30
C VAL A 20 8.51 -2.43 1.70
N ALA A 21 9.61 -2.83 2.37
CA ALA A 21 9.57 -3.44 3.73
C ALA A 21 8.96 -2.51 4.77
N MET A 22 9.40 -1.23 4.79
CA MET A 22 8.92 -0.26 5.78
C MET A 22 7.50 0.22 5.47
N ILE A 23 7.06 0.13 4.18
CA ILE A 23 5.66 0.38 3.80
C ILE A 23 4.78 -0.73 4.43
N LYS A 24 5.22 -2.00 4.28
CA LYS A 24 4.53 -3.17 4.88
C LYS A 24 4.40 -3.01 6.41
N GLU A 25 5.43 -2.43 7.04
CA GLU A 25 5.46 -2.18 8.48
C GLU A 25 4.44 -1.09 8.87
N LEU A 26 4.49 0.06 8.17
CA LEU A 26 3.60 1.22 8.43
C LEU A 26 2.13 0.85 8.20
N LEU A 27 1.88 -0.07 7.26
CA LEU A 27 0.55 -0.63 7.03
C LEU A 27 0.18 -1.55 8.20
N ASP A 28 1.06 -2.52 8.50
CA ASP A 28 0.76 -3.62 9.45
C ASP A 28 0.44 -3.11 10.87
N THR A 29 1.27 -2.22 11.37
CA THR A 29 1.21 -1.74 12.77
C THR A 29 0.15 -0.64 12.95
N ARG A 30 0.00 0.23 11.95
CA ARG A 30 -0.80 1.46 12.07
C ARG A 30 -2.17 1.32 11.40
N ILE A 31 -2.15 0.91 10.10
CA ILE A 31 -3.34 0.96 9.23
C ILE A 31 -4.21 -0.30 9.40
N ARG A 32 -3.61 -1.50 9.17
CA ARG A 32 -4.32 -2.81 9.21
C ARG A 32 -5.26 -2.96 10.44
N PRO A 33 -4.78 -2.80 11.74
CA PRO A 33 -5.65 -3.01 12.94
C PRO A 33 -6.86 -2.05 12.94
N THR A 34 -6.65 -0.81 12.47
CA THR A 34 -7.69 0.23 12.37
C THR A 34 -8.78 -0.17 11.35
N VAL A 35 -8.32 -0.69 10.18
CA VAL A 35 -9.20 -1.14 9.09
C VAL A 35 -9.90 -2.47 9.48
N GLN A 36 -9.28 -3.26 10.36
CA GLN A 36 -9.85 -4.52 10.90
C GLN A 36 -10.88 -4.22 12.01
N GLU A 37 -10.74 -3.06 12.68
CA GLU A 37 -11.77 -2.53 13.59
C GLU A 37 -12.94 -1.94 12.78
N ASP A 38 -12.63 -1.51 11.54
CA ASP A 38 -13.65 -1.08 10.58
C ASP A 38 -14.33 -2.30 9.92
N GLY A 39 -13.65 -3.46 9.94
CA GLY A 39 -14.25 -4.74 9.52
C GLY A 39 -13.42 -5.50 8.50
N GLY A 40 -12.70 -4.75 7.63
CA GLY A 40 -11.92 -5.35 6.54
C GLY A 40 -10.44 -5.40 6.84
N ASP A 41 -9.59 -5.07 5.84
CA ASP A 41 -8.12 -5.09 5.97
C ASP A 41 -7.48 -4.49 4.70
N VAL A 42 -6.17 -4.15 4.79
CA VAL A 42 -5.37 -3.63 3.67
C VAL A 42 -4.21 -4.62 3.38
N ILE A 43 -4.29 -5.27 2.20
CA ILE A 43 -3.30 -6.27 1.75
C ILE A 43 -2.33 -5.58 0.79
N TYR A 44 -1.04 -5.58 1.14
CA TYR A 44 0.00 -5.00 0.31
C TYR A 44 0.26 -5.93 -0.88
N LYS A 45 -0.18 -5.50 -2.07
CA LYS A 45 0.01 -6.23 -3.32
C LYS A 45 1.32 -5.82 -3.99
N GLY A 46 1.63 -4.51 -3.98
CA GLY A 46 2.84 -4.01 -4.64
C GLY A 46 3.09 -2.53 -4.46
N PHE A 47 4.16 -2.07 -5.14
CA PHE A 47 4.59 -0.67 -5.17
C PHE A 47 5.39 -0.48 -6.47
N GLU A 48 4.79 0.25 -7.41
CA GLU A 48 5.38 0.51 -8.73
C GLU A 48 5.00 1.94 -9.13
N ASP A 49 5.97 2.71 -9.64
CA ASP A 49 5.77 4.10 -10.13
C ASP A 49 5.32 5.01 -8.98
N GLY A 50 5.74 4.67 -7.75
CA GLY A 50 5.38 5.39 -6.54
C GLY A 50 3.97 5.10 -6.04
N ILE A 51 3.24 4.25 -6.76
CA ILE A 51 1.86 3.92 -6.48
C ILE A 51 1.81 2.62 -5.65
N VAL A 52 1.46 2.77 -4.37
CA VAL A 52 1.34 1.67 -3.41
C VAL A 52 0.00 0.95 -3.64
N GLN A 53 0.06 -0.20 -4.32
CA GLN A 53 -1.13 -0.94 -4.73
C GLN A 53 -1.60 -1.85 -3.59
N LEU A 54 -2.76 -1.49 -3.01
CA LEU A 54 -3.35 -2.16 -1.86
C LEU A 54 -4.72 -2.73 -2.22
N LYS A 55 -4.95 -3.96 -1.82
CA LYS A 55 -6.23 -4.63 -1.91
C LYS A 55 -7.06 -4.33 -0.64
N LEU A 56 -8.26 -3.77 -0.82
CA LEU A 56 -9.16 -3.49 0.32
C LEU A 56 -10.15 -4.66 0.47
N GLN A 57 -10.43 -5.04 1.73
CA GLN A 57 -11.34 -6.16 2.05
C GLN A 57 -12.76 -5.66 2.35
N GLY A 58 -13.71 -6.62 2.49
CA GLY A 58 -15.13 -6.34 2.74
C GLY A 58 -15.39 -5.46 3.95
N SER A 59 -16.53 -4.74 3.95
CA SER A 59 -16.95 -3.75 4.98
C SER A 59 -16.20 -2.40 4.85
N CYS A 60 -14.94 -2.45 4.36
CA CYS A 60 -14.13 -1.26 4.08
C CYS A 60 -14.34 -0.81 2.62
N THR A 61 -14.46 -1.81 1.72
CA THR A 61 -14.60 -1.57 0.26
C THR A 61 -16.08 -1.54 -0.17
N SER A 62 -17.02 -1.72 0.78
CA SER A 62 -18.47 -1.73 0.49
C SER A 62 -18.93 -0.35 -0.02
N CYS A 63 -18.46 0.72 0.64
CA CYS A 63 -18.79 2.10 0.29
C CYS A 63 -17.62 2.74 -0.49
N PRO A 64 -17.84 3.19 -1.78
CA PRO A 64 -16.83 3.99 -2.54
C PRO A 64 -16.31 5.22 -1.76
N SER A 65 -17.21 5.81 -0.94
CA SER A 65 -16.88 6.94 -0.05
C SER A 65 -15.71 6.57 0.89
N SER A 66 -15.82 5.36 1.50
CA SER A 66 -14.83 4.82 2.44
C SER A 66 -13.52 4.49 1.72
N ILE A 67 -13.62 3.99 0.47
CA ILE A 67 -12.46 3.64 -0.37
C ILE A 67 -11.58 4.88 -0.62
N ILE A 68 -12.23 6.00 -1.00
CA ILE A 68 -11.57 7.28 -1.29
C ILE A 68 -10.82 7.80 -0.03
N THR A 69 -11.53 7.85 1.11
CA THR A 69 -11.00 8.37 2.39
C THR A 69 -9.85 7.49 2.91
N LEU A 70 -10.01 6.16 2.78
CA LEU A 70 -9.01 5.18 3.25
C LEU A 70 -7.72 5.31 2.42
N LYS A 71 -7.86 5.26 1.09
CA LYS A 71 -6.75 5.38 0.12
C LYS A 71 -5.99 6.71 0.30
N ASN A 72 -6.73 7.81 0.51
CA ASN A 72 -6.15 9.16 0.71
C ASN A 72 -5.41 9.24 2.05
N GLY A 73 -6.01 8.65 3.11
CA GLY A 73 -5.42 8.63 4.44
C GLY A 73 -4.08 7.90 4.46
N ILE A 74 -4.05 6.74 3.77
CA ILE A 74 -2.85 5.92 3.61
C ILE A 74 -1.81 6.64 2.74
N GLN A 75 -2.29 7.40 1.71
CA GLN A 75 -1.42 8.18 0.82
C GLN A 75 -0.66 9.25 1.62
N ASN A 76 -1.39 10.15 2.30
CA ASN A 76 -0.82 11.24 3.11
C ASN A 76 0.10 10.71 4.23
N MET A 77 -0.23 9.51 4.75
CA MET A 77 0.60 8.82 5.75
C MET A 77 1.95 8.40 5.15
N LEU A 78 1.90 7.65 4.03
CA LEU A 78 3.09 7.11 3.35
C LEU A 78 3.95 8.22 2.72
N GLN A 79 3.31 9.34 2.35
CA GLN A 79 4.00 10.51 1.76
C GLN A 79 4.65 11.37 2.86
N PHE A 80 4.15 11.22 4.10
CA PHE A 80 4.73 11.89 5.29
C PHE A 80 6.09 11.26 5.62
N TYR A 81 6.12 9.93 5.66
CA TYR A 81 7.31 9.16 6.04
C TYR A 81 8.27 8.94 4.84
N ILE A 82 7.70 8.78 3.62
CA ILE A 82 8.44 8.37 2.41
C ILE A 82 8.07 9.31 1.22
N PRO A 83 9.05 10.07 0.64
CA PRO A 83 8.78 10.98 -0.51
C PRO A 83 8.66 10.25 -1.87
N GLU A 84 9.01 8.95 -1.90
CA GLU A 84 8.97 8.13 -3.13
C GLU A 84 7.52 7.80 -3.54
N VAL A 85 6.64 7.71 -2.53
CA VAL A 85 5.22 7.39 -2.71
C VAL A 85 4.49 8.54 -3.44
N GLU A 86 4.22 8.34 -4.74
CA GLU A 86 3.40 9.25 -5.54
C GLU A 86 1.93 9.18 -5.14
N GLY A 87 1.49 7.99 -4.71
CA GLY A 87 0.12 7.78 -4.31
C GLY A 87 -0.14 6.36 -3.87
N VAL A 88 -1.41 6.07 -3.62
CA VAL A 88 -1.92 4.75 -3.27
C VAL A 88 -3.08 4.43 -4.24
N GLU A 89 -3.21 3.16 -4.63
CA GLU A 89 -4.28 2.71 -5.53
C GLU A 89 -4.95 1.47 -4.91
N GLN A 90 -6.27 1.38 -5.04
CA GLN A 90 -7.01 0.17 -4.70
C GLN A 90 -6.94 -0.76 -5.93
N VAL A 91 -6.29 -1.92 -5.76
CA VAL A 91 -6.34 -3.01 -6.72
C VAL A 91 -7.33 -4.07 -6.21
N MET A 92 -8.48 -4.20 -6.90
CA MET A 92 -9.51 -5.19 -6.55
C MET A 92 -9.09 -6.54 -7.10
N ASP A 93 -9.10 -7.54 -6.23
CA ASP A 93 -8.63 -8.90 -6.53
C ASP A 93 -9.63 -9.92 -5.96
N ASP A 94 -10.45 -10.48 -6.84
CA ASP A 94 -11.45 -11.48 -6.46
C ASP A 94 -10.79 -12.83 -6.10
N GLU A 95 -11.53 -13.71 -5.41
CA GLU A 95 -10.96 -14.93 -4.81
C GLU A 95 -11.37 -16.15 -5.64
N SER A 96 -12.67 -16.51 -5.56
CA SER A 96 -13.24 -17.73 -6.16
C SER A 96 -14.24 -17.39 -7.28
N ASP A 97 -14.11 -16.16 -7.81
CA ASP A 97 -15.07 -15.58 -8.75
C ASP A 97 -14.64 -15.91 -10.20
N MET A 1 12.68 -17.62 -5.89
CA MET A 1 11.36 -17.87 -5.26
C MET A 1 10.44 -18.61 -6.25
N GLY A 2 9.37 -19.24 -5.73
CA GLY A 2 8.34 -19.86 -6.57
C GLY A 2 7.79 -21.16 -5.98
N HIS A 3 8.69 -22.00 -5.46
CA HIS A 3 8.37 -23.39 -5.04
C HIS A 3 7.64 -23.39 -3.67
N HIS A 4 8.01 -22.45 -2.77
CA HIS A 4 7.32 -22.24 -1.48
C HIS A 4 7.06 -20.75 -1.26
N HIS A 5 8.14 -19.96 -1.14
CA HIS A 5 8.06 -18.49 -1.05
C HIS A 5 7.53 -17.94 -2.37
N HIS A 6 6.42 -17.20 -2.29
CA HIS A 6 5.65 -16.77 -3.47
C HIS A 6 6.34 -15.62 -4.23
N HIS A 7 6.18 -15.67 -5.56
CA HIS A 7 6.76 -14.69 -6.50
C HIS A 7 5.69 -14.36 -7.55
N HIS A 8 4.73 -13.51 -7.13
CA HIS A 8 3.59 -13.08 -7.98
C HIS A 8 4.07 -12.05 -9.02
N SER A 9 5.01 -11.21 -8.61
CA SER A 9 5.66 -10.23 -9.50
C SER A 9 6.90 -10.87 -10.15
N HIS A 10 7.49 -10.14 -11.09
CA HIS A 10 8.77 -10.50 -11.75
C HIS A 10 9.57 -9.21 -12.02
N MET A 11 9.26 -8.18 -11.22
CA MET A 11 9.71 -6.79 -11.41
C MET A 11 11.24 -6.65 -11.38
N GLY A 12 11.91 -7.46 -10.54
CA GLY A 12 13.36 -7.43 -10.39
C GLY A 12 13.89 -6.12 -9.79
N SER A 13 13.01 -5.39 -9.09
CA SER A 13 13.32 -4.07 -8.52
C SER A 13 14.05 -4.22 -7.17
N GLU A 14 15.33 -4.60 -7.26
CA GLU A 14 16.18 -4.79 -6.08
C GLU A 14 16.69 -3.43 -5.57
N GLU A 15 16.92 -3.38 -4.25
CA GLU A 15 17.36 -2.18 -3.51
C GLU A 15 16.25 -1.10 -3.44
N ASP A 16 15.02 -1.50 -3.85
CA ASP A 16 13.77 -0.74 -3.62
C ASP A 16 12.95 -1.41 -2.51
N ASP A 17 13.35 -2.65 -2.14
CA ASP A 17 12.63 -3.49 -1.16
C ASP A 17 12.79 -2.96 0.27
N GLY A 18 13.77 -2.04 0.47
CA GLY A 18 13.89 -1.31 1.74
C GLY A 18 12.71 -0.36 1.96
N VAL A 19 12.32 0.35 0.87
CA VAL A 19 11.11 1.19 0.83
C VAL A 19 9.85 0.31 1.00
N VAL A 20 9.78 -0.73 0.16
CA VAL A 20 8.67 -1.71 0.14
C VAL A 20 8.42 -2.34 1.54
N ALA A 21 9.53 -2.66 2.24
CA ALA A 21 9.49 -3.28 3.59
C ALA A 21 8.94 -2.31 4.64
N MET A 22 9.41 -1.04 4.59
CA MET A 22 8.99 -0.02 5.57
C MET A 22 7.54 0.45 5.30
N ILE A 23 7.07 0.29 4.04
CA ILE A 23 5.64 0.51 3.71
C ILE A 23 4.81 -0.60 4.38
N LYS A 24 5.24 -1.88 4.17
CA LYS A 24 4.60 -3.07 4.79
C LYS A 24 4.51 -2.93 6.31
N GLU A 25 5.58 -2.38 6.91
CA GLU A 25 5.71 -2.20 8.37
C GLU A 25 4.68 -1.16 8.86
N LEU A 26 4.68 0.04 8.20
CA LEU A 26 3.79 1.16 8.56
C LEU A 26 2.30 0.75 8.40
N LEU A 27 2.01 -0.08 7.38
CA LEU A 27 0.66 -0.60 7.16
C LEU A 27 0.29 -1.60 8.26
N ASP A 28 1.16 -2.60 8.46
CA ASP A 28 0.87 -3.79 9.30
C ASP A 28 0.64 -3.41 10.77
N THR A 29 1.42 -2.44 11.26
CA THR A 29 1.39 -2.03 12.67
C THR A 29 0.30 -0.95 12.93
N ARG A 30 0.09 -0.04 11.96
CA ARG A 30 -0.75 1.16 12.16
C ARG A 30 -2.12 1.01 11.48
N ILE A 31 -2.11 0.76 10.16
CA ILE A 31 -3.31 0.86 9.32
C ILE A 31 -4.15 -0.42 9.38
N ARG A 32 -3.49 -1.60 9.21
CA ARG A 32 -4.17 -2.92 9.20
C ARG A 32 -5.05 -3.13 10.45
N PRO A 33 -4.54 -2.96 11.74
CA PRO A 33 -5.37 -3.11 12.96
C PRO A 33 -6.63 -2.20 12.94
N THR A 34 -6.43 -0.94 12.49
CA THR A 34 -7.51 0.06 12.37
C THR A 34 -8.63 -0.42 11.41
N VAL A 35 -8.23 -0.86 10.21
CA VAL A 35 -9.16 -1.29 9.15
C VAL A 35 -9.83 -2.65 9.51
N GLN A 36 -9.15 -3.46 10.33
CA GLN A 36 -9.71 -4.73 10.88
C GLN A 36 -10.76 -4.43 11.95
N GLU A 37 -10.58 -3.31 12.68
CA GLU A 37 -11.58 -2.79 13.63
C GLU A 37 -12.77 -2.15 12.88
N ASP A 38 -12.49 -1.65 11.65
CA ASP A 38 -13.51 -1.19 10.69
C ASP A 38 -14.22 -2.40 10.04
N GLY A 39 -13.54 -3.57 10.07
CA GLY A 39 -14.12 -4.83 9.62
C GLY A 39 -13.46 -5.39 8.37
N GLY A 40 -12.71 -4.53 7.65
CA GLY A 40 -11.98 -4.93 6.44
C GLY A 40 -10.52 -5.24 6.74
N ASP A 41 -9.63 -4.93 5.77
CA ASP A 41 -8.16 -5.03 5.92
C ASP A 41 -7.48 -4.40 4.70
N VAL A 42 -6.20 -4.02 4.87
CA VAL A 42 -5.35 -3.50 3.78
C VAL A 42 -4.19 -4.48 3.56
N ILE A 43 -4.15 -5.10 2.37
CA ILE A 43 -3.16 -6.14 2.05
C ILE A 43 -2.17 -5.54 1.05
N TYR A 44 -0.88 -5.51 1.42
CA TYR A 44 0.16 -4.96 0.55
C TYR A 44 0.37 -5.88 -0.66
N LYS A 45 0.04 -5.36 -1.85
CA LYS A 45 0.08 -6.11 -3.12
C LYS A 45 1.32 -5.74 -3.96
N GLY A 46 1.80 -4.50 -3.82
CA GLY A 46 3.03 -4.09 -4.51
C GLY A 46 3.31 -2.59 -4.46
N PHE A 47 4.32 -2.17 -5.24
CA PHE A 47 4.73 -0.77 -5.39
C PHE A 47 5.31 -0.63 -6.81
N GLU A 48 4.60 0.07 -7.69
CA GLU A 48 5.01 0.29 -9.08
C GLU A 48 4.90 1.78 -9.40
N ASP A 49 5.95 2.36 -10.01
CA ASP A 49 6.01 3.78 -10.47
C ASP A 49 6.23 4.79 -9.32
N GLY A 50 5.67 4.48 -8.15
CA GLY A 50 5.52 5.44 -7.04
C GLY A 50 4.17 5.27 -6.36
N ILE A 51 3.33 4.40 -6.94
CA ILE A 51 1.99 4.10 -6.44
C ILE A 51 2.04 2.79 -5.63
N VAL A 52 1.58 2.88 -4.37
CA VAL A 52 1.49 1.74 -3.45
C VAL A 52 0.17 1.01 -3.72
N GLN A 53 0.27 -0.22 -4.20
CA GLN A 53 -0.88 -1.03 -4.58
C GLN A 53 -1.34 -1.87 -3.39
N LEU A 54 -2.58 -1.60 -2.91
CA LEU A 54 -3.18 -2.23 -1.72
C LEU A 54 -4.56 -2.79 -2.06
N LYS A 55 -4.85 -3.99 -1.57
CA LYS A 55 -6.18 -4.60 -1.67
C LYS A 55 -7.02 -4.15 -0.46
N LEU A 56 -8.24 -3.67 -0.72
CA LEU A 56 -9.20 -3.33 0.36
C LEU A 56 -10.26 -4.46 0.44
N GLN A 57 -10.70 -4.79 1.67
CA GLN A 57 -11.70 -5.84 1.91
C GLN A 57 -13.13 -5.24 2.00
N GLY A 58 -14.14 -6.13 2.12
CA GLY A 58 -15.56 -5.75 1.98
C GLY A 58 -16.19 -5.14 3.23
N SER A 59 -15.69 -3.95 3.59
CA SER A 59 -16.24 -3.10 4.65
C SER A 59 -15.97 -1.63 4.25
N CYS A 60 -14.70 -1.35 3.95
CA CYS A 60 -14.26 -0.07 3.36
C CYS A 60 -14.78 0.04 1.92
N THR A 61 -14.69 -1.10 1.21
CA THR A 61 -15.09 -1.22 -0.18
C THR A 61 -16.63 -1.20 -0.36
N SER A 62 -17.36 -1.44 0.75
CA SER A 62 -18.83 -1.49 0.75
C SER A 62 -19.48 -0.10 0.59
N CYS A 63 -18.67 0.97 0.67
CA CYS A 63 -19.13 2.35 0.54
C CYS A 63 -18.15 3.16 -0.36
N PRO A 64 -18.62 3.70 -1.54
CA PRO A 64 -17.74 4.35 -2.56
C PRO A 64 -16.79 5.46 -2.02
N SER A 65 -17.33 6.36 -1.15
CA SER A 65 -16.55 7.48 -0.59
C SER A 65 -15.54 6.99 0.45
N SER A 66 -15.93 5.95 1.22
CA SER A 66 -15.07 5.34 2.26
C SER A 66 -13.80 4.68 1.64
N ILE A 67 -13.95 4.17 0.40
CA ILE A 67 -12.82 3.67 -0.42
C ILE A 67 -11.78 4.78 -0.64
N ILE A 68 -12.26 5.92 -1.18
CA ILE A 68 -11.45 7.09 -1.54
C ILE A 68 -10.76 7.67 -0.29
N THR A 69 -11.53 7.76 0.82
CA THR A 69 -11.06 8.34 2.07
C THR A 69 -9.97 7.49 2.72
N LEU A 70 -10.15 6.15 2.72
CA LEU A 70 -9.17 5.22 3.29
C LEU A 70 -7.86 5.26 2.49
N LYS A 71 -8.01 5.16 1.14
CA LYS A 71 -6.88 5.21 0.20
C LYS A 71 -6.07 6.51 0.38
N ASN A 72 -6.78 7.64 0.55
CA ASN A 72 -6.16 8.98 0.71
C ASN A 72 -5.51 9.14 2.10
N GLY A 73 -6.12 8.54 3.13
CA GLY A 73 -5.56 8.59 4.49
C GLY A 73 -4.23 7.86 4.60
N ILE A 74 -4.20 6.66 3.98
CA ILE A 74 -2.99 5.82 3.87
C ILE A 74 -1.94 6.55 2.99
N GLN A 75 -2.43 7.16 1.92
CA GLN A 75 -1.62 7.92 0.95
C GLN A 75 -0.90 9.07 1.66
N ASN A 76 -1.65 9.83 2.46
CA ASN A 76 -1.11 10.98 3.23
C ASN A 76 -0.07 10.52 4.27
N MET A 77 -0.32 9.34 4.90
CA MET A 77 0.61 8.76 5.91
C MET A 77 1.94 8.36 5.25
N LEU A 78 1.83 7.55 4.18
CA LEU A 78 3.00 7.02 3.46
C LEU A 78 3.78 8.14 2.74
N GLN A 79 3.09 9.21 2.33
CA GLN A 79 3.74 10.40 1.71
C GLN A 79 4.45 11.24 2.78
N PHE A 80 3.87 11.30 4.00
CA PHE A 80 4.40 12.09 5.12
C PHE A 80 5.80 11.60 5.51
N TYR A 81 5.94 10.27 5.61
CA TYR A 81 7.21 9.62 5.97
C TYR A 81 8.10 9.43 4.73
N ILE A 82 7.57 8.69 3.75
CA ILE A 82 8.32 8.26 2.55
C ILE A 82 8.03 9.21 1.35
N PRO A 83 9.07 9.87 0.75
CA PRO A 83 8.89 10.76 -0.42
C PRO A 83 8.64 9.99 -1.73
N GLU A 84 9.03 8.70 -1.75
CA GLU A 84 8.93 7.83 -2.95
C GLU A 84 7.48 7.49 -3.29
N VAL A 85 6.60 7.52 -2.27
CA VAL A 85 5.17 7.31 -2.45
C VAL A 85 4.54 8.54 -3.12
N GLU A 86 4.39 8.47 -4.44
CA GLU A 86 3.63 9.47 -5.22
C GLU A 86 2.14 9.36 -4.92
N GLY A 87 1.68 8.12 -4.65
CA GLY A 87 0.29 7.87 -4.33
C GLY A 87 0.01 6.43 -3.90
N VAL A 88 -1.28 6.12 -3.71
CA VAL A 88 -1.78 4.76 -3.38
C VAL A 88 -2.97 4.43 -4.31
N GLU A 89 -3.17 3.14 -4.65
CA GLU A 89 -4.30 2.67 -5.47
C GLU A 89 -4.90 1.38 -4.88
N GLN A 90 -6.22 1.20 -5.11
CA GLN A 90 -6.97 0.00 -4.72
C GLN A 90 -6.87 -1.07 -5.83
N VAL A 91 -6.28 -2.23 -5.51
CA VAL A 91 -6.18 -3.39 -6.42
C VAL A 91 -6.86 -4.61 -5.77
N MET A 92 -8.03 -4.98 -6.32
CA MET A 92 -8.89 -6.03 -5.75
C MET A 92 -8.84 -7.32 -6.59
N ASP A 93 -7.88 -8.19 -6.28
CA ASP A 93 -7.81 -9.56 -6.82
C ASP A 93 -8.47 -10.51 -5.80
N ASP A 94 -9.44 -11.30 -6.25
CA ASP A 94 -10.18 -12.24 -5.40
C ASP A 94 -10.74 -13.36 -6.26
N GLU A 95 -11.68 -13.01 -7.15
CA GLU A 95 -12.11 -13.90 -8.24
C GLU A 95 -11.05 -13.90 -9.34
N SER A 96 -10.39 -12.72 -9.51
CA SER A 96 -9.29 -12.52 -10.47
C SER A 96 -9.75 -12.81 -11.91
N ASP A 97 -11.04 -12.53 -12.17
CA ASP A 97 -11.76 -12.96 -13.37
C ASP A 97 -12.50 -11.75 -14.00
N MET A 1 37.53 -17.01 -3.55
CA MET A 1 36.17 -16.75 -3.03
C MET A 1 36.14 -15.47 -2.17
N GLY A 2 37.33 -14.96 -1.78
CA GLY A 2 37.44 -13.70 -1.02
C GLY A 2 37.10 -12.48 -1.88
N HIS A 3 35.80 -12.27 -2.08
CA HIS A 3 35.26 -11.15 -2.88
C HIS A 3 33.92 -10.72 -2.27
N HIS A 4 33.39 -9.60 -2.77
CA HIS A 4 32.09 -9.04 -2.34
C HIS A 4 31.34 -8.54 -3.60
N HIS A 5 30.27 -7.76 -3.38
CA HIS A 5 29.59 -6.99 -4.43
C HIS A 5 29.10 -5.68 -3.79
N HIS A 6 29.49 -4.53 -4.38
CA HIS A 6 29.15 -3.21 -3.84
C HIS A 6 28.74 -2.25 -4.95
N HIS A 7 27.63 -1.55 -4.71
CA HIS A 7 27.17 -0.43 -5.52
C HIS A 7 27.30 0.83 -4.65
N HIS A 8 27.73 1.95 -5.26
CA HIS A 8 27.92 3.24 -4.54
C HIS A 8 26.58 3.79 -3.99
N SER A 9 25.46 3.27 -4.53
CA SER A 9 24.09 3.60 -4.09
C SER A 9 23.88 3.30 -2.59
N HIS A 10 24.17 4.30 -1.74
CA HIS A 10 23.88 4.26 -0.30
C HIS A 10 22.41 4.66 -0.12
N MET A 11 21.54 3.66 -0.30
CA MET A 11 20.08 3.86 -0.45
C MET A 11 19.81 4.75 -1.70
N GLY A 12 19.89 4.10 -2.86
CA GLY A 12 19.72 4.77 -4.16
C GLY A 12 19.35 3.78 -5.25
N SER A 13 18.23 3.08 -5.03
CA SER A 13 17.70 2.07 -5.94
C SER A 13 16.20 2.32 -6.16
N GLU A 14 15.78 2.43 -7.43
CA GLU A 14 14.38 2.75 -7.80
C GLU A 14 13.42 1.60 -7.41
N GLU A 15 13.98 0.38 -7.36
CA GLU A 15 13.27 -0.84 -6.92
C GLU A 15 14.11 -1.57 -5.85
N ASP A 16 14.02 -1.09 -4.60
CA ASP A 16 14.69 -1.70 -3.44
C ASP A 16 13.65 -2.29 -2.48
N ASP A 17 14.11 -3.20 -1.63
CA ASP A 17 13.25 -3.90 -0.65
C ASP A 17 13.06 -3.07 0.63
N GLY A 18 13.84 -1.97 0.80
CA GLY A 18 13.79 -1.14 2.01
C GLY A 18 12.51 -0.30 2.10
N VAL A 19 12.17 0.40 0.99
CA VAL A 19 10.93 1.17 0.86
C VAL A 19 9.73 0.22 0.98
N VAL A 20 9.80 -0.91 0.26
CA VAL A 20 8.77 -1.96 0.27
C VAL A 20 8.51 -2.48 1.70
N ALA A 21 9.60 -2.72 2.45
CA ALA A 21 9.55 -3.25 3.82
C ALA A 21 8.95 -2.25 4.81
N MET A 22 9.34 -0.96 4.68
CA MET A 22 8.85 0.10 5.57
C MET A 22 7.40 0.47 5.24
N ILE A 23 6.97 0.30 3.97
CA ILE A 23 5.55 0.45 3.60
C ILE A 23 4.73 -0.64 4.33
N LYS A 24 5.20 -1.90 4.25
CA LYS A 24 4.55 -3.06 4.88
C LYS A 24 4.37 -2.87 6.39
N GLU A 25 5.40 -2.32 7.07
CA GLU A 25 5.36 -2.12 8.53
C GLU A 25 4.39 -0.97 8.85
N LEU A 26 4.45 0.15 8.09
CA LEU A 26 3.57 1.34 8.29
C LEU A 26 2.09 0.97 8.09
N LEU A 27 1.83 -0.03 7.23
CA LEU A 27 0.49 -0.60 7.05
C LEU A 27 0.14 -1.47 8.26
N ASP A 28 0.97 -2.46 8.55
CA ASP A 28 0.68 -3.55 9.50
C ASP A 28 0.53 -3.04 10.95
N THR A 29 1.27 -1.99 11.28
CA THR A 29 1.33 -1.43 12.64
C THR A 29 0.29 -0.31 12.85
N ARG A 30 -0.08 0.40 11.76
CA ARG A 30 -0.92 1.62 11.84
C ARG A 30 -2.28 1.42 11.13
N ILE A 31 -2.23 1.09 9.82
CA ILE A 31 -3.42 1.07 8.94
C ILE A 31 -4.28 -0.19 9.18
N ARG A 32 -3.66 -1.39 8.99
CA ARG A 32 -4.34 -2.70 9.15
C ARG A 32 -5.16 -2.80 10.45
N PRO A 33 -4.60 -2.44 11.69
CA PRO A 33 -5.42 -2.40 12.94
C PRO A 33 -6.74 -1.63 12.78
N THR A 34 -6.64 -0.40 12.25
CA THR A 34 -7.79 0.51 12.05
C THR A 34 -8.87 -0.10 11.12
N VAL A 35 -8.44 -0.69 9.99
CA VAL A 35 -9.35 -1.29 8.99
C VAL A 35 -10.00 -2.58 9.54
N GLN A 36 -9.25 -3.29 10.40
CA GLN A 36 -9.74 -4.53 11.05
C GLN A 36 -10.74 -4.20 12.16
N GLU A 37 -10.64 -3.00 12.77
CA GLU A 37 -11.67 -2.50 13.71
C GLU A 37 -12.95 -2.15 12.91
N ASP A 38 -12.73 -1.59 11.71
CA ASP A 38 -13.80 -1.21 10.76
C ASP A 38 -14.49 -2.46 10.15
N GLY A 39 -13.78 -3.61 10.17
CA GLY A 39 -14.34 -4.89 9.76
C GLY A 39 -13.61 -5.55 8.58
N GLY A 40 -12.83 -4.75 7.84
CA GLY A 40 -12.08 -5.22 6.67
C GLY A 40 -10.59 -5.43 6.97
N ASP A 41 -9.76 -5.14 5.94
CA ASP A 41 -8.28 -5.23 6.03
C ASP A 41 -7.65 -4.66 4.74
N VAL A 42 -6.34 -4.37 4.79
CA VAL A 42 -5.55 -3.92 3.63
C VAL A 42 -4.33 -4.85 3.45
N ILE A 43 -4.20 -5.41 2.23
CA ILE A 43 -3.12 -6.35 1.89
C ILE A 43 -2.17 -5.64 0.90
N TYR A 44 -0.86 -5.62 1.22
CA TYR A 44 0.16 -5.03 0.34
C TYR A 44 0.29 -5.86 -0.96
N LYS A 45 -0.08 -5.24 -2.09
CA LYS A 45 -0.03 -5.87 -3.43
C LYS A 45 1.28 -5.57 -4.14
N GLY A 46 1.75 -4.31 -4.03
CA GLY A 46 3.02 -3.90 -4.63
C GLY A 46 3.30 -2.43 -4.50
N PHE A 47 4.42 -2.00 -5.11
CA PHE A 47 4.87 -0.60 -5.19
C PHE A 47 5.76 -0.46 -6.42
N GLU A 48 5.34 0.38 -7.36
CA GLU A 48 6.09 0.64 -8.60
C GLU A 48 5.85 2.09 -9.05
N ASP A 49 6.92 2.72 -9.61
CA ASP A 49 6.97 4.15 -9.97
C ASP A 49 6.92 5.02 -8.69
N GLY A 50 5.70 5.24 -8.19
CA GLY A 50 5.44 5.92 -6.93
C GLY A 50 4.08 5.56 -6.39
N ILE A 51 3.48 4.51 -6.96
CA ILE A 51 2.11 4.11 -6.67
C ILE A 51 2.11 2.83 -5.81
N VAL A 52 1.58 2.95 -4.59
CA VAL A 52 1.46 1.81 -3.67
C VAL A 52 0.14 1.08 -3.97
N GLN A 53 0.22 -0.12 -4.53
CA GLN A 53 -0.95 -0.91 -4.89
C GLN A 53 -1.37 -1.71 -3.65
N LEU A 54 -2.62 -1.52 -3.21
CA LEU A 54 -3.16 -2.15 -2.00
C LEU A 54 -4.53 -2.78 -2.28
N LYS A 55 -4.73 -3.96 -1.70
CA LYS A 55 -5.99 -4.68 -1.75
C LYS A 55 -6.87 -4.21 -0.61
N LEU A 56 -8.06 -3.70 -0.94
CA LEU A 56 -9.08 -3.40 0.05
C LEU A 56 -10.01 -4.62 0.16
N GLN A 57 -10.53 -4.88 1.37
CA GLN A 57 -11.40 -6.03 1.65
C GLN A 57 -12.87 -5.65 1.44
N GLY A 58 -13.72 -6.70 1.30
CA GLY A 58 -15.15 -6.55 1.04
C GLY A 58 -15.94 -6.09 2.27
N SER A 59 -15.66 -4.84 2.68
CA SER A 59 -16.22 -4.21 3.87
C SER A 59 -16.13 -2.69 3.64
N CYS A 60 -14.88 -2.21 3.45
CA CYS A 60 -14.60 -0.81 3.08
C CYS A 60 -15.07 -0.52 1.65
N THR A 61 -14.91 -1.52 0.76
CA THR A 61 -15.31 -1.45 -0.65
C THR A 61 -16.84 -1.27 -0.81
N SER A 62 -17.60 -1.77 0.19
CA SER A 62 -19.08 -1.71 0.21
C SER A 62 -19.62 -0.26 0.19
N CYS A 63 -18.78 0.70 0.64
CA CYS A 63 -19.09 2.13 0.61
C CYS A 63 -17.96 2.87 -0.17
N PRO A 64 -18.26 3.46 -1.39
CA PRO A 64 -17.25 4.16 -2.22
C PRO A 64 -16.57 5.35 -1.50
N SER A 65 -17.28 5.97 -0.54
CA SER A 65 -16.76 7.08 0.26
C SER A 65 -15.72 6.57 1.29
N SER A 66 -15.92 5.32 1.80
CA SER A 66 -14.95 4.67 2.70
C SER A 66 -13.65 4.37 1.96
N ILE A 67 -13.77 3.99 0.65
CA ILE A 67 -12.63 3.73 -0.23
C ILE A 67 -11.74 4.99 -0.37
N ILE A 68 -12.38 6.13 -0.67
CA ILE A 68 -11.69 7.42 -0.86
C ILE A 68 -10.94 7.84 0.42
N THR A 69 -11.65 7.82 1.55
CA THR A 69 -11.12 8.22 2.87
C THR A 69 -9.93 7.35 3.29
N LEU A 70 -10.08 6.01 3.12
CA LEU A 70 -9.07 5.02 3.50
C LEU A 70 -7.80 5.22 2.67
N LYS A 71 -7.97 5.24 1.33
CA LYS A 71 -6.87 5.40 0.36
C LYS A 71 -6.09 6.70 0.62
N ASN A 72 -6.82 7.80 0.91
CA ASN A 72 -6.22 9.12 1.20
C ASN A 72 -5.42 9.11 2.51
N GLY A 73 -5.97 8.47 3.55
CA GLY A 73 -5.31 8.37 4.86
C GLY A 73 -3.98 7.61 4.77
N ILE A 74 -4.03 6.48 4.04
CA ILE A 74 -2.86 5.62 3.79
C ILE A 74 -1.81 6.40 2.98
N GLN A 75 -2.29 7.05 1.91
CA GLN A 75 -1.44 7.77 0.94
C GLN A 75 -0.64 8.87 1.64
N ASN A 76 -1.36 9.71 2.41
CA ASN A 76 -0.78 10.87 3.11
C ASN A 76 0.20 10.42 4.21
N MET A 77 -0.10 9.29 4.87
CA MET A 77 0.79 8.68 5.89
C MET A 77 2.11 8.21 5.26
N LEU A 78 1.98 7.40 4.18
CA LEU A 78 3.13 6.84 3.45
C LEU A 78 4.00 7.94 2.84
N GLN A 79 3.37 9.01 2.32
CA GLN A 79 4.06 10.18 1.76
C GLN A 79 4.84 10.94 2.86
N PHE A 80 4.24 11.01 4.05
CA PHE A 80 4.78 11.77 5.20
C PHE A 80 6.14 11.20 5.66
N TYR A 81 6.31 9.87 5.49
CA TYR A 81 7.56 9.17 5.88
C TYR A 81 8.41 8.78 4.64
N ILE A 82 7.78 8.70 3.45
CA ILE A 82 8.43 8.20 2.21
C ILE A 82 8.11 9.16 1.03
N PRO A 83 9.10 9.96 0.53
CA PRO A 83 8.91 10.86 -0.64
C PRO A 83 8.75 10.09 -1.99
N GLU A 84 9.06 8.78 -1.99
CA GLU A 84 8.90 7.90 -3.18
C GLU A 84 7.42 7.71 -3.53
N VAL A 85 6.57 7.64 -2.48
CA VAL A 85 5.13 7.48 -2.63
C VAL A 85 4.51 8.76 -3.22
N GLU A 86 4.15 8.70 -4.50
CA GLU A 86 3.38 9.75 -5.20
C GLU A 86 1.88 9.55 -4.96
N GLY A 87 1.46 8.28 -4.78
CA GLY A 87 0.04 7.95 -4.59
C GLY A 87 -0.18 6.50 -4.19
N VAL A 88 -1.48 6.11 -4.14
CA VAL A 88 -1.94 4.76 -3.78
C VAL A 88 -3.08 4.34 -4.74
N GLU A 89 -2.99 3.11 -5.27
CA GLU A 89 -3.99 2.54 -6.19
C GLU A 89 -4.80 1.46 -5.45
N GLN A 90 -6.13 1.47 -5.67
CA GLN A 90 -7.01 0.40 -5.17
C GLN A 90 -7.03 -0.73 -6.21
N VAL A 91 -6.78 -1.95 -5.72
CA VAL A 91 -7.01 -3.20 -6.44
C VAL A 91 -7.67 -4.19 -5.46
N MET A 92 -8.30 -5.26 -5.96
CA MET A 92 -8.82 -6.35 -5.10
C MET A 92 -8.63 -7.71 -5.80
N ASP A 93 -7.43 -8.27 -5.65
CA ASP A 93 -7.03 -9.56 -6.20
C ASP A 93 -6.25 -10.35 -5.14
N ASP A 94 -6.26 -11.69 -5.25
CA ASP A 94 -5.66 -12.60 -4.26
C ASP A 94 -5.71 -14.07 -4.75
N GLU A 95 -5.45 -15.01 -3.83
CA GLU A 95 -5.34 -16.47 -4.10
C GLU A 95 -6.46 -17.29 -3.41
N SER A 96 -7.28 -16.60 -2.60
CA SER A 96 -8.30 -17.25 -1.73
C SER A 96 -9.74 -16.88 -2.19
N ASP A 97 -9.84 -16.28 -3.39
CA ASP A 97 -11.12 -15.90 -4.01
C ASP A 97 -11.91 -17.14 -4.48
N MET A 1 5.73 22.77 -14.55
CA MET A 1 6.36 23.27 -15.82
C MET A 1 6.18 22.24 -16.95
N GLY A 2 5.95 20.96 -16.58
CA GLY A 2 5.73 19.88 -17.52
C GLY A 2 5.54 18.54 -16.83
N HIS A 3 5.15 17.51 -17.61
CA HIS A 3 4.94 16.15 -17.10
C HIS A 3 6.30 15.43 -16.96
N HIS A 4 7.06 15.79 -15.91
CA HIS A 4 8.43 15.30 -15.69
C HIS A 4 8.41 13.84 -15.17
N HIS A 5 8.55 12.90 -16.12
CA HIS A 5 8.61 11.46 -15.85
C HIS A 5 9.92 10.92 -16.44
N HIS A 6 10.73 10.25 -15.63
CA HIS A 6 12.03 9.70 -16.07
C HIS A 6 11.83 8.41 -16.90
N HIS A 7 11.47 8.61 -18.18
CA HIS A 7 11.20 7.54 -19.14
C HIS A 7 12.42 7.27 -20.04
N HIS A 8 13.61 7.71 -19.60
CA HIS A 8 14.90 7.40 -20.24
C HIS A 8 15.89 6.88 -19.18
N SER A 9 15.70 5.62 -18.80
CA SER A 9 16.62 4.88 -17.92
C SER A 9 16.74 3.46 -18.45
N HIS A 10 17.92 3.14 -19.00
CA HIS A 10 18.25 1.78 -19.49
C HIS A 10 18.28 0.78 -18.32
N MET A 11 18.71 1.25 -17.14
CA MET A 11 18.73 0.43 -15.92
C MET A 11 17.31 0.34 -15.34
N GLY A 12 16.75 -0.88 -15.36
CA GLY A 12 15.43 -1.15 -14.76
C GLY A 12 15.50 -1.08 -13.25
N SER A 13 15.34 0.15 -12.71
CA SER A 13 15.42 0.39 -11.26
C SER A 13 14.21 -0.24 -10.56
N GLU A 14 14.45 -1.36 -9.85
CA GLU A 14 13.46 -1.99 -8.98
C GLU A 14 13.15 -1.05 -7.81
N GLU A 15 11.87 -0.99 -7.38
CA GLU A 15 11.47 -0.20 -6.21
C GLU A 15 12.17 -0.78 -4.98
N ASP A 16 12.93 0.07 -4.30
CA ASP A 16 13.84 -0.33 -3.20
C ASP A 16 13.08 -1.13 -2.14
N ASP A 17 13.55 -2.36 -1.87
CA ASP A 17 12.89 -3.30 -0.95
C ASP A 17 13.00 -2.86 0.51
N GLY A 18 13.81 -1.80 0.77
CA GLY A 18 13.80 -1.09 2.05
C GLY A 18 12.56 -0.21 2.18
N VAL A 19 12.26 0.56 1.10
CA VAL A 19 11.02 1.35 0.97
C VAL A 19 9.79 0.44 1.08
N VAL A 20 9.82 -0.65 0.29
CA VAL A 20 8.74 -1.66 0.20
C VAL A 20 8.49 -2.33 1.58
N ALA A 21 9.57 -2.68 2.29
CA ALA A 21 9.49 -3.31 3.63
C ALA A 21 8.88 -2.37 4.68
N MET A 22 9.30 -1.09 4.66
CA MET A 22 8.82 -0.11 5.65
C MET A 22 7.37 0.33 5.34
N ILE A 23 6.94 0.21 4.05
CA ILE A 23 5.52 0.39 3.66
C ILE A 23 4.68 -0.71 4.33
N LYS A 24 5.11 -1.98 4.17
CA LYS A 24 4.43 -3.16 4.78
C LYS A 24 4.25 -2.97 6.30
N GLU A 25 5.30 -2.43 6.96
CA GLU A 25 5.30 -2.16 8.40
C GLU A 25 4.25 -1.09 8.76
N LEU A 26 4.29 0.07 8.06
CA LEU A 26 3.38 1.22 8.30
C LEU A 26 1.91 0.81 8.12
N LEU A 27 1.66 -0.12 7.18
CA LEU A 27 0.35 -0.72 6.98
C LEU A 27 -0.02 -1.63 8.17
N ASP A 28 0.86 -2.60 8.45
CA ASP A 28 0.57 -3.72 9.37
C ASP A 28 0.37 -3.23 10.82
N THR A 29 1.11 -2.18 11.20
CA THR A 29 1.10 -1.63 12.56
C THR A 29 -0.03 -0.61 12.75
N ARG A 30 -0.14 0.37 11.82
CA ARG A 30 -1.11 1.47 11.95
C ARG A 30 -2.44 1.12 11.27
N ILE A 31 -2.38 0.85 9.95
CA ILE A 31 -3.56 0.86 9.06
C ILE A 31 -4.43 -0.39 9.27
N ARG A 32 -3.85 -1.60 9.02
CA ARG A 32 -4.58 -2.90 9.11
C ARG A 32 -5.47 -3.00 10.38
N PRO A 33 -4.92 -2.78 11.66
CA PRO A 33 -5.75 -2.77 12.91
C PRO A 33 -6.97 -1.82 12.84
N THR A 34 -6.75 -0.59 12.31
CA THR A 34 -7.80 0.44 12.14
C THR A 34 -8.94 -0.03 11.21
N VAL A 35 -8.54 -0.60 10.06
CA VAL A 35 -9.46 -1.07 9.02
C VAL A 35 -10.24 -2.32 9.50
N GLN A 36 -9.59 -3.13 10.35
CA GLN A 36 -10.18 -4.33 10.96
C GLN A 36 -11.25 -3.96 12.01
N GLU A 37 -11.17 -2.75 12.59
CA GLU A 37 -12.23 -2.22 13.48
C GLU A 37 -13.52 -1.97 12.69
N ASP A 38 -13.33 -1.53 11.43
CA ASP A 38 -14.44 -1.31 10.47
C ASP A 38 -14.91 -2.65 9.87
N GLY A 39 -14.02 -3.66 9.89
CA GLY A 39 -14.34 -5.01 9.42
C GLY A 39 -13.61 -5.38 8.13
N GLY A 40 -12.86 -4.42 7.56
CA GLY A 40 -12.02 -4.67 6.37
C GLY A 40 -10.59 -5.00 6.75
N ASP A 41 -9.66 -4.80 5.80
CA ASP A 41 -8.21 -5.02 5.98
C ASP A 41 -7.47 -4.53 4.72
N VAL A 42 -6.15 -4.25 4.85
CA VAL A 42 -5.30 -3.82 3.72
C VAL A 42 -4.10 -4.79 3.58
N ILE A 43 -3.92 -5.36 2.39
CA ILE A 43 -2.83 -6.28 2.07
C ILE A 43 -1.92 -5.61 1.05
N TYR A 44 -0.61 -5.54 1.32
CA TYR A 44 0.37 -4.95 0.40
C TYR A 44 0.51 -5.83 -0.86
N LYS A 45 0.18 -5.24 -2.03
CA LYS A 45 0.26 -5.92 -3.34
C LYS A 45 1.55 -5.54 -4.07
N GLY A 46 1.86 -4.23 -4.07
CA GLY A 46 3.03 -3.74 -4.78
C GLY A 46 3.22 -2.23 -4.67
N PHE A 47 4.21 -1.75 -5.43
CA PHE A 47 4.62 -0.35 -5.50
C PHE A 47 5.26 -0.15 -6.88
N GLU A 48 4.64 0.67 -7.73
CA GLU A 48 5.14 0.96 -9.08
C GLU A 48 4.69 2.37 -9.51
N ASP A 49 5.64 3.14 -10.10
CA ASP A 49 5.43 4.52 -10.59
C ASP A 49 5.01 5.47 -9.44
N GLY A 50 5.40 5.09 -8.20
CA GLY A 50 5.05 5.85 -7.00
C GLY A 50 3.68 5.49 -6.43
N ILE A 51 2.97 4.58 -7.08
CA ILE A 51 1.63 4.13 -6.68
C ILE A 51 1.74 2.85 -5.84
N VAL A 52 1.43 2.97 -4.55
CA VAL A 52 1.38 1.85 -3.61
C VAL A 52 0.04 1.13 -3.80
N GLN A 53 0.09 -0.03 -4.46
CA GLN A 53 -1.10 -0.80 -4.81
C GLN A 53 -1.46 -1.76 -3.66
N LEU A 54 -2.69 -1.63 -3.14
CA LEU A 54 -3.16 -2.34 -1.92
C LEU A 54 -4.51 -3.03 -2.14
N LYS A 55 -4.68 -4.22 -1.55
CA LYS A 55 -5.91 -4.99 -1.59
C LYS A 55 -6.80 -4.59 -0.40
N LEU A 56 -7.97 -4.02 -0.68
CA LEU A 56 -8.95 -3.67 0.36
C LEU A 56 -9.94 -4.83 0.55
N GLN A 57 -10.40 -5.04 1.79
CA GLN A 57 -11.41 -6.08 2.12
C GLN A 57 -12.80 -5.45 2.30
N GLY A 58 -13.81 -6.31 2.53
CA GLY A 58 -15.21 -5.90 2.69
C GLY A 58 -15.46 -4.85 3.77
N SER A 59 -16.68 -4.26 3.74
CA SER A 59 -17.11 -3.13 4.60
C SER A 59 -16.51 -1.80 4.08
N CYS A 60 -15.17 -1.74 3.98
CA CYS A 60 -14.45 -0.60 3.39
C CYS A 60 -14.81 -0.44 1.91
N THR A 61 -14.93 -1.59 1.22
CA THR A 61 -15.26 -1.64 -0.22
C THR A 61 -16.78 -1.48 -0.48
N SER A 62 -17.61 -1.55 0.59
CA SER A 62 -19.07 -1.37 0.49
C SER A 62 -19.43 0.08 0.09
N CYS A 63 -18.58 1.04 0.47
CA CYS A 63 -18.77 2.48 0.18
C CYS A 63 -17.56 3.03 -0.61
N PRO A 64 -17.80 3.60 -1.85
CA PRO A 64 -16.73 4.29 -2.65
C PRO A 64 -16.02 5.39 -1.85
N SER A 65 -16.81 6.11 -1.05
CA SER A 65 -16.33 7.21 -0.20
C SER A 65 -15.34 6.70 0.87
N SER A 66 -15.60 5.48 1.41
CA SER A 66 -14.73 4.85 2.41
C SER A 66 -13.42 4.36 1.77
N ILE A 67 -13.49 3.91 0.49
CA ILE A 67 -12.31 3.54 -0.30
C ILE A 67 -11.39 4.77 -0.49
N ILE A 68 -12.01 5.91 -0.84
CA ILE A 68 -11.31 7.20 -1.06
C ILE A 68 -10.63 7.68 0.23
N THR A 69 -11.41 7.78 1.33
CA THR A 69 -10.94 8.27 2.64
C THR A 69 -9.78 7.42 3.18
N LEU A 70 -9.93 6.08 3.09
CA LEU A 70 -8.91 5.12 3.56
C LEU A 70 -7.62 5.26 2.74
N LYS A 71 -7.76 5.26 1.40
CA LYS A 71 -6.65 5.41 0.44
C LYS A 71 -5.86 6.71 0.70
N ASN A 72 -6.59 7.79 1.06
CA ASN A 72 -6.00 9.11 1.38
C ASN A 72 -5.21 9.08 2.70
N GLY A 73 -5.76 8.39 3.71
CA GLY A 73 -5.09 8.26 5.02
C GLY A 73 -3.76 7.52 4.92
N ILE A 74 -3.80 6.41 4.16
CA ILE A 74 -2.62 5.60 3.83
C ILE A 74 -1.62 6.41 3.01
N GLN A 75 -2.15 7.19 2.04
CA GLN A 75 -1.35 8.03 1.13
C GLN A 75 -0.49 9.02 1.93
N ASN A 76 -1.15 9.89 2.73
CA ASN A 76 -0.48 10.94 3.53
C ASN A 76 0.53 10.34 4.55
N MET A 77 0.17 9.17 5.13
CA MET A 77 1.06 8.44 6.06
C MET A 77 2.38 8.08 5.34
N LEU A 78 2.26 7.33 4.23
CA LEU A 78 3.41 6.85 3.43
C LEU A 78 4.21 8.01 2.82
N GLN A 79 3.52 9.13 2.49
CA GLN A 79 4.13 10.33 1.86
C GLN A 79 4.93 11.16 2.88
N PHE A 80 4.60 11.03 4.17
CA PHE A 80 5.31 11.73 5.26
C PHE A 80 6.73 11.15 5.41
N TYR A 81 6.82 9.81 5.41
CA TYR A 81 8.08 9.08 5.62
C TYR A 81 8.84 8.91 4.30
N ILE A 82 8.08 8.68 3.21
CA ILE A 82 8.63 8.28 1.89
C ILE A 82 8.13 9.27 0.81
N PRO A 83 9.04 10.16 0.28
CA PRO A 83 8.68 11.08 -0.84
C PRO A 83 8.58 10.36 -2.20
N GLU A 84 8.89 9.05 -2.25
CA GLU A 84 8.74 8.23 -3.47
C GLU A 84 7.27 7.81 -3.69
N VAL A 85 6.41 7.99 -2.67
CA VAL A 85 4.98 7.67 -2.78
C VAL A 85 4.23 8.85 -3.43
N GLU A 86 3.87 8.68 -4.71
CA GLU A 86 3.00 9.60 -5.45
C GLU A 86 1.54 9.47 -4.99
N GLY A 87 1.14 8.24 -4.66
CA GLY A 87 -0.21 7.95 -4.22
C GLY A 87 -0.43 6.49 -3.89
N VAL A 88 -1.70 6.12 -3.67
CA VAL A 88 -2.15 4.74 -3.36
C VAL A 88 -3.34 4.38 -4.28
N GLU A 89 -3.48 3.08 -4.62
CA GLU A 89 -4.57 2.58 -5.49
C GLU A 89 -5.15 1.26 -4.93
N GLN A 90 -6.44 1.03 -5.18
CA GLN A 90 -7.14 -0.22 -4.80
C GLN A 90 -6.94 -1.26 -5.92
N VAL A 91 -6.47 -2.47 -5.53
CA VAL A 91 -6.33 -3.65 -6.41
C VAL A 91 -6.68 -4.91 -5.58
N MET A 92 -7.82 -5.57 -5.87
CA MET A 92 -8.26 -6.78 -5.13
C MET A 92 -8.17 -8.00 -6.05
N ASP A 93 -7.16 -8.86 -5.82
CA ASP A 93 -7.10 -10.20 -6.43
C ASP A 93 -8.12 -11.10 -5.70
N ASP A 94 -9.38 -10.99 -6.14
CA ASP A 94 -10.51 -11.61 -5.45
C ASP A 94 -10.44 -13.14 -5.55
N GLU A 95 -10.51 -13.81 -4.39
CA GLU A 95 -10.36 -15.28 -4.29
C GLU A 95 -11.59 -16.06 -4.82
N SER A 96 -12.57 -15.31 -5.35
CA SER A 96 -13.69 -15.86 -6.13
C SER A 96 -13.27 -15.97 -7.63
N ASP A 97 -12.09 -16.56 -7.85
CA ASP A 97 -11.48 -16.73 -9.18
C ASP A 97 -11.79 -18.15 -9.69
N MET A 1 31.42 -23.04 -1.61
CA MET A 1 31.31 -21.69 -0.96
C MET A 1 31.07 -20.59 -2.01
N GLY A 2 31.19 -20.95 -3.31
CA GLY A 2 30.95 -20.02 -4.40
C GLY A 2 29.47 -19.74 -4.59
N HIS A 3 28.97 -18.64 -3.98
CA HIS A 3 27.57 -18.21 -4.12
C HIS A 3 27.46 -16.68 -3.99
N HIS A 4 27.90 -15.98 -5.04
CA HIS A 4 27.71 -14.52 -5.20
C HIS A 4 28.18 -14.12 -6.60
N HIS A 5 27.23 -13.98 -7.54
CA HIS A 5 27.53 -13.57 -8.92
C HIS A 5 27.50 -12.05 -9.01
N HIS A 6 28.69 -11.42 -9.15
CA HIS A 6 28.80 -9.96 -9.31
C HIS A 6 28.49 -9.56 -10.77
N HIS A 7 27.89 -8.39 -10.96
CA HIS A 7 27.35 -7.94 -12.27
C HIS A 7 28.04 -6.66 -12.75
N HIS A 8 28.05 -6.47 -14.08
CA HIS A 8 28.47 -5.21 -14.74
C HIS A 8 27.24 -4.43 -15.23
N SER A 9 26.30 -5.12 -15.92
CA SER A 9 25.09 -4.48 -16.47
C SER A 9 24.03 -4.27 -15.36
N HIS A 10 24.19 -3.17 -14.60
CA HIS A 10 23.28 -2.77 -13.51
C HIS A 10 22.21 -1.83 -14.12
N MET A 11 21.05 -2.39 -14.48
CA MET A 11 19.94 -1.65 -15.12
C MET A 11 19.22 -0.75 -14.10
N GLY A 12 18.44 0.20 -14.62
CA GLY A 12 17.59 1.09 -13.80
C GLY A 12 16.31 0.40 -13.31
N SER A 13 16.13 -0.88 -13.70
CA SER A 13 15.00 -1.72 -13.25
C SER A 13 15.18 -2.12 -11.78
N GLU A 14 14.86 -1.17 -10.90
CA GLU A 14 15.10 -1.29 -9.45
C GLU A 14 13.90 -0.74 -8.68
N GLU A 15 13.75 -1.21 -7.44
CA GLU A 15 12.93 -0.57 -6.41
C GLU A 15 13.63 -0.82 -5.06
N ASP A 16 13.66 0.22 -4.21
CA ASP A 16 14.32 0.15 -2.91
C ASP A 16 13.52 -0.80 -2.00
N ASP A 17 14.09 -2.00 -1.78
CA ASP A 17 13.47 -3.05 -0.94
C ASP A 17 13.29 -2.56 0.51
N GLY A 18 14.09 -1.55 0.91
CA GLY A 18 13.96 -0.89 2.21
C GLY A 18 12.69 -0.04 2.29
N VAL A 19 12.37 0.68 1.19
CA VAL A 19 11.12 1.45 1.05
C VAL A 19 9.92 0.49 1.09
N VAL A 20 9.99 -0.57 0.26
CA VAL A 20 8.93 -1.60 0.15
C VAL A 20 8.69 -2.28 1.52
N ALA A 21 9.79 -2.57 2.23
CA ALA A 21 9.78 -3.23 3.55
C ALA A 21 9.10 -2.34 4.61
N MET A 22 9.47 -1.04 4.62
CA MET A 22 8.94 -0.10 5.61
C MET A 22 7.48 0.28 5.28
N ILE A 23 7.06 0.16 4.00
CA ILE A 23 5.64 0.32 3.63
C ILE A 23 4.84 -0.79 4.31
N LYS A 24 5.33 -2.05 4.19
CA LYS A 24 4.69 -3.23 4.79
C LYS A 24 4.49 -3.07 6.31
N GLU A 25 5.52 -2.53 7.01
CA GLU A 25 5.46 -2.35 8.47
C GLU A 25 4.49 -1.21 8.84
N LEU A 26 4.54 -0.09 8.08
CA LEU A 26 3.67 1.10 8.32
C LEU A 26 2.19 0.74 8.11
N LEU A 27 1.92 -0.19 7.19
CA LEU A 27 0.59 -0.76 7.02
C LEU A 27 0.23 -1.59 8.26
N ASP A 28 1.08 -2.57 8.58
CA ASP A 28 0.80 -3.59 9.61
C ASP A 28 0.63 -2.99 11.02
N THR A 29 1.36 -1.90 11.29
CA THR A 29 1.41 -1.25 12.61
C THR A 29 0.35 -0.14 12.75
N ARG A 30 0.12 0.62 11.67
CA ARG A 30 -0.78 1.80 11.69
C ARG A 30 -2.11 1.53 10.96
N ILE A 31 -2.02 1.15 9.67
CA ILE A 31 -3.20 1.11 8.76
C ILE A 31 -4.07 -0.12 9.04
N ARG A 32 -3.52 -1.34 8.83
CA ARG A 32 -4.23 -2.63 9.02
C ARG A 32 -5.07 -2.69 10.34
N PRO A 33 -4.52 -2.34 11.57
CA PRO A 33 -5.32 -2.31 12.84
C PRO A 33 -6.59 -1.44 12.72
N THR A 34 -6.43 -0.23 12.16
CA THR A 34 -7.52 0.75 11.97
C THR A 34 -8.62 0.19 11.04
N VAL A 35 -8.19 -0.45 9.93
CA VAL A 35 -9.10 -1.02 8.92
C VAL A 35 -9.80 -2.29 9.46
N GLN A 36 -9.11 -3.01 10.36
CA GLN A 36 -9.65 -4.22 11.04
C GLN A 36 -10.69 -3.83 12.11
N GLU A 37 -10.57 -2.60 12.65
CA GLU A 37 -11.61 -1.99 13.53
C GLU A 37 -12.82 -1.54 12.67
N ASP A 38 -12.51 -1.12 11.43
CA ASP A 38 -13.52 -0.68 10.44
C ASP A 38 -14.27 -1.89 9.83
N GLY A 39 -13.66 -3.09 9.91
CA GLY A 39 -14.31 -4.34 9.53
C GLY A 39 -13.52 -5.13 8.48
N GLY A 40 -12.71 -4.42 7.67
CA GLY A 40 -11.91 -5.04 6.60
C GLY A 40 -10.44 -5.16 6.94
N ASP A 41 -9.58 -4.95 5.92
CA ASP A 41 -8.11 -5.03 6.04
C ASP A 41 -7.46 -4.59 4.70
N VAL A 42 -6.15 -4.31 4.74
CA VAL A 42 -5.38 -3.90 3.54
C VAL A 42 -4.23 -4.90 3.32
N ILE A 43 -4.19 -5.48 2.12
CA ILE A 43 -3.17 -6.47 1.72
C ILE A 43 -2.20 -5.80 0.75
N TYR A 44 -0.89 -5.84 1.08
CA TYR A 44 0.15 -5.24 0.23
C TYR A 44 0.31 -6.07 -1.07
N LYS A 45 -0.16 -5.50 -2.18
CA LYS A 45 -0.16 -6.15 -3.50
C LYS A 45 1.02 -5.70 -4.36
N GLY A 46 1.44 -4.43 -4.23
CA GLY A 46 2.58 -3.93 -5.01
C GLY A 46 2.96 -2.48 -4.74
N PHE A 47 3.97 -2.02 -5.51
CA PHE A 47 4.47 -0.63 -5.50
C PHE A 47 5.16 -0.39 -6.86
N GLU A 48 4.52 0.43 -7.72
CA GLU A 48 5.00 0.72 -9.08
C GLU A 48 4.74 2.20 -9.37
N ASP A 49 5.77 2.92 -9.88
CA ASP A 49 5.68 4.36 -10.25
C ASP A 49 5.40 5.24 -9.00
N GLY A 50 5.75 4.70 -7.82
CA GLY A 50 5.48 5.37 -6.53
C GLY A 50 4.04 5.15 -6.03
N ILE A 51 3.28 4.31 -6.73
CA ILE A 51 1.87 4.03 -6.40
C ILE A 51 1.77 2.69 -5.66
N VAL A 52 1.33 2.76 -4.39
CA VAL A 52 1.19 1.60 -3.50
C VAL A 52 -0.15 0.88 -3.80
N GLN A 53 -0.07 -0.30 -4.38
CA GLN A 53 -1.26 -1.09 -4.76
C GLN A 53 -1.68 -1.97 -3.57
N LEU A 54 -2.91 -1.77 -3.09
CA LEU A 54 -3.45 -2.49 -1.93
C LEU A 54 -4.82 -3.09 -2.26
N LYS A 55 -5.09 -4.28 -1.71
CA LYS A 55 -6.42 -4.88 -1.75
C LYS A 55 -7.20 -4.44 -0.51
N LEU A 56 -8.39 -3.86 -0.72
CA LEU A 56 -9.30 -3.51 0.37
C LEU A 56 -10.29 -4.66 0.57
N GLN A 57 -10.60 -4.98 1.84
CA GLN A 57 -11.54 -6.06 2.19
C GLN A 57 -12.96 -5.50 2.42
N GLY A 58 -13.93 -6.42 2.52
CA GLY A 58 -15.34 -6.08 2.75
C GLY A 58 -15.54 -5.29 4.04
N SER A 59 -16.61 -4.44 4.06
CA SER A 59 -16.89 -3.45 5.12
C SER A 59 -15.91 -2.25 5.07
N CYS A 60 -15.09 -2.17 4.00
CA CYS A 60 -14.15 -1.06 3.74
C CYS A 60 -14.21 -0.68 2.26
N THR A 61 -14.35 -1.71 1.39
CA THR A 61 -14.49 -1.53 -0.07
C THR A 61 -15.98 -1.55 -0.51
N SER A 62 -16.90 -1.65 0.48
CA SER A 62 -18.34 -1.76 0.21
C SER A 62 -18.92 -0.40 -0.21
N CYS A 63 -18.45 0.69 0.43
CA CYS A 63 -18.88 2.06 0.14
C CYS A 63 -17.75 2.81 -0.61
N PRO A 64 -18.02 3.36 -1.84
CA PRO A 64 -17.01 4.14 -2.64
C PRO A 64 -16.43 5.35 -1.88
N SER A 65 -17.26 5.97 -1.03
CA SER A 65 -16.85 7.09 -0.15
C SER A 65 -15.73 6.63 0.81
N SER A 66 -15.94 5.45 1.40
CA SER A 66 -14.99 4.84 2.35
C SER A 66 -13.68 4.44 1.66
N ILE A 67 -13.78 3.99 0.37
CA ILE A 67 -12.60 3.63 -0.44
C ILE A 67 -11.68 4.84 -0.62
N ILE A 68 -12.26 5.98 -1.05
CA ILE A 68 -11.52 7.23 -1.29
C ILE A 68 -10.82 7.72 0.00
N THR A 69 -11.62 7.80 1.09
CA THR A 69 -11.16 8.30 2.39
C THR A 69 -10.01 7.44 2.95
N LEU A 70 -10.20 6.11 2.89
CA LEU A 70 -9.21 5.14 3.39
C LEU A 70 -7.91 5.26 2.60
N LYS A 71 -8.02 5.19 1.26
CA LYS A 71 -6.87 5.25 0.32
C LYS A 71 -6.07 6.55 0.51
N ASN A 72 -6.78 7.67 0.74
CA ASN A 72 -6.16 9.00 0.98
C ASN A 72 -5.41 9.03 2.33
N GLY A 73 -5.99 8.37 3.35
CA GLY A 73 -5.38 8.28 4.67
C GLY A 73 -4.08 7.49 4.66
N ILE A 74 -4.14 6.32 3.98
CA ILE A 74 -2.97 5.44 3.78
C ILE A 74 -1.88 6.19 3.00
N GLN A 75 -2.33 6.91 1.96
CA GLN A 75 -1.45 7.67 1.06
C GLN A 75 -0.65 8.72 1.84
N ASN A 76 -1.35 9.62 2.55
CA ASN A 76 -0.73 10.74 3.27
C ASN A 76 0.13 10.27 4.43
N MET A 77 -0.19 9.09 5.00
CA MET A 77 0.62 8.46 6.06
C MET A 77 1.95 7.95 5.45
N LEU A 78 1.86 7.16 4.37
CA LEU A 78 3.04 6.63 3.65
C LEU A 78 3.89 7.75 3.03
N GLN A 79 3.25 8.89 2.69
CA GLN A 79 3.93 10.08 2.13
C GLN A 79 4.64 10.89 3.22
N PHE A 80 4.06 10.85 4.45
CA PHE A 80 4.63 11.54 5.62
C PHE A 80 5.99 10.92 6.00
N TYR A 81 6.05 9.58 5.93
CA TYR A 81 7.26 8.81 6.25
C TYR A 81 8.19 8.68 5.03
N ILE A 82 7.62 8.57 3.81
CA ILE A 82 8.37 8.24 2.58
C ILE A 82 8.02 9.23 1.43
N PRO A 83 9.00 10.02 0.88
CA PRO A 83 8.73 10.96 -0.25
C PRO A 83 8.63 10.24 -1.63
N GLU A 84 8.90 8.92 -1.63
CA GLU A 84 8.89 8.07 -2.84
C GLU A 84 7.45 7.66 -3.21
N VAL A 85 6.56 7.67 -2.21
CA VAL A 85 5.14 7.35 -2.40
C VAL A 85 4.45 8.55 -3.09
N GLU A 86 4.20 8.41 -4.39
CA GLU A 86 3.46 9.39 -5.19
C GLU A 86 1.95 9.25 -4.92
N GLY A 87 1.52 8.03 -4.52
CA GLY A 87 0.13 7.77 -4.16
C GLY A 87 -0.12 6.32 -3.77
N VAL A 88 -1.42 6.00 -3.61
CA VAL A 88 -1.92 4.63 -3.34
C VAL A 88 -3.09 4.36 -4.32
N GLU A 89 -3.13 3.15 -4.91
CA GLU A 89 -4.24 2.73 -5.80
C GLU A 89 -4.90 1.47 -5.25
N GLN A 90 -6.24 1.39 -5.44
CA GLN A 90 -7.02 0.22 -5.05
C GLN A 90 -6.97 -0.82 -6.19
N VAL A 91 -6.39 -1.98 -5.90
CA VAL A 91 -6.53 -3.20 -6.71
C VAL A 91 -7.40 -4.18 -5.91
N MET A 92 -8.15 -5.05 -6.60
CA MET A 92 -9.15 -5.92 -5.94
C MET A 92 -9.09 -7.34 -6.51
N ASP A 93 -8.57 -8.29 -5.72
CA ASP A 93 -8.68 -9.74 -6.00
C ASP A 93 -10.05 -10.25 -5.53
N ASP A 94 -11.07 -9.93 -6.33
CA ASP A 94 -12.48 -10.29 -6.09
C ASP A 94 -13.07 -10.83 -7.39
N GLU A 95 -14.17 -11.60 -7.28
CA GLU A 95 -14.80 -12.29 -8.43
C GLU A 95 -15.52 -11.26 -9.33
N SER A 96 -16.41 -10.50 -8.70
CA SER A 96 -17.16 -9.39 -9.33
C SER A 96 -17.97 -8.66 -8.24
N ASP A 97 -18.62 -7.54 -8.62
CA ASP A 97 -19.52 -6.80 -7.72
C ASP A 97 -20.79 -7.63 -7.39
N MET A 1 34.00 -23.06 18.11
CA MET A 1 33.52 -22.02 17.18
C MET A 1 32.51 -21.09 17.86
N GLY A 2 32.45 -19.83 17.40
CA GLY A 2 31.51 -18.84 17.91
C GLY A 2 31.02 -17.96 16.79
N HIS A 3 29.81 -18.26 16.28
CA HIS A 3 29.22 -17.51 15.16
C HIS A 3 28.79 -16.10 15.61
N HIS A 4 29.64 -15.12 15.30
CA HIS A 4 29.34 -13.70 15.48
C HIS A 4 28.60 -13.16 14.24
N HIS A 5 28.27 -11.86 14.27
CA HIS A 5 27.69 -11.15 13.13
C HIS A 5 28.78 -11.00 12.05
N HIS A 6 28.35 -11.08 10.78
CA HIS A 6 29.24 -11.24 9.62
C HIS A 6 29.92 -9.92 9.19
N HIS A 7 29.77 -8.87 10.03
CA HIS A 7 30.50 -7.60 9.92
C HIS A 7 30.19 -6.88 8.59
N HIS A 8 28.92 -6.50 8.40
CA HIS A 8 28.46 -5.79 7.18
C HIS A 8 27.45 -4.70 7.57
N SER A 9 27.97 -3.54 8.00
CA SER A 9 27.16 -2.39 8.41
C SER A 9 27.58 -1.13 7.62
N HIS A 10 26.77 -0.76 6.65
CA HIS A 10 26.94 0.46 5.86
C HIS A 10 25.59 0.85 5.26
N MET A 11 25.31 2.16 5.18
CA MET A 11 24.05 2.67 4.64
C MET A 11 24.00 2.43 3.13
N GLY A 12 23.13 1.50 2.71
CA GLY A 12 22.93 1.21 1.29
C GLY A 12 22.21 2.34 0.55
N SER A 13 22.18 2.24 -0.79
CA SER A 13 21.49 3.20 -1.65
C SER A 13 19.96 3.03 -1.52
N GLU A 14 19.22 4.15 -1.63
CA GLU A 14 17.74 4.19 -1.49
C GLU A 14 16.98 3.45 -2.62
N GLU A 15 17.74 3.00 -3.66
CA GLU A 15 17.22 2.10 -4.72
C GLU A 15 16.85 0.69 -4.19
N ASP A 16 17.29 0.39 -2.96
CA ASP A 16 17.05 -0.90 -2.27
C ASP A 16 15.56 -1.08 -1.90
N ASP A 17 15.20 -2.30 -1.47
CA ASP A 17 13.84 -2.69 -1.03
C ASP A 17 13.41 -1.93 0.25
N GLY A 18 14.35 -1.20 0.91
CA GLY A 18 14.07 -0.43 2.15
C GLY A 18 12.80 0.43 2.12
N VAL A 19 12.48 1.02 0.95
CA VAL A 19 11.22 1.75 0.72
C VAL A 19 10.02 0.78 0.93
N VAL A 20 10.03 -0.30 0.16
CA VAL A 20 8.97 -1.35 0.14
C VAL A 20 8.85 -2.01 1.53
N ALA A 21 9.99 -2.13 2.22
CA ALA A 21 10.13 -2.86 3.48
C ALA A 21 9.42 -2.11 4.61
N MET A 22 9.64 -0.77 4.66
CA MET A 22 9.01 0.08 5.66
C MET A 22 7.52 0.29 5.34
N ILE A 23 7.12 0.17 4.04
CA ILE A 23 5.68 0.22 3.66
C ILE A 23 4.94 -0.97 4.33
N LYS A 24 5.50 -2.19 4.18
CA LYS A 24 4.97 -3.44 4.82
C LYS A 24 4.69 -3.23 6.32
N GLU A 25 5.65 -2.59 7.00
CA GLU A 25 5.63 -2.34 8.45
C GLU A 25 4.55 -1.31 8.83
N LEU A 26 4.62 -0.13 8.17
CA LEU A 26 3.72 1.02 8.44
C LEU A 26 2.24 0.63 8.29
N LEU A 27 1.97 -0.24 7.29
CA LEU A 27 0.64 -0.81 7.07
C LEU A 27 0.25 -1.74 8.24
N ASP A 28 1.08 -2.76 8.50
CA ASP A 28 0.74 -3.88 9.41
C ASP A 28 0.53 -3.41 10.86
N THR A 29 1.33 -2.42 11.27
CA THR A 29 1.31 -1.91 12.64
C THR A 29 0.23 -0.82 12.83
N ARG A 30 0.14 0.12 11.87
CA ARG A 30 -0.74 1.30 12.00
C ARG A 30 -2.10 1.08 11.29
N ILE A 31 -2.05 0.79 9.98
CA ILE A 31 -3.22 0.88 9.09
C ILE A 31 -4.14 -0.35 9.25
N ARG A 32 -3.58 -1.58 9.00
CA ARG A 32 -4.33 -2.86 9.02
C ARG A 32 -5.26 -2.97 10.26
N PRO A 33 -4.75 -2.82 11.57
CA PRO A 33 -5.62 -2.96 12.78
C PRO A 33 -6.84 -2.02 12.75
N THR A 34 -6.61 -0.76 12.31
CA THR A 34 -7.64 0.29 12.21
C THR A 34 -8.77 -0.10 11.22
N VAL A 35 -8.36 -0.57 10.02
CA VAL A 35 -9.29 -0.98 8.96
C VAL A 35 -10.03 -2.28 9.36
N GLN A 36 -9.33 -3.15 10.11
CA GLN A 36 -9.89 -4.41 10.64
C GLN A 36 -10.97 -4.13 11.69
N GLU A 37 -10.85 -3.01 12.43
CA GLU A 37 -11.88 -2.55 13.39
C GLU A 37 -13.13 -2.06 12.65
N ASP A 38 -12.92 -1.48 11.45
CA ASP A 38 -14.01 -1.04 10.56
C ASP A 38 -14.64 -2.24 9.82
N GLY A 39 -13.87 -3.35 9.73
CA GLY A 39 -14.36 -4.60 9.15
C GLY A 39 -13.60 -5.00 7.88
N GLY A 40 -12.87 -4.04 7.29
CA GLY A 40 -12.02 -4.28 6.11
C GLY A 40 -10.61 -4.73 6.47
N ASP A 41 -9.66 -4.55 5.53
CA ASP A 41 -8.23 -4.82 5.74
C ASP A 41 -7.46 -4.33 4.50
N VAL A 42 -6.14 -4.11 4.66
CA VAL A 42 -5.25 -3.69 3.57
C VAL A 42 -4.14 -4.75 3.42
N ILE A 43 -4.15 -5.46 2.29
CA ILE A 43 -3.17 -6.53 1.99
C ILE A 43 -2.21 -5.97 0.93
N TYR A 44 -0.92 -5.81 1.32
CA TYR A 44 0.09 -5.19 0.45
C TYR A 44 0.35 -6.07 -0.79
N LYS A 45 -0.11 -5.59 -1.96
CA LYS A 45 -0.03 -6.33 -3.22
C LYS A 45 1.22 -5.94 -4.01
N GLY A 46 1.53 -4.64 -4.04
CA GLY A 46 2.70 -4.16 -4.78
C GLY A 46 2.95 -2.66 -4.66
N PHE A 47 4.02 -2.22 -5.35
CA PHE A 47 4.47 -0.83 -5.39
C PHE A 47 5.36 -0.68 -6.62
N GLU A 48 4.99 0.24 -7.51
CA GLU A 48 5.81 0.59 -8.67
C GLU A 48 5.72 2.10 -8.90
N ASP A 49 6.89 2.71 -9.21
CA ASP A 49 7.06 4.16 -9.42
C ASP A 49 6.74 4.95 -8.13
N GLY A 50 5.43 5.20 -7.87
CA GLY A 50 4.98 5.94 -6.70
C GLY A 50 3.61 5.49 -6.20
N ILE A 51 3.05 4.45 -6.82
CA ILE A 51 1.69 3.96 -6.51
C ILE A 51 1.76 2.69 -5.68
N VAL A 52 1.24 2.76 -4.45
CA VAL A 52 1.15 1.63 -3.52
C VAL A 52 -0.18 0.89 -3.76
N GLN A 53 -0.12 -0.29 -4.40
CA GLN A 53 -1.31 -1.08 -4.72
C GLN A 53 -1.67 -1.98 -3.53
N LEU A 54 -2.86 -1.73 -2.95
CA LEU A 54 -3.36 -2.42 -1.75
C LEU A 54 -4.70 -3.08 -2.03
N LYS A 55 -4.92 -4.24 -1.39
CA LYS A 55 -6.18 -4.96 -1.46
C LYS A 55 -7.08 -4.46 -0.33
N LEU A 56 -8.10 -3.67 -0.69
CA LEU A 56 -9.08 -3.17 0.28
C LEU A 56 -10.22 -4.19 0.37
N GLN A 57 -10.54 -4.63 1.59
CA GLN A 57 -11.55 -5.68 1.84
C GLN A 57 -12.94 -5.06 2.09
N GLY A 58 -13.97 -5.94 2.18
CA GLY A 58 -15.36 -5.52 2.41
C GLY A 58 -15.58 -4.80 3.74
N SER A 59 -16.79 -4.21 3.89
CA SER A 59 -17.18 -3.28 4.99
C SER A 59 -16.56 -1.88 4.80
N CYS A 60 -15.24 -1.82 4.54
CA CYS A 60 -14.53 -0.57 4.23
C CYS A 60 -14.93 -0.06 2.83
N THR A 61 -15.14 -1.00 1.91
CA THR A 61 -15.49 -0.70 0.52
C THR A 61 -17.02 -0.67 0.32
N SER A 62 -17.76 -0.33 1.40
CA SER A 62 -19.22 -0.22 1.39
C SER A 62 -19.70 0.93 0.49
N CYS A 63 -18.95 2.04 0.48
CA CYS A 63 -19.26 3.23 -0.33
C CYS A 63 -17.95 3.83 -0.89
N PRO A 64 -17.97 4.39 -2.17
CA PRO A 64 -16.78 5.00 -2.83
C PRO A 64 -16.10 6.10 -1.98
N SER A 65 -16.90 6.79 -1.16
CA SER A 65 -16.42 7.82 -0.22
C SER A 65 -15.41 7.22 0.78
N SER A 66 -15.77 6.08 1.41
CA SER A 66 -14.91 5.39 2.40
C SER A 66 -13.65 4.77 1.74
N ILE A 67 -13.81 4.30 0.47
CA ILE A 67 -12.70 3.75 -0.35
C ILE A 67 -11.61 4.81 -0.59
N ILE A 68 -12.04 5.99 -1.08
CA ILE A 68 -11.15 7.10 -1.42
C ILE A 68 -10.50 7.72 -0.16
N THR A 69 -11.29 7.84 0.93
CA THR A 69 -10.83 8.38 2.22
C THR A 69 -9.76 7.44 2.86
N LEU A 70 -9.94 6.11 2.73
CA LEU A 70 -8.93 5.15 3.19
C LEU A 70 -7.67 5.24 2.32
N LYS A 71 -7.90 5.25 1.00
CA LYS A 71 -6.83 5.34 -0.03
C LYS A 71 -5.98 6.63 0.15
N ASN A 72 -6.62 7.71 0.63
CA ASN A 72 -5.96 9.00 0.93
C ASN A 72 -5.29 8.97 2.31
N GLY A 73 -5.91 8.29 3.29
CA GLY A 73 -5.37 8.20 4.64
C GLY A 73 -4.03 7.47 4.69
N ILE A 74 -4.00 6.30 4.05
CA ILE A 74 -2.80 5.48 3.88
C ILE A 74 -1.76 6.24 3.05
N GLN A 75 -2.23 6.91 1.99
CA GLN A 75 -1.42 7.73 1.08
C GLN A 75 -0.61 8.77 1.87
N ASN A 76 -1.30 9.64 2.64
CA ASN A 76 -0.69 10.72 3.42
C ASN A 76 0.29 10.17 4.50
N MET A 77 -0.04 9.01 5.09
CA MET A 77 0.81 8.36 6.11
C MET A 77 2.13 7.88 5.46
N LEU A 78 2.01 7.15 4.35
CA LEU A 78 3.16 6.64 3.57
C LEU A 78 3.98 7.80 2.96
N GLN A 79 3.32 8.93 2.64
CA GLN A 79 3.98 10.13 2.06
C GLN A 79 4.78 10.89 3.13
N PHE A 80 4.22 10.91 4.36
CA PHE A 80 4.83 11.57 5.52
C PHE A 80 6.23 11.01 5.80
N TYR A 81 6.34 9.67 5.69
CA TYR A 81 7.61 8.95 5.91
C TYR A 81 8.44 8.83 4.62
N ILE A 82 7.74 8.68 3.47
CA ILE A 82 8.38 8.32 2.16
C ILE A 82 7.89 9.29 1.06
N PRO A 83 8.77 10.20 0.53
CA PRO A 83 8.40 11.14 -0.57
C PRO A 83 8.26 10.45 -1.94
N GLU A 84 8.55 9.14 -1.99
CA GLU A 84 8.49 8.34 -3.22
C GLU A 84 7.04 7.94 -3.55
N VAL A 85 6.19 7.87 -2.51
CA VAL A 85 4.76 7.58 -2.66
C VAL A 85 4.04 8.82 -3.22
N GLU A 86 3.59 8.73 -4.48
CA GLU A 86 2.72 9.74 -5.11
C GLU A 86 1.25 9.47 -4.76
N GLY A 87 0.92 8.19 -4.51
CA GLY A 87 -0.46 7.80 -4.22
C GLY A 87 -0.60 6.33 -3.87
N VAL A 88 -1.86 5.92 -3.65
CA VAL A 88 -2.29 4.54 -3.37
C VAL A 88 -3.43 4.19 -4.37
N GLU A 89 -3.60 2.90 -4.68
CA GLU A 89 -4.68 2.42 -5.59
C GLU A 89 -5.22 1.07 -5.08
N GLN A 90 -6.54 0.85 -5.21
CA GLN A 90 -7.19 -0.41 -4.80
C GLN A 90 -7.10 -1.46 -5.93
N VAL A 91 -6.70 -2.67 -5.54
CA VAL A 91 -6.70 -3.89 -6.37
C VAL A 91 -7.26 -5.05 -5.53
N MET A 92 -7.70 -6.12 -6.19
CA MET A 92 -8.17 -7.35 -5.53
C MET A 92 -7.80 -8.59 -6.35
N ASP A 93 -6.82 -9.38 -5.84
CA ASP A 93 -6.50 -10.72 -6.39
C ASP A 93 -7.64 -11.68 -6.01
N ASP A 94 -8.72 -11.63 -6.81
CA ASP A 94 -10.00 -12.23 -6.47
C ASP A 94 -10.83 -12.42 -7.75
N GLU A 95 -11.38 -11.33 -8.31
CA GLU A 95 -12.22 -11.37 -9.54
C GLU A 95 -11.65 -10.47 -10.67
N SER A 96 -10.36 -10.13 -10.58
CA SER A 96 -9.68 -9.34 -11.62
C SER A 96 -8.15 -9.46 -11.48
N ASP A 97 -7.63 -8.92 -10.35
CA ASP A 97 -6.18 -8.76 -10.09
C ASP A 97 -5.57 -7.76 -11.11
N MET A 1 16.40 10.15 -26.84
CA MET A 1 15.70 8.98 -27.43
C MET A 1 16.40 7.70 -26.97
N GLY A 2 15.63 6.60 -26.91
CA GLY A 2 16.13 5.32 -26.44
C GLY A 2 15.47 4.92 -25.14
N HIS A 3 14.25 4.38 -25.24
CA HIS A 3 13.48 3.91 -24.07
C HIS A 3 14.24 2.78 -23.35
N HIS A 4 14.39 2.91 -22.02
CA HIS A 4 15.16 1.96 -21.21
C HIS A 4 14.35 0.67 -21.01
N HIS A 5 14.44 -0.22 -22.02
CA HIS A 5 13.76 -1.53 -22.00
C HIS A 5 14.49 -2.53 -22.93
N HIS A 6 15.69 -2.15 -23.43
CA HIS A 6 16.52 -3.03 -24.25
C HIS A 6 17.15 -4.09 -23.33
N HIS A 7 17.89 -3.60 -22.30
CA HIS A 7 18.42 -4.44 -21.22
C HIS A 7 18.97 -3.55 -20.10
N HIS A 8 18.81 -3.99 -18.86
CA HIS A 8 19.49 -3.37 -17.71
C HIS A 8 20.98 -3.76 -17.74
N SER A 9 21.88 -2.77 -17.59
CA SER A 9 23.34 -2.99 -17.52
C SER A 9 23.69 -3.91 -16.32
N HIS A 10 22.90 -3.76 -15.25
CA HIS A 10 22.95 -4.61 -14.05
C HIS A 10 21.52 -5.04 -13.74
N MET A 11 21.28 -6.36 -13.68
CA MET A 11 19.93 -6.93 -13.50
C MET A 11 19.42 -6.71 -12.06
N GLY A 12 18.76 -5.57 -11.85
CA GLY A 12 18.13 -5.24 -10.58
C GLY A 12 16.74 -4.63 -10.82
N SER A 13 16.63 -3.29 -10.66
CA SER A 13 15.40 -2.49 -10.93
C SER A 13 14.33 -2.67 -9.83
N GLU A 14 14.00 -3.94 -9.50
CA GLU A 14 13.07 -4.32 -8.39
C GLU A 14 13.64 -3.98 -6.99
N GLU A 15 14.83 -3.36 -6.95
CA GLU A 15 15.46 -2.81 -5.72
C GLU A 15 14.63 -1.65 -5.12
N ASP A 16 15.22 -0.89 -4.17
CA ASP A 16 14.50 0.11 -3.32
C ASP A 16 13.48 -0.65 -2.42
N ASP A 17 13.82 -1.90 -2.11
CA ASP A 17 12.98 -2.84 -1.34
C ASP A 17 12.99 -2.49 0.16
N GLY A 18 13.93 -1.61 0.57
CA GLY A 18 13.93 -1.02 1.90
C GLY A 18 12.71 -0.13 2.10
N VAL A 19 12.35 0.61 1.02
CA VAL A 19 11.12 1.41 0.96
C VAL A 19 9.89 0.48 1.04
N VAL A 20 9.89 -0.60 0.24
CA VAL A 20 8.82 -1.61 0.21
C VAL A 20 8.58 -2.24 1.61
N ALA A 21 9.70 -2.55 2.30
CA ALA A 21 9.67 -3.20 3.61
C ALA A 21 9.10 -2.28 4.70
N MET A 22 9.50 -0.99 4.68
CA MET A 22 9.03 0.00 5.67
C MET A 22 7.57 0.42 5.36
N ILE A 23 7.14 0.29 4.08
CA ILE A 23 5.72 0.44 3.71
C ILE A 23 4.90 -0.69 4.37
N LYS A 24 5.43 -1.94 4.26
CA LYS A 24 4.81 -3.15 4.86
C LYS A 24 4.59 -2.99 6.38
N GLU A 25 5.61 -2.45 7.08
CA GLU A 25 5.54 -2.27 8.54
C GLU A 25 4.49 -1.19 8.88
N LEU A 26 4.53 -0.04 8.16
CA LEU A 26 3.62 1.11 8.41
C LEU A 26 2.15 0.73 8.17
N LEU A 27 1.93 -0.18 7.21
CA LEU A 27 0.61 -0.73 6.93
C LEU A 27 0.19 -1.65 8.08
N ASP A 28 1.03 -2.67 8.37
CA ASP A 28 0.66 -3.77 9.28
C ASP A 28 0.49 -3.28 10.72
N THR A 29 1.31 -2.32 11.13
CA THR A 29 1.34 -1.82 12.51
C THR A 29 0.24 -0.76 12.76
N ARG A 30 0.02 0.12 11.77
CA ARG A 30 -0.88 1.29 11.92
C ARG A 30 -2.21 1.06 11.17
N ILE A 31 -2.10 0.82 9.85
CA ILE A 31 -3.25 0.91 8.94
C ILE A 31 -4.17 -0.31 9.09
N ARG A 32 -3.61 -1.54 8.85
CA ARG A 32 -4.36 -2.82 8.93
C ARG A 32 -5.23 -2.93 10.22
N PRO A 33 -4.66 -2.72 11.48
CA PRO A 33 -5.47 -2.75 12.73
C PRO A 33 -6.67 -1.79 12.72
N THR A 34 -6.44 -0.56 12.21
CA THR A 34 -7.49 0.47 12.07
C THR A 34 -8.62 0.00 11.12
N VAL A 35 -8.23 -0.58 9.98
CA VAL A 35 -9.17 -1.06 8.94
C VAL A 35 -9.90 -2.35 9.41
N GLN A 36 -9.22 -3.15 10.25
CA GLN A 36 -9.78 -4.40 10.80
C GLN A 36 -10.87 -4.09 11.84
N GLU A 37 -10.64 -3.03 12.64
CA GLU A 37 -11.67 -2.47 13.54
C GLU A 37 -12.84 -1.90 12.71
N ASP A 38 -12.48 -1.21 11.61
CA ASP A 38 -13.44 -0.58 10.67
C ASP A 38 -14.31 -1.64 9.95
N GLY A 39 -13.81 -2.89 9.89
CA GLY A 39 -14.59 -4.03 9.41
C GLY A 39 -13.82 -4.86 8.39
N GLY A 40 -12.94 -4.22 7.62
CA GLY A 40 -12.21 -4.88 6.53
C GLY A 40 -10.76 -5.15 6.86
N ASP A 41 -9.87 -4.90 5.87
CA ASP A 41 -8.41 -5.07 6.00
C ASP A 41 -7.74 -4.55 4.72
N VAL A 42 -6.45 -4.22 4.82
CA VAL A 42 -5.63 -3.79 3.66
C VAL A 42 -4.45 -4.76 3.49
N ILE A 43 -4.31 -5.36 2.31
CA ILE A 43 -3.26 -6.35 2.02
C ILE A 43 -2.31 -5.75 0.98
N TYR A 44 -1.01 -5.66 1.32
CA TYR A 44 0.01 -5.09 0.44
C TYR A 44 0.22 -6.00 -0.78
N LYS A 45 -0.14 -5.49 -1.97
CA LYS A 45 -0.02 -6.23 -3.24
C LYS A 45 1.31 -5.87 -3.93
N GLY A 46 1.67 -4.57 -3.92
CA GLY A 46 2.92 -4.13 -4.56
C GLY A 46 3.20 -2.65 -4.44
N PHE A 47 4.31 -2.22 -5.05
CA PHE A 47 4.75 -0.82 -5.13
C PHE A 47 5.66 -0.70 -6.35
N GLU A 48 5.18 0.03 -7.35
CA GLU A 48 5.94 0.34 -8.57
C GLU A 48 5.88 1.85 -8.79
N ASP A 49 7.00 2.43 -9.28
CA ASP A 49 7.16 3.88 -9.50
C ASP A 49 7.02 4.63 -8.17
N GLY A 50 5.77 4.93 -7.79
CA GLY A 50 5.44 5.57 -6.52
C GLY A 50 4.03 5.24 -6.07
N ILE A 51 3.38 4.27 -6.75
CA ILE A 51 2.00 3.87 -6.46
C ILE A 51 2.01 2.60 -5.61
N VAL A 52 1.47 2.72 -4.39
CA VAL A 52 1.32 1.59 -3.46
C VAL A 52 0.00 0.87 -3.77
N GLN A 53 0.09 -0.32 -4.34
CA GLN A 53 -1.09 -1.13 -4.70
C GLN A 53 -1.56 -1.93 -3.47
N LEU A 54 -2.77 -1.60 -2.98
CA LEU A 54 -3.38 -2.21 -1.79
C LEU A 54 -4.75 -2.79 -2.13
N LYS A 55 -5.00 -4.00 -1.65
CA LYS A 55 -6.30 -4.67 -1.75
C LYS A 55 -7.16 -4.29 -0.53
N LEU A 56 -8.42 -3.89 -0.77
CA LEU A 56 -9.38 -3.57 0.31
C LEU A 56 -10.34 -4.75 0.51
N GLN A 57 -10.68 -5.04 1.77
CA GLN A 57 -11.66 -6.09 2.16
C GLN A 57 -13.05 -5.47 2.40
N GLY A 58 -14.05 -6.35 2.65
CA GLY A 58 -15.46 -5.96 2.83
C GLY A 58 -15.68 -4.92 3.94
N SER A 59 -16.85 -4.23 3.89
CA SER A 59 -17.18 -3.04 4.71
C SER A 59 -16.44 -1.79 4.17
N CYS A 60 -15.10 -1.88 4.11
CA CYS A 60 -14.24 -0.78 3.63
C CYS A 60 -14.41 -0.54 2.12
N THR A 61 -14.56 -1.63 1.34
CA THR A 61 -14.71 -1.57 -0.13
C THR A 61 -16.19 -1.59 -0.55
N SER A 62 -17.11 -1.57 0.44
CA SER A 62 -18.56 -1.64 0.19
C SER A 62 -19.12 -0.30 -0.31
N CYS A 63 -18.73 0.79 0.35
CA CYS A 63 -19.17 2.16 0.02
C CYS A 63 -17.97 2.99 -0.50
N PRO A 64 -18.10 3.66 -1.70
CA PRO A 64 -17.03 4.51 -2.31
C PRO A 64 -16.48 5.61 -1.37
N SER A 65 -17.32 6.04 -0.41
CA SER A 65 -16.95 7.03 0.62
C SER A 65 -15.73 6.54 1.42
N SER A 66 -15.81 5.27 1.87
CA SER A 66 -14.74 4.63 2.65
C SER A 66 -13.54 4.29 1.76
N ILE A 67 -13.81 3.87 0.51
CA ILE A 67 -12.76 3.48 -0.47
C ILE A 67 -11.74 4.62 -0.72
N ILE A 68 -12.26 5.80 -1.11
CA ILE A 68 -11.45 6.96 -1.47
C ILE A 68 -10.72 7.52 -0.23
N THR A 69 -11.47 7.73 0.87
CA THR A 69 -10.94 8.34 2.10
C THR A 69 -9.88 7.45 2.79
N LEU A 70 -10.07 6.12 2.73
CA LEU A 70 -9.11 5.15 3.28
C LEU A 70 -7.80 5.22 2.50
N LYS A 71 -7.92 5.08 1.16
CA LYS A 71 -6.77 5.11 0.22
C LYS A 71 -5.93 6.40 0.38
N ASN A 72 -6.64 7.54 0.57
CA ASN A 72 -6.00 8.86 0.76
C ASN A 72 -5.33 8.95 2.13
N GLY A 73 -6.00 8.44 3.18
CA GLY A 73 -5.45 8.47 4.54
C GLY A 73 -4.12 7.71 4.65
N ILE A 74 -4.12 6.52 4.04
CA ILE A 74 -2.93 5.66 3.91
C ILE A 74 -1.83 6.40 3.13
N GLN A 75 -2.26 7.04 2.02
CA GLN A 75 -1.38 7.75 1.09
C GLN A 75 -0.60 8.85 1.82
N ASN A 76 -1.31 9.76 2.52
CA ASN A 76 -0.70 10.89 3.23
C ASN A 76 0.23 10.43 4.37
N MET A 77 -0.12 9.30 5.02
CA MET A 77 0.72 8.71 6.09
C MET A 77 2.04 8.16 5.50
N LEU A 78 1.92 7.42 4.38
CA LEU A 78 3.08 6.87 3.65
C LEU A 78 3.94 7.98 3.02
N GLN A 79 3.31 9.12 2.67
CA GLN A 79 4.00 10.30 2.09
C GLN A 79 4.66 11.16 3.18
N PHE A 80 4.14 11.05 4.42
CA PHE A 80 4.71 11.71 5.61
C PHE A 80 6.13 11.19 5.87
N TYR A 81 6.29 9.88 5.67
CA TYR A 81 7.57 9.17 5.88
C TYR A 81 8.40 9.12 4.60
N ILE A 82 7.76 8.81 3.48
CA ILE A 82 8.42 8.45 2.21
C ILE A 82 7.92 9.37 1.07
N PRO A 83 8.77 10.32 0.56
CA PRO A 83 8.41 11.18 -0.60
C PRO A 83 8.34 10.39 -1.94
N GLU A 84 8.84 9.13 -1.92
CA GLU A 84 8.77 8.22 -3.09
C GLU A 84 7.34 7.75 -3.35
N VAL A 85 6.49 7.74 -2.29
CA VAL A 85 5.07 7.44 -2.43
C VAL A 85 4.39 8.65 -3.12
N GLU A 86 4.14 8.47 -4.42
CA GLU A 86 3.47 9.47 -5.26
C GLU A 86 1.94 9.33 -5.14
N GLY A 87 1.49 8.11 -4.81
CA GLY A 87 0.08 7.81 -4.64
C GLY A 87 -0.16 6.38 -4.15
N VAL A 88 -1.44 6.04 -3.94
CA VAL A 88 -1.90 4.68 -3.58
C VAL A 88 -3.08 4.32 -4.51
N GLU A 89 -3.21 3.03 -4.85
CA GLU A 89 -4.31 2.54 -5.72
C GLU A 89 -5.03 1.37 -5.05
N GLN A 90 -6.36 1.31 -5.22
CA GLN A 90 -7.16 0.15 -4.81
C GLN A 90 -7.11 -0.88 -5.94
N VAL A 91 -6.55 -2.05 -5.63
CA VAL A 91 -6.48 -3.17 -6.57
C VAL A 91 -7.28 -4.37 -6.03
N MET A 92 -8.38 -4.68 -6.73
CA MET A 92 -9.20 -5.88 -6.44
C MET A 92 -8.48 -7.10 -7.04
N ASP A 93 -7.56 -7.67 -6.26
CA ASP A 93 -6.83 -8.89 -6.62
C ASP A 93 -7.38 -10.03 -5.74
N ASP A 94 -8.14 -10.94 -6.39
CA ASP A 94 -8.90 -12.01 -5.71
C ASP A 94 -10.03 -11.39 -4.87
N GLU A 95 -11.13 -11.04 -5.54
CA GLU A 95 -12.36 -10.56 -4.89
C GLU A 95 -13.17 -11.78 -4.36
N SER A 96 -13.12 -12.86 -5.15
CA SER A 96 -13.79 -14.15 -4.87
C SER A 96 -13.32 -15.15 -5.95
N ASP A 97 -12.00 -15.08 -6.25
CA ASP A 97 -11.38 -15.74 -7.42
C ASP A 97 -11.97 -15.14 -8.73
N MET A 1 -12.67 15.72 -14.64
CA MET A 1 -12.58 14.93 -15.90
C MET A 1 -11.40 13.96 -15.81
N GLY A 2 -11.69 12.67 -15.53
CA GLY A 2 -10.66 11.65 -15.46
C GLY A 2 -9.71 11.82 -14.29
N HIS A 3 -8.39 11.87 -14.58
CA HIS A 3 -7.29 11.93 -13.58
C HIS A 3 -7.30 10.68 -12.66
N HIS A 4 -7.88 9.59 -13.18
CA HIS A 4 -7.97 8.30 -12.48
C HIS A 4 -7.72 7.20 -13.52
N HIS A 5 -6.42 6.92 -13.74
CA HIS A 5 -5.94 5.95 -14.75
C HIS A 5 -4.45 5.69 -14.52
N HIS A 6 -3.93 4.61 -15.12
CA HIS A 6 -2.51 4.29 -15.06
C HIS A 6 -1.71 5.10 -16.09
N HIS A 7 -0.97 6.10 -15.60
CA HIS A 7 0.13 6.72 -16.34
C HIS A 7 1.20 5.64 -16.51
N HIS A 8 1.32 5.06 -17.73
CA HIS A 8 2.12 3.84 -17.97
C HIS A 8 3.64 4.07 -17.75
N SER A 9 4.05 3.95 -16.49
CA SER A 9 5.43 4.23 -16.04
C SER A 9 6.26 2.93 -15.98
N HIS A 10 7.48 3.03 -15.44
CA HIS A 10 8.44 1.91 -15.31
C HIS A 10 9.55 2.33 -14.35
N MET A 11 9.64 1.66 -13.17
CA MET A 11 10.59 2.04 -12.10
C MET A 11 11.92 1.23 -12.22
N GLY A 12 12.42 1.15 -13.48
CA GLY A 12 13.69 0.46 -13.78
C GLY A 12 14.89 1.32 -13.45
N SER A 13 15.08 1.53 -12.15
CA SER A 13 16.02 2.50 -11.60
C SER A 13 16.32 2.09 -10.15
N GLU A 14 15.23 1.92 -9.38
CA GLU A 14 15.27 1.49 -7.97
C GLU A 14 14.15 0.46 -7.75
N GLU A 15 14.54 -0.74 -7.34
CA GLU A 15 13.62 -1.83 -7.02
C GLU A 15 14.16 -2.56 -5.77
N ASP A 16 14.30 -1.76 -4.70
CA ASP A 16 14.82 -2.22 -3.41
C ASP A 16 13.66 -2.55 -2.46
N ASP A 17 13.87 -3.56 -1.62
CA ASP A 17 12.90 -3.98 -0.60
C ASP A 17 13.02 -3.14 0.68
N GLY A 18 13.85 -2.07 0.66
CA GLY A 18 13.97 -1.15 1.79
C GLY A 18 12.73 -0.28 1.96
N VAL A 19 12.39 0.45 0.87
CA VAL A 19 11.16 1.27 0.79
C VAL A 19 9.91 0.39 0.94
N VAL A 20 9.93 -0.75 0.25
CA VAL A 20 8.81 -1.72 0.23
C VAL A 20 8.52 -2.27 1.65
N ALA A 21 9.58 -2.61 2.41
CA ALA A 21 9.46 -3.16 3.78
C ALA A 21 8.88 -2.12 4.76
N MET A 22 9.29 -0.84 4.61
CA MET A 22 8.83 0.22 5.53
C MET A 22 7.39 0.65 5.23
N ILE A 23 6.94 0.47 3.96
CA ILE A 23 5.52 0.63 3.59
C ILE A 23 4.70 -0.47 4.30
N LYS A 24 5.19 -1.73 4.17
CA LYS A 24 4.57 -2.93 4.78
C LYS A 24 4.37 -2.76 6.30
N GLU A 25 5.40 -2.19 6.98
CA GLU A 25 5.37 -2.03 8.45
C GLU A 25 4.39 -0.91 8.85
N LEU A 26 4.38 0.23 8.10
CA LEU A 26 3.47 1.38 8.37
C LEU A 26 2.00 0.97 8.21
N LEU A 27 1.74 0.04 7.27
CA LEU A 27 0.42 -0.59 7.09
C LEU A 27 0.11 -1.48 8.31
N ASP A 28 1.04 -2.41 8.56
CA ASP A 28 0.89 -3.49 9.56
C ASP A 28 0.74 -2.97 11.00
N THR A 29 1.33 -1.80 11.28
CA THR A 29 1.33 -1.19 12.61
C THR A 29 0.13 -0.24 12.80
N ARG A 30 -0.12 0.63 11.81
CA ARG A 30 -1.15 1.69 11.92
C ARG A 30 -2.46 1.27 11.22
N ILE A 31 -2.36 0.92 9.93
CA ILE A 31 -3.53 0.82 9.03
C ILE A 31 -4.32 -0.47 9.31
N ARG A 32 -3.66 -1.66 9.10
CA ARG A 32 -4.30 -2.99 9.25
C ARG A 32 -5.09 -3.14 10.57
N PRO A 33 -4.52 -2.82 11.82
CA PRO A 33 -5.30 -2.89 13.09
C PRO A 33 -6.62 -2.09 13.03
N THR A 34 -6.54 -0.84 12.54
CA THR A 34 -7.68 0.09 12.43
C THR A 34 -8.75 -0.44 11.45
N VAL A 35 -8.29 -0.96 10.30
CA VAL A 35 -9.16 -1.44 9.20
C VAL A 35 -9.82 -2.81 9.56
N GLN A 36 -9.09 -3.63 10.36
CA GLN A 36 -9.61 -4.94 10.84
C GLN A 36 -10.60 -4.75 12.00
N GLU A 37 -10.51 -3.61 12.70
CA GLU A 37 -11.53 -3.20 13.67
C GLU A 37 -12.75 -2.61 12.92
N ASP A 38 -12.48 -1.99 11.75
CA ASP A 38 -13.53 -1.41 10.88
C ASP A 38 -14.31 -2.54 10.17
N GLY A 39 -13.69 -3.72 10.03
CA GLY A 39 -14.34 -4.92 9.50
C GLY A 39 -13.61 -5.53 8.31
N GLY A 40 -12.75 -4.74 7.65
CA GLY A 40 -12.00 -5.18 6.48
C GLY A 40 -10.54 -5.51 6.77
N ASP A 41 -9.67 -5.23 5.79
CA ASP A 41 -8.20 -5.41 5.90
C ASP A 41 -7.54 -4.80 4.64
N VAL A 42 -6.23 -4.53 4.73
CA VAL A 42 -5.41 -4.09 3.59
C VAL A 42 -4.28 -5.13 3.39
N ILE A 43 -4.22 -5.72 2.19
CA ILE A 43 -3.18 -6.69 1.81
C ILE A 43 -2.22 -5.99 0.84
N TYR A 44 -0.91 -5.94 1.17
CA TYR A 44 0.09 -5.30 0.31
C TYR A 44 0.25 -6.11 -0.99
N LYS A 45 -0.03 -5.47 -2.14
CA LYS A 45 -0.03 -6.13 -3.46
C LYS A 45 1.16 -5.68 -4.32
N GLY A 46 1.46 -4.36 -4.33
CA GLY A 46 2.51 -3.83 -5.20
C GLY A 46 2.92 -2.39 -4.87
N PHE A 47 3.90 -1.90 -5.65
CA PHE A 47 4.42 -0.51 -5.58
C PHE A 47 5.08 -0.18 -6.92
N GLU A 48 4.49 0.74 -7.69
CA GLU A 48 4.99 1.12 -9.03
C GLU A 48 5.21 2.63 -9.12
N ASP A 49 6.50 3.05 -9.05
CA ASP A 49 6.93 4.46 -9.27
C ASP A 49 6.41 5.43 -8.19
N GLY A 50 5.82 4.87 -7.11
CA GLY A 50 5.21 5.67 -6.06
C GLY A 50 3.78 5.27 -5.75
N ILE A 51 3.15 4.53 -6.66
CA ILE A 51 1.75 4.09 -6.50
C ILE A 51 1.72 2.77 -5.70
N VAL A 52 1.39 2.90 -4.41
CA VAL A 52 1.25 1.77 -3.48
C VAL A 52 -0.10 1.10 -3.72
N GLN A 53 -0.10 -0.15 -4.16
CA GLN A 53 -1.32 -0.87 -4.53
C GLN A 53 -1.68 -1.88 -3.44
N LEU A 54 -2.88 -1.70 -2.86
CA LEU A 54 -3.37 -2.46 -1.71
C LEU A 54 -4.75 -3.07 -2.03
N LYS A 55 -4.99 -4.27 -1.52
CA LYS A 55 -6.29 -4.93 -1.62
C LYS A 55 -7.14 -4.47 -0.44
N LEU A 56 -8.11 -3.60 -0.72
CA LEU A 56 -9.05 -3.11 0.30
C LEU A 56 -10.22 -4.10 0.38
N GLN A 57 -10.51 -4.60 1.59
CA GLN A 57 -11.54 -5.64 1.81
C GLN A 57 -12.90 -5.02 2.18
N GLY A 58 -13.97 -5.86 2.16
CA GLY A 58 -15.34 -5.43 2.45
C GLY A 58 -15.51 -4.79 3.83
N SER A 59 -16.64 -4.05 4.00
CA SER A 59 -16.95 -3.20 5.19
C SER A 59 -16.19 -1.86 5.14
N CYS A 60 -14.91 -1.91 4.75
CA CYS A 60 -14.06 -0.72 4.59
C CYS A 60 -14.24 -0.09 3.18
N THR A 61 -14.88 -0.85 2.27
CA THR A 61 -15.10 -0.45 0.87
C THR A 61 -16.56 -0.08 0.61
N SER A 62 -17.29 0.33 1.67
CA SER A 62 -18.71 0.71 1.57
C SER A 62 -18.86 2.00 0.74
N CYS A 63 -19.09 1.81 -0.59
CA CYS A 63 -19.23 2.90 -1.60
C CYS A 63 -17.85 3.54 -1.93
N PRO A 64 -17.68 4.12 -3.18
CA PRO A 64 -16.38 4.74 -3.63
C PRO A 64 -15.81 5.80 -2.66
N SER A 65 -16.70 6.45 -1.89
CA SER A 65 -16.31 7.45 -0.89
C SER A 65 -15.34 6.85 0.15
N SER A 66 -15.77 5.77 0.84
CA SER A 66 -14.98 5.10 1.89
C SER A 66 -13.66 4.52 1.34
N ILE A 67 -13.71 4.03 0.09
CA ILE A 67 -12.54 3.49 -0.63
C ILE A 67 -11.45 4.58 -0.80
N ILE A 68 -11.85 5.73 -1.39
CA ILE A 68 -10.92 6.84 -1.71
C ILE A 68 -10.41 7.54 -0.43
N THR A 69 -11.28 7.66 0.59
CA THR A 69 -10.95 8.30 1.88
C THR A 69 -9.89 7.47 2.66
N LEU A 70 -10.08 6.14 2.66
CA LEU A 70 -9.13 5.18 3.26
C LEU A 70 -7.78 5.24 2.50
N LYS A 71 -7.90 5.21 1.15
CA LYS A 71 -6.77 5.25 0.20
C LYS A 71 -5.91 6.53 0.41
N ASN A 72 -6.59 7.66 0.66
CA ASN A 72 -5.95 8.98 0.87
C ASN A 72 -5.32 9.10 2.26
N GLY A 73 -5.95 8.47 3.27
CA GLY A 73 -5.38 8.42 4.62
C GLY A 73 -4.03 7.68 4.63
N ILE A 74 -4.02 6.53 3.93
CA ILE A 74 -2.82 5.70 3.72
C ILE A 74 -1.78 6.47 2.88
N GLN A 75 -2.28 7.22 1.87
CA GLN A 75 -1.46 8.03 0.95
C GLN A 75 -0.61 9.05 1.72
N ASN A 76 -1.27 9.97 2.46
CA ASN A 76 -0.58 11.07 3.17
C ASN A 76 0.30 10.53 4.33
N MET A 77 -0.11 9.39 4.93
CA MET A 77 0.68 8.74 5.99
C MET A 77 2.03 8.25 5.42
N LEU A 78 1.97 7.50 4.31
CA LEU A 78 3.16 6.95 3.62
C LEU A 78 4.02 8.08 3.04
N GLN A 79 3.38 9.14 2.49
CA GLN A 79 4.08 10.29 1.87
C GLN A 79 4.83 11.14 2.91
N PHE A 80 4.28 11.16 4.16
CA PHE A 80 4.88 11.89 5.28
C PHE A 80 6.28 11.33 5.62
N TYR A 81 6.39 9.99 5.67
CA TYR A 81 7.64 9.30 6.03
C TYR A 81 8.52 9.04 4.79
N ILE A 82 7.84 8.79 3.66
CA ILE A 82 8.45 8.29 2.41
C ILE A 82 8.12 9.27 1.26
N PRO A 83 9.11 10.08 0.77
CA PRO A 83 8.87 11.02 -0.35
C PRO A 83 8.76 10.31 -1.72
N GLU A 84 8.96 8.99 -1.72
CA GLU A 84 8.92 8.16 -2.93
C GLU A 84 7.47 7.86 -3.35
N VAL A 85 6.56 7.85 -2.37
CA VAL A 85 5.14 7.55 -2.59
C VAL A 85 4.44 8.73 -3.30
N GLU A 86 3.94 8.46 -4.51
CA GLU A 86 3.10 9.39 -5.31
C GLU A 86 1.63 9.30 -4.87
N GLY A 87 1.21 8.08 -4.52
CA GLY A 87 -0.16 7.83 -4.09
C GLY A 87 -0.39 6.38 -3.76
N VAL A 88 -1.67 6.01 -3.63
CA VAL A 88 -2.13 4.64 -3.33
C VAL A 88 -3.26 4.28 -4.34
N GLU A 89 -3.54 2.98 -4.51
CA GLU A 89 -4.62 2.51 -5.37
C GLU A 89 -5.26 1.26 -4.76
N GLN A 90 -6.58 1.10 -4.95
CA GLN A 90 -7.29 -0.13 -4.59
C GLN A 90 -7.14 -1.14 -5.74
N VAL A 91 -6.53 -2.29 -5.45
CA VAL A 91 -6.47 -3.43 -6.37
C VAL A 91 -7.03 -4.67 -5.63
N MET A 92 -8.23 -5.10 -6.04
CA MET A 92 -8.88 -6.28 -5.47
C MET A 92 -8.39 -7.52 -6.20
N ASP A 93 -7.40 -8.21 -5.61
CA ASP A 93 -6.96 -9.53 -6.08
C ASP A 93 -7.81 -10.61 -5.41
N ASP A 94 -9.10 -10.59 -5.78
CA ASP A 94 -10.10 -11.54 -5.33
C ASP A 94 -10.28 -12.59 -6.44
N GLU A 95 -10.53 -12.08 -7.65
CA GLU A 95 -10.42 -12.81 -8.93
C GLU A 95 -9.22 -12.23 -9.73
N SER A 96 -8.86 -10.96 -9.44
CA SER A 96 -7.70 -10.26 -10.04
C SER A 96 -7.88 -10.04 -11.57
N ASP A 97 -9.15 -10.08 -12.02
CA ASP A 97 -9.51 -9.96 -13.43
C ASP A 97 -9.53 -8.46 -13.86
N MET A 1 30.49 -9.20 24.69
CA MET A 1 31.76 -9.58 25.37
C MET A 1 32.67 -8.36 25.51
N GLY A 2 33.73 -8.50 26.33
CA GLY A 2 34.70 -7.42 26.58
C GLY A 2 35.38 -6.93 25.32
N HIS A 3 35.68 -7.89 24.41
CA HIS A 3 36.22 -7.61 23.08
C HIS A 3 35.19 -6.81 22.27
N HIS A 4 35.60 -5.63 21.77
CA HIS A 4 34.78 -4.78 20.91
C HIS A 4 34.85 -5.27 19.45
N HIS A 5 33.88 -4.86 18.64
CA HIS A 5 33.84 -5.17 17.19
C HIS A 5 33.41 -3.94 16.40
N HIS A 6 33.98 -3.81 15.18
CA HIS A 6 33.71 -2.67 14.28
C HIS A 6 33.00 -3.18 13.01
N HIS A 7 32.34 -2.25 12.31
CA HIS A 7 31.60 -2.55 11.07
C HIS A 7 31.32 -1.26 10.30
N HIS A 8 30.97 -1.39 9.01
CA HIS A 8 30.63 -0.26 8.14
C HIS A 8 29.12 0.05 8.25
N SER A 9 28.78 1.34 8.28
CA SER A 9 27.40 1.82 8.45
C SER A 9 26.62 1.75 7.11
N HIS A 10 25.51 1.01 7.12
CA HIS A 10 24.64 0.82 5.93
C HIS A 10 23.71 2.04 5.76
N MET A 11 24.25 3.09 5.15
CA MET A 11 23.53 4.35 4.90
C MET A 11 22.85 4.31 3.51
N GLY A 12 21.55 3.94 3.45
CA GLY A 12 20.80 3.95 2.18
C GLY A 12 19.46 3.25 2.26
N SER A 13 18.48 3.74 1.45
CA SER A 13 17.11 3.21 1.35
C SER A 13 16.38 3.93 0.21
N GLU A 14 17.03 3.94 -0.95
CA GLU A 14 16.64 4.75 -2.12
C GLU A 14 15.42 4.16 -2.88
N GLU A 15 15.64 3.10 -3.70
CA GLU A 15 14.62 2.57 -4.64
C GLU A 15 14.50 1.04 -4.53
N ASP A 16 15.10 0.48 -3.47
CA ASP A 16 15.13 -0.98 -3.22
C ASP A 16 13.80 -1.44 -2.59
N ASP A 17 13.72 -2.76 -2.28
CA ASP A 17 12.55 -3.37 -1.63
C ASP A 17 12.45 -2.96 -0.15
N GLY A 18 13.46 -2.20 0.34
CA GLY A 18 13.42 -1.60 1.67
C GLY A 18 12.28 -0.59 1.82
N VAL A 19 11.97 0.13 0.71
CA VAL A 19 10.79 1.01 0.62
C VAL A 19 9.50 0.18 0.83
N VAL A 20 9.41 -0.91 0.06
CA VAL A 20 8.30 -1.87 0.12
C VAL A 20 8.17 -2.49 1.54
N ALA A 21 9.34 -2.80 2.14
CA ALA A 21 9.42 -3.46 3.46
C ALA A 21 8.93 -2.56 4.59
N MET A 22 9.28 -1.25 4.52
CA MET A 22 8.89 -0.28 5.56
C MET A 22 7.43 0.18 5.36
N ILE A 23 6.88 0.07 4.13
CA ILE A 23 5.44 0.28 3.90
C ILE A 23 4.65 -0.85 4.57
N LYS A 24 5.15 -2.11 4.46
CA LYS A 24 4.55 -3.30 5.12
C LYS A 24 4.32 -3.07 6.62
N GLU A 25 5.33 -2.48 7.30
CA GLU A 25 5.25 -2.25 8.75
C GLU A 25 4.34 -1.03 9.05
N LEU A 26 4.40 0.04 8.21
CA LEU A 26 3.55 1.24 8.39
C LEU A 26 2.05 0.91 8.23
N LEU A 27 1.77 -0.13 7.42
CA LEU A 27 0.42 -0.70 7.30
C LEU A 27 0.10 -1.49 8.57
N ASP A 28 0.97 -2.46 8.89
CA ASP A 28 0.72 -3.48 9.93
C ASP A 28 0.60 -2.86 11.34
N THR A 29 1.33 -1.78 11.58
CA THR A 29 1.40 -1.11 12.89
C THR A 29 0.27 -0.09 13.05
N ARG A 30 -0.06 0.64 11.97
CA ARG A 30 -1.02 1.77 12.02
C ARG A 30 -2.36 1.42 11.34
N ILE A 31 -2.29 1.07 10.05
CA ILE A 31 -3.48 1.00 9.17
C ILE A 31 -4.30 -0.28 9.43
N ARG A 32 -3.67 -1.46 9.28
CA ARG A 32 -4.34 -2.78 9.46
C ARG A 32 -5.17 -2.86 10.77
N PRO A 33 -4.61 -2.51 12.00
CA PRO A 33 -5.40 -2.51 13.28
C PRO A 33 -6.70 -1.65 13.17
N THR A 34 -6.61 -0.51 12.47
CA THR A 34 -7.74 0.43 12.27
C THR A 34 -8.83 -0.18 11.36
N VAL A 35 -8.40 -0.71 10.20
CA VAL A 35 -9.31 -1.23 9.16
C VAL A 35 -9.98 -2.55 9.62
N GLN A 36 -9.25 -3.33 10.44
CA GLN A 36 -9.79 -4.58 11.04
C GLN A 36 -10.87 -4.28 12.09
N GLU A 37 -10.80 -3.10 12.72
CA GLU A 37 -11.89 -2.59 13.58
C GLU A 37 -13.09 -2.15 12.72
N ASP A 38 -12.79 -1.58 11.52
CA ASP A 38 -13.82 -1.09 10.58
C ASP A 38 -14.53 -2.27 9.85
N GLY A 39 -13.89 -3.45 9.84
CA GLY A 39 -14.50 -4.67 9.28
C GLY A 39 -13.83 -5.13 7.98
N GLY A 40 -12.75 -4.44 7.59
CA GLY A 40 -11.93 -4.83 6.43
C GLY A 40 -10.49 -5.14 6.81
N ASP A 41 -9.56 -4.93 5.86
CA ASP A 41 -8.10 -5.10 6.06
C ASP A 41 -7.37 -4.60 4.79
N VAL A 42 -6.06 -4.35 4.89
CA VAL A 42 -5.23 -3.87 3.76
C VAL A 42 -4.06 -4.87 3.52
N ILE A 43 -4.04 -5.46 2.31
CA ILE A 43 -2.98 -6.40 1.90
C ILE A 43 -2.06 -5.68 0.90
N TYR A 44 -0.75 -5.70 1.13
CA TYR A 44 0.21 -5.08 0.22
C TYR A 44 0.44 -5.98 -1.01
N LYS A 45 0.20 -5.43 -2.21
CA LYS A 45 0.32 -6.16 -3.50
C LYS A 45 1.60 -5.76 -4.25
N GLY A 46 1.86 -4.43 -4.37
CA GLY A 46 3.02 -3.96 -5.15
C GLY A 46 3.21 -2.46 -5.13
N PHE A 47 4.26 -1.99 -5.83
CA PHE A 47 4.68 -0.58 -5.85
C PHE A 47 5.37 -0.28 -7.19
N GLU A 48 4.80 0.64 -7.98
CA GLU A 48 5.35 1.04 -9.29
C GLU A 48 5.12 2.53 -9.51
N ASP A 49 6.13 3.19 -10.15
CA ASP A 49 6.21 4.67 -10.31
C ASP A 49 6.31 5.37 -8.95
N GLY A 50 5.16 5.49 -8.27
CA GLY A 50 5.07 6.03 -6.93
C GLY A 50 3.77 5.61 -6.25
N ILE A 51 3.09 4.63 -6.85
CA ILE A 51 1.75 4.22 -6.43
C ILE A 51 1.84 2.90 -5.65
N VAL A 52 1.38 2.95 -4.40
CA VAL A 52 1.36 1.79 -3.50
C VAL A 52 0.05 1.02 -3.73
N GLN A 53 0.12 -0.08 -4.46
CA GLN A 53 -1.04 -0.91 -4.79
C GLN A 53 -1.39 -1.83 -3.61
N LEU A 54 -2.57 -1.57 -3.02
CA LEU A 54 -3.09 -2.27 -1.83
C LEU A 54 -4.45 -2.89 -2.14
N LYS A 55 -4.64 -4.14 -1.70
CA LYS A 55 -5.93 -4.82 -1.79
C LYS A 55 -6.75 -4.52 -0.52
N LEU A 56 -7.82 -3.73 -0.68
CA LEU A 56 -8.73 -3.41 0.42
C LEU A 56 -9.78 -4.52 0.54
N GLN A 57 -10.14 -4.89 1.77
CA GLN A 57 -11.14 -5.94 2.06
C GLN A 57 -12.54 -5.33 2.30
N GLY A 58 -13.55 -6.22 2.48
CA GLY A 58 -14.97 -5.83 2.63
C GLY A 58 -15.26 -4.81 3.73
N SER A 59 -16.52 -4.32 3.75
CA SER A 59 -16.99 -3.18 4.58
C SER A 59 -16.48 -1.85 4.02
N CYS A 60 -15.14 -1.69 3.98
CA CYS A 60 -14.47 -0.51 3.39
C CYS A 60 -14.78 -0.38 1.89
N THR A 61 -14.73 -1.52 1.19
CA THR A 61 -14.97 -1.60 -0.27
C THR A 61 -16.46 -1.52 -0.63
N SER A 62 -17.32 -1.79 0.37
CA SER A 62 -18.78 -1.84 0.18
C SER A 62 -19.38 -0.42 0.02
N CYS A 63 -18.54 0.61 0.30
CA CYS A 63 -18.92 2.02 0.21
C CYS A 63 -17.80 2.80 -0.56
N PRO A 64 -18.05 3.21 -1.85
CA PRO A 64 -17.02 3.80 -2.76
C PRO A 64 -16.26 5.03 -2.22
N SER A 65 -16.97 5.93 -1.51
CA SER A 65 -16.35 7.15 -0.94
C SER A 65 -15.42 6.78 0.23
N SER A 66 -15.78 5.73 0.99
CA SER A 66 -15.00 5.25 2.14
C SER A 66 -13.66 4.62 1.66
N ILE A 67 -13.69 4.01 0.46
CA ILE A 67 -12.49 3.50 -0.23
C ILE A 67 -11.48 4.64 -0.43
N ILE A 68 -11.98 5.74 -1.04
CA ILE A 68 -11.17 6.91 -1.40
C ILE A 68 -10.54 7.55 -0.16
N THR A 69 -11.37 7.74 0.89
CA THR A 69 -10.97 8.37 2.17
C THR A 69 -9.91 7.51 2.91
N LEU A 70 -10.10 6.17 2.90
CA LEU A 70 -9.14 5.21 3.51
C LEU A 70 -7.79 5.30 2.78
N LYS A 71 -7.85 5.22 1.44
CA LYS A 71 -6.70 5.30 0.52
C LYS A 71 -5.92 6.62 0.74
N ASN A 72 -6.66 7.71 0.97
CA ASN A 72 -6.08 9.05 1.23
C ASN A 72 -5.35 9.09 2.57
N GLY A 73 -5.92 8.45 3.60
CA GLY A 73 -5.31 8.39 4.93
C GLY A 73 -3.97 7.65 4.92
N ILE A 74 -3.97 6.48 4.24
CA ILE A 74 -2.79 5.64 4.04
C ILE A 74 -1.72 6.42 3.25
N GLN A 75 -2.18 7.14 2.22
CA GLN A 75 -1.33 7.92 1.31
C GLN A 75 -0.58 9.01 2.07
N ASN A 76 -1.33 9.87 2.77
CA ASN A 76 -0.78 11.03 3.53
C ASN A 76 0.20 10.57 4.63
N MET A 77 -0.07 9.38 5.20
CA MET A 77 0.85 8.71 6.15
C MET A 77 2.17 8.37 5.44
N LEU A 78 2.06 7.64 4.32
CA LEU A 78 3.20 7.12 3.55
C LEU A 78 4.03 8.25 2.90
N GLN A 79 3.39 9.39 2.60
CA GLN A 79 4.06 10.55 1.96
C GLN A 79 4.82 11.40 3.00
N PHE A 80 4.36 11.35 4.26
CA PHE A 80 5.02 12.01 5.39
C PHE A 80 6.38 11.34 5.67
N TYR A 81 6.40 10.00 5.58
CA TYR A 81 7.62 9.20 5.81
C TYR A 81 8.44 9.09 4.49
N ILE A 82 7.85 8.39 3.50
CA ILE A 82 8.50 8.03 2.23
C ILE A 82 8.11 9.04 1.11
N PRO A 83 9.08 9.79 0.52
CA PRO A 83 8.82 10.77 -0.57
C PRO A 83 8.51 10.10 -1.93
N GLU A 84 8.82 8.79 -2.04
CA GLU A 84 8.65 8.03 -3.30
C GLU A 84 7.16 7.81 -3.62
N VAL A 85 6.34 7.78 -2.56
CA VAL A 85 4.90 7.57 -2.66
C VAL A 85 4.21 8.82 -3.26
N GLU A 86 3.92 8.75 -4.56
CA GLU A 86 3.08 9.74 -5.26
C GLU A 86 1.60 9.52 -4.93
N GLY A 87 1.22 8.27 -4.62
CA GLY A 87 -0.16 7.92 -4.28
C GLY A 87 -0.32 6.48 -3.86
N VAL A 88 -1.58 6.08 -3.61
CA VAL A 88 -2.00 4.71 -3.25
C VAL A 88 -3.16 4.30 -4.20
N GLU A 89 -3.27 3.00 -4.54
CA GLU A 89 -4.32 2.49 -5.44
C GLU A 89 -5.02 1.27 -4.79
N GLN A 90 -6.34 1.16 -4.99
CA GLN A 90 -7.09 -0.05 -4.64
C GLN A 90 -7.01 -1.03 -5.81
N VAL A 91 -6.40 -2.19 -5.57
CA VAL A 91 -6.38 -3.32 -6.52
C VAL A 91 -7.08 -4.52 -5.86
N MET A 92 -7.85 -5.29 -6.63
CA MET A 92 -8.56 -6.48 -6.13
C MET A 92 -8.51 -7.62 -7.15
N ASP A 93 -7.55 -8.53 -6.96
CA ASP A 93 -7.46 -9.77 -7.73
C ASP A 93 -8.58 -10.73 -7.25
N ASP A 94 -9.71 -10.70 -7.97
CA ASP A 94 -10.87 -11.56 -7.70
C ASP A 94 -10.57 -13.00 -8.22
N GLU A 95 -10.03 -13.82 -7.30
CA GLU A 95 -9.50 -15.18 -7.58
C GLU A 95 -10.62 -16.14 -8.01
N SER A 96 -11.85 -15.85 -7.58
CA SER A 96 -13.04 -16.67 -7.83
C SER A 96 -14.25 -15.74 -8.08
N ASP A 97 -13.97 -14.53 -8.62
CA ASP A 97 -14.96 -13.44 -8.82
C ASP A 97 -15.61 -13.03 -7.47
N MET A 1 38.86 -19.37 9.99
CA MET A 1 37.84 -20.18 10.69
C MET A 1 36.60 -20.34 9.81
N GLY A 2 36.18 -21.60 9.59
CA GLY A 2 35.08 -21.92 8.70
C GLY A 2 35.51 -21.88 7.23
N HIS A 3 35.77 -23.07 6.66
CA HIS A 3 36.10 -23.21 5.21
C HIS A 3 34.86 -22.92 4.35
N HIS A 4 33.67 -23.08 4.97
CA HIS A 4 32.37 -22.91 4.33
C HIS A 4 31.52 -21.93 5.15
N HIS A 5 31.09 -20.83 4.49
CA HIS A 5 30.14 -19.85 5.06
C HIS A 5 29.02 -19.64 4.02
N HIS A 6 27.82 -20.16 4.32
CA HIS A 6 26.68 -20.14 3.37
C HIS A 6 25.72 -18.99 3.71
N HIS A 7 25.13 -18.39 2.65
CA HIS A 7 24.22 -17.23 2.74
C HIS A 7 24.96 -16.00 3.33
N HIS A 8 25.62 -15.24 2.44
CA HIS A 8 26.39 -14.04 2.83
C HIS A 8 25.45 -12.82 2.89
N SER A 9 24.94 -12.54 4.09
CA SER A 9 24.05 -11.39 4.36
C SER A 9 24.83 -10.07 4.19
N HIS A 10 24.50 -9.31 3.13
CA HIS A 10 25.13 -8.02 2.83
C HIS A 10 24.07 -6.90 2.88
N MET A 11 24.21 -6.00 3.86
CA MET A 11 23.37 -4.80 3.99
C MET A 11 24.24 -3.62 4.41
N GLY A 12 24.20 -2.55 3.62
CA GLY A 12 24.94 -1.31 3.87
C GLY A 12 24.44 -0.19 2.99
N SER A 13 24.09 -0.54 1.75
CA SER A 13 23.34 0.34 0.84
C SER A 13 21.85 0.00 0.97
N GLU A 14 21.00 1.01 1.26
CA GLU A 14 19.56 0.80 1.39
C GLU A 14 18.95 0.40 0.02
N GLU A 15 18.40 -0.81 -0.04
CA GLU A 15 17.77 -1.38 -1.26
C GLU A 15 16.40 -0.74 -1.51
N ASP A 16 15.90 -0.90 -2.75
CA ASP A 16 14.59 -0.38 -3.16
C ASP A 16 13.46 -1.07 -2.36
N ASP A 17 13.68 -2.36 -2.05
CA ASP A 17 12.75 -3.16 -1.23
C ASP A 17 12.79 -2.71 0.26
N GLY A 18 13.80 -1.88 0.60
CA GLY A 18 13.85 -1.21 1.90
C GLY A 18 12.69 -0.24 2.09
N VAL A 19 12.41 0.54 1.02
CA VAL A 19 11.22 1.43 0.93
C VAL A 19 9.94 0.58 1.05
N VAL A 20 9.89 -0.47 0.22
CA VAL A 20 8.75 -1.41 0.13
C VAL A 20 8.45 -2.09 1.48
N ALA A 21 9.51 -2.44 2.23
CA ALA A 21 9.41 -3.19 3.50
C ALA A 21 8.84 -2.29 4.60
N MET A 22 9.31 -1.03 4.66
CA MET A 22 8.80 -0.08 5.66
C MET A 22 7.37 0.39 5.31
N ILE A 23 6.96 0.33 4.02
CA ILE A 23 5.55 0.54 3.64
C ILE A 23 4.69 -0.58 4.27
N LYS A 24 5.16 -1.85 4.07
CA LYS A 24 4.48 -3.06 4.61
C LYS A 24 4.21 -2.95 6.11
N GLU A 25 5.23 -2.48 6.87
CA GLU A 25 5.14 -2.43 8.34
C GLU A 25 4.27 -1.24 8.78
N LEU A 26 4.36 -0.07 8.08
CA LEU A 26 3.56 1.15 8.42
C LEU A 26 2.06 0.88 8.21
N LEU A 27 1.74 -0.02 7.28
CA LEU A 27 0.38 -0.51 7.10
C LEU A 27 0.04 -1.49 8.23
N ASP A 28 0.87 -2.53 8.40
CA ASP A 28 0.61 -3.66 9.32
C ASP A 28 0.51 -3.22 10.80
N THR A 29 1.19 -2.11 11.14
CA THR A 29 1.20 -1.55 12.49
C THR A 29 0.07 -0.52 12.67
N ARG A 30 0.00 0.46 11.74
CA ARG A 30 -0.88 1.65 11.88
C ARG A 30 -2.27 1.44 11.27
N ILE A 31 -2.31 0.96 10.00
CA ILE A 31 -3.55 0.94 9.19
C ILE A 31 -4.37 -0.35 9.36
N ARG A 32 -3.74 -1.52 9.06
CA ARG A 32 -4.42 -2.85 9.06
C ARG A 32 -5.24 -3.12 10.34
N PRO A 33 -4.65 -3.03 11.61
CA PRO A 33 -5.42 -3.31 12.86
C PRO A 33 -6.67 -2.40 13.01
N THR A 34 -6.52 -1.12 12.58
CA THR A 34 -7.60 -0.13 12.61
C THR A 34 -8.77 -0.54 11.68
N VAL A 35 -8.42 -0.97 10.44
CA VAL A 35 -9.42 -1.40 9.45
C VAL A 35 -10.03 -2.78 9.83
N GLN A 36 -9.24 -3.60 10.56
CA GLN A 36 -9.70 -4.91 11.04
C GLN A 36 -10.72 -4.78 12.19
N GLU A 37 -10.59 -3.69 12.99
CA GLU A 37 -11.60 -3.31 14.01
C GLU A 37 -12.81 -2.62 13.33
N ASP A 38 -12.56 -2.00 12.16
CA ASP A 38 -13.62 -1.46 11.27
C ASP A 38 -14.39 -2.61 10.56
N GLY A 39 -13.74 -3.78 10.46
CA GLY A 39 -14.34 -4.99 9.89
C GLY A 39 -13.67 -5.44 8.60
N GLY A 40 -13.01 -4.50 7.90
CA GLY A 40 -12.27 -4.80 6.66
C GLY A 40 -10.82 -5.11 6.92
N ASP A 41 -9.96 -4.85 5.91
CA ASP A 41 -8.49 -5.04 6.00
C ASP A 41 -7.83 -4.49 4.73
N VAL A 42 -6.53 -4.19 4.81
CA VAL A 42 -5.70 -3.72 3.70
C VAL A 42 -4.47 -4.65 3.60
N ILE A 43 -4.23 -5.23 2.41
CA ILE A 43 -3.10 -6.16 2.19
C ILE A 43 -2.16 -5.53 1.15
N TYR A 44 -0.87 -5.41 1.49
CA TYR A 44 0.13 -4.82 0.58
C TYR A 44 0.35 -5.73 -0.65
N LYS A 45 -0.03 -5.23 -1.83
CA LYS A 45 0.08 -5.96 -3.10
C LYS A 45 1.34 -5.57 -3.88
N GLY A 46 1.66 -4.26 -3.94
CA GLY A 46 2.80 -3.80 -4.74
C GLY A 46 3.13 -2.32 -4.59
N PHE A 47 4.13 -1.88 -5.37
CA PHE A 47 4.57 -0.47 -5.45
C PHE A 47 5.26 -0.29 -6.82
N GLU A 48 4.63 0.48 -7.73
CA GLU A 48 5.14 0.68 -9.09
C GLU A 48 4.95 2.15 -9.50
N ASP A 49 6.07 2.80 -9.92
CA ASP A 49 6.12 4.21 -10.36
C ASP A 49 5.57 5.18 -9.28
N GLY A 50 5.81 4.81 -8.00
CA GLY A 50 5.41 5.62 -6.86
C GLY A 50 3.98 5.35 -6.37
N ILE A 51 3.29 4.38 -7.00
CA ILE A 51 1.89 4.05 -6.68
C ILE A 51 1.83 2.77 -5.81
N VAL A 52 1.37 2.92 -4.55
CA VAL A 52 1.25 1.81 -3.58
C VAL A 52 -0.05 1.05 -3.86
N GLN A 53 0.05 -0.18 -4.35
CA GLN A 53 -1.10 -1.03 -4.67
C GLN A 53 -1.53 -1.81 -3.41
N LEU A 54 -2.80 -1.62 -2.98
CA LEU A 54 -3.37 -2.21 -1.75
C LEU A 54 -4.71 -2.90 -2.01
N LYS A 55 -4.88 -4.08 -1.40
CA LYS A 55 -6.09 -4.89 -1.51
C LYS A 55 -7.06 -4.52 -0.38
N LEU A 56 -8.18 -3.85 -0.73
CA LEU A 56 -9.20 -3.44 0.25
C LEU A 56 -10.26 -4.55 0.39
N GLN A 57 -10.72 -4.80 1.64
CA GLN A 57 -11.66 -5.91 1.95
C GLN A 57 -13.11 -5.41 2.12
N GLY A 58 -14.06 -6.38 2.10
CA GLY A 58 -15.51 -6.11 2.13
C GLY A 58 -15.99 -5.46 3.43
N SER A 59 -15.87 -4.13 3.50
CA SER A 59 -16.30 -3.27 4.63
C SER A 59 -15.89 -1.83 4.32
N CYS A 60 -14.58 -1.66 4.05
CA CYS A 60 -14.01 -0.39 3.60
C CYS A 60 -14.34 -0.13 2.11
N THR A 61 -14.91 -1.16 1.45
CA THR A 61 -15.30 -1.12 0.04
C THR A 61 -16.81 -0.86 -0.15
N SER A 62 -17.58 -0.75 0.96
CA SER A 62 -19.07 -0.67 0.93
C SER A 62 -19.60 0.56 0.17
N CYS A 63 -18.76 1.61 0.02
CA CYS A 63 -19.08 2.79 -0.81
C CYS A 63 -17.78 3.33 -1.44
N PRO A 64 -17.84 3.93 -2.68
CA PRO A 64 -16.62 4.51 -3.35
C PRO A 64 -16.00 5.65 -2.52
N SER A 65 -16.84 6.32 -1.72
CA SER A 65 -16.42 7.37 -0.77
C SER A 65 -15.37 6.83 0.22
N SER A 66 -15.70 5.72 0.92
CA SER A 66 -14.85 5.13 1.97
C SER A 66 -13.55 4.52 1.38
N ILE A 67 -13.68 3.93 0.18
CA ILE A 67 -12.52 3.39 -0.58
C ILE A 67 -11.45 4.47 -0.76
N ILE A 68 -11.87 5.62 -1.31
CA ILE A 68 -10.98 6.73 -1.64
C ILE A 68 -10.44 7.41 -0.36
N THR A 69 -11.31 7.60 0.66
CA THR A 69 -10.94 8.29 1.93
C THR A 69 -9.87 7.49 2.70
N LEU A 70 -10.05 6.16 2.80
CA LEU A 70 -9.07 5.25 3.40
C LEU A 70 -7.74 5.33 2.62
N LYS A 71 -7.84 5.19 1.29
CA LYS A 71 -6.71 5.24 0.35
C LYS A 71 -5.91 6.58 0.46
N ASN A 72 -6.63 7.68 0.73
CA ASN A 72 -6.04 9.03 0.87
C ASN A 72 -5.30 9.19 2.21
N GLY A 73 -5.92 8.68 3.29
CA GLY A 73 -5.31 8.74 4.63
C GLY A 73 -4.02 7.93 4.70
N ILE A 74 -4.05 6.76 4.05
CA ILE A 74 -2.87 5.90 3.86
C ILE A 74 -1.78 6.63 3.06
N GLN A 75 -2.19 7.30 1.96
CA GLN A 75 -1.26 8.02 1.07
C GLN A 75 -0.51 9.14 1.83
N ASN A 76 -1.25 9.95 2.60
CA ASN A 76 -0.70 11.06 3.40
C ASN A 76 0.30 10.54 4.46
N MET A 77 -0.05 9.38 5.08
CA MET A 77 0.81 8.72 6.07
C MET A 77 2.15 8.31 5.42
N LEU A 78 2.06 7.53 4.33
CA LEU A 78 3.22 6.99 3.61
C LEU A 78 4.09 8.11 2.99
N GLN A 79 3.46 9.23 2.57
CA GLN A 79 4.18 10.40 1.99
C GLN A 79 5.03 11.11 3.06
N PHE A 80 4.54 11.10 4.32
CA PHE A 80 5.24 11.72 5.46
C PHE A 80 6.58 11.01 5.74
N TYR A 81 6.53 9.67 5.75
CA TYR A 81 7.71 8.82 6.02
C TYR A 81 8.57 8.61 4.75
N ILE A 82 7.92 8.67 3.57
CA ILE A 82 8.53 8.24 2.28
C ILE A 82 8.09 9.21 1.14
N PRO A 83 9.02 10.03 0.56
CA PRO A 83 8.67 10.94 -0.57
C PRO A 83 8.48 10.18 -1.91
N GLU A 84 8.87 8.89 -1.94
CA GLU A 84 8.75 8.02 -3.14
C GLU A 84 7.27 7.71 -3.44
N VAL A 85 6.44 7.70 -2.38
CA VAL A 85 4.98 7.49 -2.51
C VAL A 85 4.35 8.75 -3.15
N GLU A 86 3.98 8.61 -4.44
CA GLU A 86 3.30 9.66 -5.22
C GLU A 86 1.78 9.48 -5.13
N GLY A 87 1.33 8.22 -5.00
CA GLY A 87 -0.10 7.89 -4.91
C GLY A 87 -0.33 6.50 -4.34
N VAL A 88 -1.61 6.15 -4.12
CA VAL A 88 -2.05 4.81 -3.71
C VAL A 88 -3.22 4.38 -4.63
N GLU A 89 -3.27 3.08 -4.98
CA GLU A 89 -4.30 2.50 -5.85
C GLU A 89 -4.96 1.31 -5.12
N GLN A 90 -6.29 1.15 -5.32
CA GLN A 90 -7.02 -0.03 -4.86
C GLN A 90 -6.87 -1.13 -5.92
N VAL A 91 -6.39 -2.31 -5.50
CA VAL A 91 -6.33 -3.52 -6.32
C VAL A 91 -6.83 -4.70 -5.49
N MET A 92 -8.04 -5.18 -5.78
CA MET A 92 -8.62 -6.34 -5.11
C MET A 92 -8.24 -7.60 -5.90
N ASP A 93 -7.16 -8.26 -5.44
CA ASP A 93 -6.64 -9.51 -6.04
C ASP A 93 -7.73 -10.60 -6.00
N ASP A 94 -7.80 -11.40 -7.08
CA ASP A 94 -8.86 -12.39 -7.34
C ASP A 94 -9.11 -13.32 -6.15
N GLU A 95 -10.16 -12.99 -5.37
CA GLU A 95 -10.54 -13.69 -4.13
C GLU A 95 -12.01 -14.15 -4.19
N SER A 96 -12.83 -13.42 -4.97
CA SER A 96 -14.30 -13.58 -4.98
C SER A 96 -14.75 -14.19 -6.32
N ASP A 97 -15.13 -15.47 -6.29
CA ASP A 97 -15.62 -16.21 -7.47
C ASP A 97 -16.92 -16.95 -7.10
N MET A 1 10.41 -16.46 -29.95
CA MET A 1 10.58 -15.10 -29.38
C MET A 1 11.00 -15.17 -27.89
N GLY A 2 11.45 -14.02 -27.35
CA GLY A 2 11.82 -13.91 -25.95
C GLY A 2 13.18 -14.52 -25.62
N HIS A 3 14.26 -13.74 -25.81
CA HIS A 3 15.64 -14.13 -25.41
C HIS A 3 15.74 -14.22 -23.86
N HIS A 4 14.80 -13.52 -23.20
CA HIS A 4 14.57 -13.54 -21.74
C HIS A 4 13.95 -14.89 -21.26
N HIS A 5 13.85 -15.89 -22.19
CA HIS A 5 13.36 -17.26 -21.89
C HIS A 5 14.01 -17.83 -20.61
N HIS A 6 15.35 -17.86 -20.59
CA HIS A 6 16.11 -18.30 -19.39
C HIS A 6 16.10 -17.14 -18.34
N HIS A 7 15.29 -17.29 -17.28
CA HIS A 7 15.19 -16.28 -16.22
C HIS A 7 14.63 -16.90 -14.94
N HIS A 8 15.18 -16.49 -13.80
CA HIS A 8 14.57 -16.68 -12.48
C HIS A 8 13.58 -15.51 -12.27
N SER A 9 12.61 -15.68 -11.35
CA SER A 9 11.73 -14.60 -10.91
C SER A 9 12.58 -13.47 -10.29
N HIS A 10 12.77 -12.39 -11.08
CA HIS A 10 13.83 -11.37 -10.86
C HIS A 10 13.79 -10.75 -9.45
N MET A 11 12.57 -10.59 -8.91
CA MET A 11 12.24 -10.14 -7.53
C MET A 11 12.51 -8.64 -7.27
N GLY A 12 13.61 -8.09 -7.83
CA GLY A 12 13.91 -6.67 -7.73
C GLY A 12 13.00 -5.83 -8.63
N SER A 13 11.78 -5.60 -8.14
CA SER A 13 10.80 -4.74 -8.79
C SER A 13 11.32 -3.29 -8.80
N GLU A 14 11.72 -2.80 -10.00
CA GLU A 14 12.32 -1.47 -10.25
C GLU A 14 13.78 -1.43 -9.73
N GLU A 15 13.95 -1.57 -8.41
CA GLU A 15 15.27 -1.58 -7.77
C GLU A 15 15.32 -2.65 -6.65
N ASP A 16 14.83 -2.31 -5.46
CA ASP A 16 14.94 -3.19 -4.26
C ASP A 16 13.61 -3.26 -3.51
N ASP A 17 13.60 -4.14 -2.49
CA ASP A 17 12.49 -4.32 -1.54
C ASP A 17 12.64 -3.35 -0.33
N GLY A 18 13.68 -2.48 -0.34
CA GLY A 18 14.03 -1.63 0.81
C GLY A 18 12.91 -0.66 1.21
N VAL A 19 12.48 0.21 0.25
CA VAL A 19 11.36 1.15 0.49
C VAL A 19 10.05 0.37 0.72
N VAL A 20 9.87 -0.73 -0.05
CA VAL A 20 8.71 -1.62 0.05
C VAL A 20 8.56 -2.19 1.48
N ALA A 21 9.71 -2.50 2.11
CA ALA A 21 9.81 -3.15 3.43
C ALA A 21 9.26 -2.25 4.55
N MET A 22 9.64 -0.95 4.53
CA MET A 22 9.18 0.01 5.54
C MET A 22 7.69 0.37 5.34
N ILE A 23 7.20 0.28 4.10
CA ILE A 23 5.75 0.45 3.81
C ILE A 23 4.95 -0.70 4.46
N LYS A 24 5.51 -1.94 4.40
CA LYS A 24 4.90 -3.16 5.01
C LYS A 24 4.56 -2.92 6.49
N GLU A 25 5.52 -2.34 7.25
CA GLU A 25 5.36 -2.12 8.69
C GLU A 25 4.34 -1.00 8.94
N LEU A 26 4.48 0.15 8.20
CA LEU A 26 3.62 1.34 8.38
C LEU A 26 2.13 1.02 8.14
N LEU A 27 1.87 0.08 7.21
CA LEU A 27 0.52 -0.44 6.96
C LEU A 27 0.07 -1.34 8.13
N ASP A 28 0.90 -2.35 8.44
CA ASP A 28 0.55 -3.42 9.39
C ASP A 28 0.41 -2.91 10.84
N THR A 29 1.07 -1.79 11.15
CA THR A 29 1.08 -1.17 12.47
C THR A 29 -0.04 -0.12 12.61
N ARG A 30 -0.09 0.84 11.67
CA ARG A 30 -1.01 2.00 11.76
C ARG A 30 -2.37 1.68 11.10
N ILE A 31 -2.35 1.19 9.85
CA ILE A 31 -3.54 1.11 8.99
C ILE A 31 -4.34 -0.18 9.26
N ARG A 32 -3.74 -1.37 8.94
CA ARG A 32 -4.41 -2.69 9.01
C ARG A 32 -5.28 -2.88 10.28
N PRO A 33 -4.72 -2.74 11.57
CA PRO A 33 -5.51 -2.99 12.81
C PRO A 33 -6.79 -2.11 12.89
N THR A 34 -6.65 -0.84 12.46
CA THR A 34 -7.75 0.14 12.47
C THR A 34 -8.85 -0.28 11.47
N VAL A 35 -8.44 -0.73 10.27
CA VAL A 35 -9.37 -1.16 9.20
C VAL A 35 -10.03 -2.51 9.59
N GLN A 36 -9.30 -3.34 10.35
CA GLN A 36 -9.80 -4.64 10.87
C GLN A 36 -10.92 -4.41 11.90
N GLU A 37 -10.78 -3.35 12.71
CA GLU A 37 -11.81 -2.91 13.66
C GLU A 37 -13.00 -2.24 12.92
N ASP A 38 -12.69 -1.64 11.75
CA ASP A 38 -13.68 -1.01 10.86
C ASP A 38 -14.50 -2.07 10.09
N GLY A 39 -13.93 -3.30 9.95
CA GLY A 39 -14.64 -4.42 9.31
C GLY A 39 -14.04 -4.85 7.98
N GLY A 40 -13.04 -4.09 7.49
CA GLY A 40 -12.27 -4.44 6.29
C GLY A 40 -10.84 -4.86 6.64
N ASP A 41 -9.92 -4.63 5.69
CA ASP A 41 -8.46 -4.80 5.88
C ASP A 41 -7.74 -4.32 4.60
N VAL A 42 -6.43 -4.06 4.73
CA VAL A 42 -5.57 -3.66 3.61
C VAL A 42 -4.41 -4.67 3.53
N ILE A 43 -4.18 -5.26 2.35
CA ILE A 43 -3.11 -6.25 2.15
C ILE A 43 -2.15 -5.69 1.10
N TYR A 44 -0.85 -5.67 1.41
CA TYR A 44 0.17 -5.09 0.53
C TYR A 44 0.43 -6.03 -0.66
N LYS A 45 0.28 -5.50 -1.88
CA LYS A 45 0.32 -6.29 -3.14
C LYS A 45 1.49 -5.87 -4.05
N GLY A 46 1.84 -4.56 -4.02
CA GLY A 46 2.95 -4.06 -4.84
C GLY A 46 3.21 -2.58 -4.64
N PHE A 47 4.26 -2.08 -5.30
CA PHE A 47 4.68 -0.66 -5.24
C PHE A 47 5.38 -0.34 -6.57
N GLU A 48 4.75 0.50 -7.41
CA GLU A 48 5.23 0.78 -8.79
C GLU A 48 5.05 2.27 -9.12
N ASP A 49 6.17 2.95 -9.46
CA ASP A 49 6.20 4.35 -9.94
C ASP A 49 5.74 5.33 -8.86
N GLY A 50 5.79 4.87 -7.60
CA GLY A 50 5.38 5.66 -6.44
C GLY A 50 3.98 5.31 -5.95
N ILE A 51 3.32 4.40 -6.65
CA ILE A 51 1.94 4.00 -6.34
C ILE A 51 1.94 2.72 -5.48
N VAL A 52 1.56 2.88 -4.20
CA VAL A 52 1.44 1.78 -3.24
C VAL A 52 0.13 1.03 -3.52
N GLN A 53 0.26 -0.16 -4.10
CA GLN A 53 -0.88 -0.95 -4.56
C GLN A 53 -1.32 -1.93 -3.45
N LEU A 54 -2.58 -1.74 -2.97
CA LEU A 54 -3.15 -2.45 -1.82
C LEU A 54 -4.47 -3.11 -2.19
N LYS A 55 -4.68 -4.34 -1.73
CA LYS A 55 -5.94 -5.05 -1.86
C LYS A 55 -6.85 -4.66 -0.68
N LEU A 56 -7.95 -3.98 -0.97
CA LEU A 56 -8.89 -3.54 0.08
C LEU A 56 -10.01 -4.60 0.23
N GLN A 57 -10.38 -4.90 1.49
CA GLN A 57 -11.40 -5.92 1.82
C GLN A 57 -12.78 -5.29 2.04
N GLY A 58 -13.82 -6.18 2.08
CA GLY A 58 -15.23 -5.79 2.17
C GLY A 58 -15.59 -4.90 3.36
N SER A 59 -16.83 -4.37 3.33
CA SER A 59 -17.37 -3.36 4.28
C SER A 59 -16.83 -1.96 3.95
N CYS A 60 -15.48 -1.80 3.96
CA CYS A 60 -14.81 -0.54 3.58
C CYS A 60 -14.97 -0.26 2.07
N THR A 61 -15.03 -1.34 1.27
CA THR A 61 -15.21 -1.27 -0.19
C THR A 61 -16.69 -1.09 -0.58
N SER A 62 -17.59 -1.52 0.31
CA SER A 62 -19.05 -1.48 0.08
C SER A 62 -19.56 -0.02 -0.04
N CYS A 63 -18.79 0.92 0.53
CA CYS A 63 -19.08 2.36 0.48
C CYS A 63 -17.95 3.07 -0.31
N PRO A 64 -18.24 3.67 -1.51
CA PRO A 64 -17.19 4.28 -2.40
C PRO A 64 -16.43 5.44 -1.73
N SER A 65 -17.14 6.23 -0.89
CA SER A 65 -16.56 7.34 -0.14
C SER A 65 -15.61 6.83 0.97
N SER A 66 -15.89 5.64 1.52
CA SER A 66 -15.01 4.98 2.51
C SER A 66 -13.72 4.46 1.87
N ILE A 67 -13.79 4.06 0.57
CA ILE A 67 -12.60 3.69 -0.22
C ILE A 67 -11.68 4.92 -0.37
N ILE A 68 -12.30 6.09 -0.67
CA ILE A 68 -11.59 7.37 -0.83
C ILE A 68 -10.86 7.75 0.48
N THR A 69 -11.62 7.83 1.60
CA THR A 69 -11.09 8.25 2.91
C THR A 69 -9.96 7.33 3.38
N LEU A 70 -10.14 6.00 3.16
CA LEU A 70 -9.15 4.98 3.50
C LEU A 70 -7.84 5.23 2.72
N LYS A 71 -7.95 5.17 1.38
CA LYS A 71 -6.79 5.24 0.45
C LYS A 71 -6.01 6.56 0.63
N ASN A 72 -6.75 7.67 0.79
CA ASN A 72 -6.19 9.03 0.99
C ASN A 72 -5.44 9.13 2.33
N GLY A 73 -6.01 8.53 3.38
CA GLY A 73 -5.40 8.55 4.70
C GLY A 73 -4.09 7.76 4.74
N ILE A 74 -4.12 6.57 4.10
CA ILE A 74 -2.94 5.70 3.91
C ILE A 74 -1.85 6.47 3.14
N GLN A 75 -2.30 7.15 2.08
CA GLN A 75 -1.44 7.88 1.14
C GLN A 75 -0.66 8.97 1.87
N ASN A 76 -1.39 9.88 2.53
CA ASN A 76 -0.81 11.04 3.23
C ASN A 76 0.13 10.61 4.37
N MET A 77 -0.21 9.46 5.02
CA MET A 77 0.62 8.86 6.08
C MET A 77 1.99 8.42 5.49
N LEU A 78 1.92 7.63 4.40
CA LEU A 78 3.11 7.09 3.71
C LEU A 78 3.93 8.21 3.04
N GLN A 79 3.25 9.29 2.61
CA GLN A 79 3.89 10.47 1.97
C GLN A 79 4.71 11.26 3.00
N PHE A 80 4.24 11.28 4.26
CA PHE A 80 4.93 11.98 5.37
C PHE A 80 6.31 11.35 5.64
N TYR A 81 6.31 10.01 5.74
CA TYR A 81 7.52 9.24 6.05
C TYR A 81 8.40 9.06 4.80
N ILE A 82 7.74 8.85 3.65
CA ILE A 82 8.36 8.35 2.41
C ILE A 82 8.04 9.30 1.22
N PRO A 83 9.05 10.02 0.66
CA PRO A 83 8.87 10.92 -0.51
C PRO A 83 8.65 10.15 -1.84
N GLU A 84 8.85 8.83 -1.80
CA GLU A 84 8.73 7.95 -2.98
C GLU A 84 7.25 7.76 -3.36
N VAL A 85 6.36 7.79 -2.34
CA VAL A 85 4.94 7.53 -2.48
C VAL A 85 4.22 8.70 -3.18
N GLU A 86 3.99 8.55 -4.49
CA GLU A 86 3.17 9.49 -5.29
C GLU A 86 1.69 9.35 -4.94
N GLY A 87 1.27 8.09 -4.73
CA GLY A 87 -0.12 7.78 -4.43
C GLY A 87 -0.31 6.36 -3.93
N VAL A 88 -1.58 5.99 -3.73
CA VAL A 88 -2.00 4.61 -3.34
C VAL A 88 -3.14 4.19 -4.31
N GLU A 89 -3.21 2.90 -4.64
CA GLU A 89 -4.22 2.36 -5.58
C GLU A 89 -4.80 1.06 -5.03
N GLN A 90 -6.11 0.87 -5.23
CA GLN A 90 -6.79 -0.38 -4.88
C GLN A 90 -6.62 -1.38 -6.03
N VAL A 91 -6.03 -2.54 -5.72
CA VAL A 91 -5.77 -3.63 -6.68
C VAL A 91 -6.40 -4.94 -6.14
N MET A 92 -7.28 -5.55 -6.94
CA MET A 92 -7.90 -6.84 -6.62
C MET A 92 -7.03 -7.99 -7.16
N ASP A 93 -6.01 -8.41 -6.38
CA ASP A 93 -5.32 -9.69 -6.63
C ASP A 93 -6.19 -10.81 -6.05
N ASP A 94 -7.21 -11.10 -6.84
CA ASP A 94 -8.26 -12.07 -6.53
C ASP A 94 -8.87 -12.48 -7.87
N GLU A 95 -9.35 -13.72 -7.99
CA GLU A 95 -9.76 -14.29 -9.28
C GLU A 95 -11.21 -13.88 -9.64
N SER A 96 -11.98 -13.44 -8.64
CA SER A 96 -13.32 -12.86 -8.82
C SER A 96 -13.71 -12.13 -7.52
N ASP A 97 -13.80 -10.79 -7.60
CA ASP A 97 -14.24 -9.96 -6.46
C ASP A 97 -15.78 -10.06 -6.27
N MET A 1 23.03 -21.41 -15.25
CA MET A 1 23.67 -22.38 -16.16
C MET A 1 24.03 -21.71 -17.50
N GLY A 2 25.30 -21.87 -17.93
CA GLY A 2 25.79 -21.35 -19.21
C GLY A 2 25.95 -19.83 -19.23
N HIS A 3 24.82 -19.14 -19.49
CA HIS A 3 24.77 -17.67 -19.62
C HIS A 3 25.06 -16.97 -18.28
N HIS A 4 26.20 -16.27 -18.23
CA HIS A 4 26.59 -15.46 -17.06
C HIS A 4 25.74 -14.18 -17.03
N HIS A 5 25.11 -13.92 -15.87
CA HIS A 5 24.25 -12.76 -15.64
C HIS A 5 24.15 -12.48 -14.14
N HIS A 6 24.68 -11.32 -13.69
CA HIS A 6 24.57 -10.91 -12.28
C HIS A 6 23.13 -10.51 -11.93
N HIS A 7 22.81 -10.61 -10.64
CA HIS A 7 21.54 -10.13 -10.08
C HIS A 7 21.63 -8.60 -9.91
N HIS A 8 20.50 -7.90 -10.13
CA HIS A 8 20.43 -6.44 -9.90
C HIS A 8 20.75 -6.15 -8.41
N SER A 9 21.81 -5.36 -8.19
CA SER A 9 22.47 -5.19 -6.88
C SER A 9 21.48 -4.78 -5.77
N HIS A 10 21.13 -5.76 -4.92
CA HIS A 10 20.26 -5.55 -3.77
C HIS A 10 21.04 -4.80 -2.66
N MET A 11 21.05 -3.47 -2.80
CA MET A 11 21.85 -2.53 -1.98
C MET A 11 20.93 -1.43 -1.42
N GLY A 12 21.25 -0.92 -0.21
CA GLY A 12 20.47 0.14 0.44
C GLY A 12 20.27 1.37 -0.45
N SER A 13 19.08 1.43 -1.09
CA SER A 13 18.75 2.43 -2.11
C SER A 13 17.24 2.74 -2.09
N GLU A 14 16.86 3.77 -2.87
CA GLU A 14 15.45 4.14 -3.12
C GLU A 14 14.80 3.09 -4.04
N GLU A 15 15.64 2.47 -4.89
CA GLU A 15 15.26 1.37 -5.80
C GLU A 15 14.93 0.09 -5.01
N ASP A 16 15.60 -0.06 -3.87
CA ASP A 16 15.59 -1.28 -3.06
C ASP A 16 14.23 -1.49 -2.36
N ASP A 17 13.92 -2.76 -2.03
CA ASP A 17 12.66 -3.17 -1.40
C ASP A 17 12.64 -2.88 0.12
N GLY A 18 13.71 -2.23 0.63
CA GLY A 18 13.72 -1.66 1.97
C GLY A 18 12.66 -0.59 2.17
N VAL A 19 12.42 0.18 1.09
CA VAL A 19 11.31 1.16 1.01
C VAL A 19 9.96 0.41 1.13
N VAL A 20 9.81 -0.64 0.31
CA VAL A 20 8.61 -1.50 0.30
C VAL A 20 8.39 -2.17 1.69
N ALA A 21 9.50 -2.48 2.37
CA ALA A 21 9.50 -3.15 3.69
C ALA A 21 8.95 -2.23 4.80
N MET A 22 9.42 -0.96 4.81
CA MET A 22 8.97 0.03 5.79
C MET A 22 7.53 0.49 5.50
N ILE A 23 7.08 0.37 4.21
CA ILE A 23 5.66 0.58 3.85
C ILE A 23 4.81 -0.56 4.46
N LYS A 24 5.29 -1.82 4.34
CA LYS A 24 4.64 -3.01 4.95
C LYS A 24 4.46 -2.82 6.46
N GLU A 25 5.49 -2.26 7.11
CA GLU A 25 5.51 -2.02 8.56
C GLU A 25 4.45 -0.97 8.96
N LEU A 26 4.49 0.20 8.28
CA LEU A 26 3.58 1.34 8.54
C LEU A 26 2.11 0.94 8.33
N LEU A 27 1.86 0.10 7.33
CA LEU A 27 0.52 -0.45 7.08
C LEU A 27 0.13 -1.41 8.22
N ASP A 28 1.03 -2.35 8.54
CA ASP A 28 0.73 -3.48 9.44
C ASP A 28 0.45 -3.03 10.89
N THR A 29 1.12 -1.97 11.33
CA THR A 29 1.00 -1.46 12.70
C THR A 29 -0.15 -0.44 12.82
N ARG A 30 -0.20 0.51 11.88
CA ARG A 30 -1.09 1.69 11.96
C ARG A 30 -2.47 1.42 11.34
N ILE A 31 -2.46 0.96 10.08
CA ILE A 31 -3.67 0.93 9.23
C ILE A 31 -4.45 -0.39 9.41
N ARG A 32 -3.78 -1.54 9.17
CA ARG A 32 -4.41 -2.88 9.13
C ARG A 32 -5.27 -3.17 10.39
N PRO A 33 -4.73 -3.09 11.67
CA PRO A 33 -5.52 -3.46 12.89
C PRO A 33 -6.79 -2.62 13.04
N THR A 34 -6.68 -1.32 12.69
CA THR A 34 -7.80 -0.35 12.72
C THR A 34 -8.92 -0.80 11.77
N VAL A 35 -8.53 -1.17 10.53
CA VAL A 35 -9.48 -1.60 9.48
C VAL A 35 -10.04 -3.00 9.80
N GLN A 36 -9.24 -3.84 10.48
CA GLN A 36 -9.64 -5.22 10.88
C GLN A 36 -10.75 -5.18 11.93
N GLU A 37 -10.67 -4.22 12.87
CA GLU A 37 -11.72 -3.99 13.88
C GLU A 37 -12.97 -3.38 13.21
N ASP A 38 -12.72 -2.56 12.17
CA ASP A 38 -13.78 -1.96 11.34
C ASP A 38 -14.48 -3.03 10.48
N GLY A 39 -13.81 -4.18 10.26
CA GLY A 39 -14.41 -5.34 9.60
C GLY A 39 -13.69 -5.72 8.30
N GLY A 40 -12.82 -4.84 7.81
CA GLY A 40 -12.04 -5.10 6.61
C GLY A 40 -10.58 -5.44 6.91
N ASP A 41 -9.68 -5.01 6.00
CA ASP A 41 -8.20 -5.14 6.13
C ASP A 41 -7.55 -4.53 4.86
N VAL A 42 -6.26 -4.18 4.95
CA VAL A 42 -5.47 -3.69 3.81
C VAL A 42 -4.23 -4.60 3.63
N ILE A 43 -4.11 -5.23 2.45
CA ILE A 43 -2.99 -6.14 2.14
C ILE A 43 -2.13 -5.50 1.04
N TYR A 44 -0.86 -5.28 1.34
CA TYR A 44 0.08 -4.64 0.42
C TYR A 44 0.41 -5.60 -0.73
N LYS A 45 -0.03 -5.23 -1.94
CA LYS A 45 0.08 -6.07 -3.15
C LYS A 45 1.29 -5.69 -3.99
N GLY A 46 1.51 -4.38 -4.22
CA GLY A 46 2.61 -3.95 -5.11
C GLY A 46 2.99 -2.49 -4.96
N PHE A 47 4.14 -2.14 -5.57
CA PHE A 47 4.70 -0.79 -5.58
C PHE A 47 5.42 -0.58 -6.92
N GLU A 48 4.89 0.33 -7.76
CA GLU A 48 5.45 0.65 -9.07
C GLU A 48 5.21 2.13 -9.39
N ASP A 49 6.32 2.86 -9.68
CA ASP A 49 6.32 4.28 -10.09
C ASP A 49 5.85 5.21 -8.94
N GLY A 50 5.90 4.70 -7.69
CA GLY A 50 5.41 5.44 -6.52
C GLY A 50 3.96 5.12 -6.19
N ILE A 51 3.32 4.24 -6.99
CA ILE A 51 1.92 3.84 -6.81
C ILE A 51 1.86 2.58 -5.95
N VAL A 52 1.31 2.75 -4.74
CA VAL A 52 1.16 1.69 -3.75
C VAL A 52 -0.17 0.96 -3.96
N GLN A 53 -0.13 -0.21 -4.60
CA GLN A 53 -1.33 -1.01 -4.88
C GLN A 53 -1.72 -1.82 -3.63
N LEU A 54 -2.91 -1.51 -3.07
CA LEU A 54 -3.42 -2.10 -1.82
C LEU A 54 -4.75 -2.84 -2.05
N LYS A 55 -4.89 -3.98 -1.38
CA LYS A 55 -6.09 -4.81 -1.40
C LYS A 55 -7.02 -4.38 -0.27
N LEU A 56 -8.14 -3.72 -0.62
CA LEU A 56 -9.13 -3.26 0.35
C LEU A 56 -10.20 -4.34 0.54
N GLN A 57 -10.52 -4.65 1.80
CA GLN A 57 -11.60 -5.60 2.15
C GLN A 57 -12.91 -4.87 2.43
N GLY A 58 -13.99 -5.64 2.68
CA GLY A 58 -15.33 -5.11 2.96
C GLY A 58 -15.39 -4.13 4.12
N SER A 59 -16.55 -3.45 4.26
CA SER A 59 -16.77 -2.28 5.16
C SER A 59 -16.12 -1.01 4.57
N CYS A 60 -14.82 -1.09 4.21
CA CYS A 60 -14.10 0.02 3.57
C CYS A 60 -14.36 0.06 2.05
N THR A 61 -14.20 -1.11 1.38
CA THR A 61 -14.33 -1.21 -0.09
C THR A 61 -15.81 -1.19 -0.53
N SER A 62 -16.73 -1.37 0.44
CA SER A 62 -18.17 -1.46 0.21
C SER A 62 -18.77 -0.10 -0.23
N CYS A 63 -18.09 1.02 0.10
CA CYS A 63 -18.51 2.38 -0.29
C CYS A 63 -17.32 3.10 -0.99
N PRO A 64 -17.49 3.58 -2.27
CA PRO A 64 -16.42 4.31 -3.01
C PRO A 64 -15.98 5.60 -2.31
N SER A 65 -16.87 6.14 -1.47
CA SER A 65 -16.58 7.26 -0.59
C SER A 65 -15.46 6.88 0.41
N SER A 66 -15.68 5.74 1.10
CA SER A 66 -14.73 5.22 2.11
C SER A 66 -13.44 4.68 1.46
N ILE A 67 -13.53 4.23 0.19
CA ILE A 67 -12.35 3.82 -0.61
C ILE A 67 -11.40 4.99 -0.78
N ILE A 68 -11.94 6.14 -1.25
CA ILE A 68 -11.16 7.36 -1.48
C ILE A 68 -10.59 7.90 -0.17
N THR A 69 -11.42 7.96 0.89
CA THR A 69 -11.03 8.50 2.21
C THR A 69 -9.90 7.67 2.85
N LEU A 70 -10.03 6.32 2.81
CA LEU A 70 -9.02 5.39 3.33
C LEU A 70 -7.73 5.51 2.51
N LYS A 71 -7.88 5.52 1.17
CA LYS A 71 -6.76 5.64 0.21
C LYS A 71 -5.95 6.92 0.45
N ASN A 72 -6.66 8.04 0.67
CA ASN A 72 -6.06 9.37 0.91
C ASN A 72 -5.31 9.42 2.24
N GLY A 73 -5.91 8.82 3.27
CA GLY A 73 -5.30 8.77 4.60
C GLY A 73 -3.99 8.00 4.59
N ILE A 74 -4.01 6.81 3.96
CA ILE A 74 -2.84 5.95 3.79
C ILE A 74 -1.80 6.64 2.89
N GLN A 75 -2.29 7.31 1.82
CA GLN A 75 -1.44 7.99 0.83
C GLN A 75 -0.58 9.05 1.52
N ASN A 76 -1.24 10.00 2.21
CA ASN A 76 -0.56 11.09 2.93
C ASN A 76 0.33 10.55 4.06
N MET A 77 -0.05 9.42 4.68
CA MET A 77 0.74 8.78 5.75
C MET A 77 2.07 8.23 5.19
N LEU A 78 1.98 7.48 4.08
CA LEU A 78 3.14 6.90 3.38
C LEU A 78 4.04 8.00 2.79
N GLN A 79 3.42 9.08 2.29
CA GLN A 79 4.14 10.25 1.73
C GLN A 79 4.82 11.07 2.83
N PHE A 80 4.23 11.04 4.05
CA PHE A 80 4.70 11.80 5.22
C PHE A 80 6.10 11.31 5.64
N TYR A 81 6.26 9.97 5.68
CA TYR A 81 7.51 9.32 6.07
C TYR A 81 8.41 9.06 4.84
N ILE A 82 7.78 8.75 3.68
CA ILE A 82 8.50 8.30 2.46
C ILE A 82 8.11 9.23 1.27
N PRO A 83 9.03 10.12 0.80
CA PRO A 83 8.75 11.06 -0.33
C PRO A 83 8.65 10.34 -1.70
N GLU A 84 9.05 9.06 -1.73
CA GLU A 84 9.06 8.23 -2.94
C GLU A 84 7.62 7.87 -3.40
N VAL A 85 6.68 7.84 -2.45
CA VAL A 85 5.27 7.51 -2.72
C VAL A 85 4.58 8.70 -3.43
N GLU A 86 4.06 8.44 -4.64
CA GLU A 86 3.29 9.42 -5.44
C GLU A 86 1.79 9.25 -5.20
N GLY A 87 1.36 8.01 -4.94
CA GLY A 87 -0.05 7.71 -4.75
C GLY A 87 -0.30 6.29 -4.25
N VAL A 88 -1.59 5.98 -4.08
CA VAL A 88 -2.08 4.64 -3.71
C VAL A 88 -3.22 4.25 -4.68
N GLU A 89 -3.20 3.01 -5.18
CA GLU A 89 -4.25 2.46 -6.08
C GLU A 89 -4.98 1.31 -5.35
N GLN A 90 -6.29 1.21 -5.56
CA GLN A 90 -7.10 0.10 -5.05
C GLN A 90 -7.06 -1.08 -6.04
N VAL A 91 -6.66 -2.26 -5.53
CA VAL A 91 -6.71 -3.53 -6.29
C VAL A 91 -7.40 -4.60 -5.40
N MET A 92 -8.64 -5.01 -5.75
CA MET A 92 -9.44 -5.94 -4.93
C MET A 92 -9.20 -7.40 -5.34
N ASP A 93 -8.22 -8.05 -4.69
CA ASP A 93 -7.91 -9.49 -4.88
C ASP A 93 -8.88 -10.33 -4.03
N ASP A 94 -10.14 -10.39 -4.46
CA ASP A 94 -11.18 -11.19 -3.80
C ASP A 94 -12.18 -11.62 -4.88
N GLU A 95 -12.32 -12.96 -5.05
CA GLU A 95 -13.08 -13.62 -6.14
C GLU A 95 -12.71 -13.08 -7.55
N SER A 96 -11.47 -12.55 -7.67
CA SER A 96 -11.01 -11.84 -8.87
C SER A 96 -9.68 -12.40 -9.40
N ASP A 97 -9.14 -13.43 -8.75
CA ASP A 97 -7.87 -14.07 -9.17
C ASP A 97 -7.80 -15.52 -8.62
N MET A 1 -3.92 -20.84 4.62
CA MET A 1 -2.66 -20.82 3.83
C MET A 1 -2.93 -21.44 2.46
N GLY A 2 -2.69 -20.66 1.38
CA GLY A 2 -2.77 -21.19 0.02
C GLY A 2 -1.55 -22.04 -0.32
N HIS A 3 -0.72 -21.56 -1.25
CA HIS A 3 0.56 -22.19 -1.59
C HIS A 3 1.57 -21.93 -0.46
N HIS A 4 2.31 -22.99 -0.02
CA HIS A 4 3.22 -22.92 1.15
C HIS A 4 4.24 -21.79 0.99
N HIS A 5 4.98 -21.79 -0.14
CA HIS A 5 5.81 -20.65 -0.54
C HIS A 5 4.89 -19.67 -1.29
N HIS A 6 4.21 -18.84 -0.51
CA HIS A 6 3.15 -17.92 -0.96
C HIS A 6 3.64 -16.93 -2.05
N HIS A 7 2.68 -16.33 -2.79
CA HIS A 7 2.98 -15.28 -3.78
C HIS A 7 3.55 -14.04 -3.06
N HIS A 8 4.87 -14.08 -2.90
CA HIS A 8 5.66 -13.04 -2.22
C HIS A 8 6.34 -12.17 -3.27
N SER A 9 7.39 -12.73 -3.90
CA SER A 9 8.18 -12.08 -4.95
C SER A 9 9.30 -13.03 -5.39
N HIS A 10 9.49 -13.14 -6.70
CA HIS A 10 10.64 -13.85 -7.28
C HIS A 10 11.58 -12.80 -7.92
N MET A 11 12.90 -12.92 -7.62
CA MET A 11 13.96 -11.92 -7.94
C MET A 11 13.69 -10.61 -7.15
N GLY A 12 12.64 -9.87 -7.55
CA GLY A 12 12.20 -8.67 -6.86
C GLY A 12 11.31 -7.85 -7.75
N SER A 13 10.44 -7.03 -7.14
CA SER A 13 9.67 -6.01 -7.84
C SER A 13 10.60 -4.86 -8.28
N GLU A 14 11.40 -4.38 -7.31
CA GLU A 14 12.46 -3.39 -7.53
C GLU A 14 13.45 -3.43 -6.34
N GLU A 15 14.70 -3.00 -6.58
CA GLU A 15 15.73 -2.90 -5.52
C GLU A 15 15.50 -1.65 -4.66
N ASP A 16 16.33 -1.50 -3.61
CA ASP A 16 16.06 -0.60 -2.46
C ASP A 16 14.69 -0.94 -1.87
N ASP A 17 14.49 -2.25 -1.66
CA ASP A 17 13.23 -2.82 -1.16
C ASP A 17 13.01 -2.46 0.31
N GLY A 18 13.95 -1.73 0.92
CA GLY A 18 13.77 -1.11 2.24
C GLY A 18 12.59 -0.15 2.30
N VAL A 19 12.38 0.60 1.19
CA VAL A 19 11.19 1.45 1.00
C VAL A 19 9.93 0.57 1.04
N VAL A 20 9.95 -0.47 0.21
CA VAL A 20 8.85 -1.44 0.06
C VAL A 20 8.57 -2.16 1.41
N ALA A 21 9.65 -2.39 2.18
CA ALA A 21 9.61 -3.13 3.45
C ALA A 21 8.99 -2.28 4.55
N MET A 22 9.37 -0.99 4.59
CA MET A 22 8.86 -0.07 5.60
C MET A 22 7.38 0.25 5.31
N ILE A 23 6.97 0.26 4.02
CA ILE A 23 5.55 0.37 3.63
C ILE A 23 4.76 -0.78 4.29
N LYS A 24 5.27 -2.02 4.10
CA LYS A 24 4.64 -3.25 4.65
C LYS A 24 4.42 -3.17 6.17
N GLU A 25 5.42 -2.63 6.93
CA GLU A 25 5.33 -2.56 8.39
C GLU A 25 4.33 -1.46 8.79
N LEU A 26 4.39 -0.27 8.13
CA LEU A 26 3.54 0.89 8.44
C LEU A 26 2.06 0.58 8.21
N LEU A 27 1.80 -0.28 7.20
CA LEU A 27 0.46 -0.82 6.96
C LEU A 27 0.06 -1.71 8.12
N ASP A 28 0.90 -2.71 8.42
CA ASP A 28 0.56 -3.79 9.37
C ASP A 28 0.39 -3.26 10.82
N THR A 29 1.15 -2.22 11.16
CA THR A 29 1.20 -1.66 12.52
C THR A 29 0.16 -0.55 12.73
N ARG A 30 0.02 0.35 11.74
CA ARG A 30 -0.87 1.52 11.86
C ARG A 30 -2.21 1.28 11.16
N ILE A 31 -2.15 0.91 9.87
CA ILE A 31 -3.34 0.89 8.99
C ILE A 31 -4.24 -0.31 9.28
N ARG A 32 -3.71 -1.55 9.07
CA ARG A 32 -4.47 -2.82 9.25
C ARG A 32 -5.31 -2.85 10.54
N PRO A 33 -4.75 -2.55 11.79
CA PRO A 33 -5.56 -2.49 13.05
C PRO A 33 -6.80 -1.58 12.90
N THR A 34 -6.58 -0.35 12.37
CA THR A 34 -7.64 0.67 12.18
C THR A 34 -8.76 0.17 11.23
N VAL A 35 -8.35 -0.46 10.13
CA VAL A 35 -9.28 -0.99 9.11
C VAL A 35 -10.06 -2.22 9.67
N GLN A 36 -9.38 -2.99 10.56
CA GLN A 36 -9.97 -4.16 11.24
C GLN A 36 -10.92 -3.73 12.38
N GLU A 37 -10.79 -2.46 12.85
CA GLU A 37 -11.77 -1.85 13.77
C GLU A 37 -13.10 -1.60 13.03
N ASP A 38 -12.98 -1.28 11.73
CA ASP A 38 -14.13 -1.13 10.82
C ASP A 38 -14.63 -2.52 10.35
N GLY A 39 -13.74 -3.52 10.40
CA GLY A 39 -14.09 -4.90 10.04
C GLY A 39 -13.46 -5.35 8.72
N GLY A 40 -12.87 -4.39 7.97
CA GLY A 40 -12.15 -4.70 6.72
C GLY A 40 -10.69 -5.02 7.00
N ASP A 41 -9.84 -4.96 5.95
CA ASP A 41 -8.39 -5.21 6.07
C ASP A 41 -7.68 -4.73 4.78
N VAL A 42 -6.35 -4.54 4.86
CA VAL A 42 -5.50 -4.12 3.72
C VAL A 42 -4.31 -5.09 3.57
N ILE A 43 -4.10 -5.56 2.33
CA ILE A 43 -3.02 -6.50 1.97
C ILE A 43 -2.07 -5.76 1.01
N TYR A 44 -0.75 -5.77 1.30
CA TYR A 44 0.26 -5.17 0.42
C TYR A 44 0.42 -6.02 -0.85
N LYS A 45 0.32 -5.38 -2.03
CA LYS A 45 0.44 -6.06 -3.34
C LYS A 45 1.69 -5.60 -4.09
N GLY A 46 1.94 -4.28 -4.12
CA GLY A 46 3.07 -3.76 -4.87
C GLY A 46 3.29 -2.28 -4.71
N PHE A 47 4.26 -1.78 -5.49
CA PHE A 47 4.66 -0.37 -5.53
C PHE A 47 5.30 -0.14 -6.90
N GLU A 48 4.62 0.61 -7.77
CA GLU A 48 5.05 0.84 -9.16
C GLU A 48 4.84 2.30 -9.52
N ASP A 49 5.93 2.97 -9.96
CA ASP A 49 5.92 4.39 -10.42
C ASP A 49 5.47 5.33 -9.29
N GLY A 50 5.77 4.94 -8.05
CA GLY A 50 5.41 5.73 -6.87
C GLY A 50 4.01 5.44 -6.34
N ILE A 51 3.31 4.49 -6.96
CA ILE A 51 1.92 4.12 -6.60
C ILE A 51 1.92 2.79 -5.82
N VAL A 52 1.48 2.84 -4.56
CA VAL A 52 1.38 1.68 -3.69
C VAL A 52 0.06 0.94 -3.98
N GLN A 53 0.16 -0.26 -4.53
CA GLN A 53 -1.02 -1.09 -4.87
C GLN A 53 -1.41 -1.93 -3.65
N LEU A 54 -2.66 -1.75 -3.18
CA LEU A 54 -3.18 -2.44 -1.99
C LEU A 54 -4.50 -3.15 -2.31
N LYS A 55 -4.62 -4.38 -1.82
CA LYS A 55 -5.85 -5.14 -1.88
C LYS A 55 -6.71 -4.80 -0.66
N LEU A 56 -7.82 -4.09 -0.89
CA LEU A 56 -8.75 -3.72 0.18
C LEU A 56 -9.81 -4.82 0.32
N GLN A 57 -10.28 -5.06 1.54
CA GLN A 57 -11.32 -6.08 1.85
C GLN A 57 -12.72 -5.44 1.88
N GLY A 58 -13.77 -6.29 2.08
CA GLY A 58 -15.14 -5.79 2.30
C GLY A 58 -15.25 -4.96 3.57
N SER A 59 -16.39 -4.24 3.71
CA SER A 59 -16.65 -3.26 4.80
C SER A 59 -15.88 -1.95 4.55
N CYS A 60 -14.54 -2.03 4.39
CA CYS A 60 -13.69 -0.88 4.09
C CYS A 60 -13.83 -0.39 2.63
N THR A 61 -14.61 -1.14 1.81
CA THR A 61 -14.92 -0.78 0.42
C THR A 61 -16.40 -0.38 0.25
N SER A 62 -17.13 -0.24 1.39
CA SER A 62 -18.57 0.13 1.37
C SER A 62 -18.75 1.60 0.91
N CYS A 63 -19.19 1.78 -0.36
CA CYS A 63 -19.43 3.10 -1.00
C CYS A 63 -18.10 3.79 -1.38
N PRO A 64 -18.07 4.56 -2.53
CA PRO A 64 -16.81 5.16 -3.07
C PRO A 64 -16.12 6.10 -2.06
N SER A 65 -16.91 6.92 -1.34
CA SER A 65 -16.39 7.91 -0.37
C SER A 65 -15.49 7.26 0.69
N SER A 66 -15.87 6.05 1.16
CA SER A 66 -15.11 5.29 2.16
C SER A 66 -13.78 4.80 1.59
N ILE A 67 -13.80 4.34 0.32
CA ILE A 67 -12.59 3.87 -0.38
C ILE A 67 -11.59 5.03 -0.57
N ILE A 68 -12.13 6.22 -0.93
CA ILE A 68 -11.34 7.45 -1.14
C ILE A 68 -10.65 7.86 0.17
N THR A 69 -11.45 7.93 1.27
CA THR A 69 -10.97 8.34 2.60
C THR A 69 -9.90 7.37 3.14
N LEU A 70 -10.13 6.06 2.91
CA LEU A 70 -9.20 5.01 3.36
C LEU A 70 -7.88 5.12 2.61
N LYS A 71 -7.96 5.03 1.27
CA LYS A 71 -6.80 5.06 0.36
C LYS A 71 -5.96 6.35 0.56
N ASN A 72 -6.65 7.48 0.77
CA ASN A 72 -5.99 8.80 0.99
C ASN A 72 -5.37 8.89 2.38
N GLY A 73 -6.00 8.27 3.38
CA GLY A 73 -5.45 8.17 4.73
C GLY A 73 -4.14 7.40 4.74
N ILE A 74 -4.17 6.24 4.04
CA ILE A 74 -2.99 5.38 3.86
C ILE A 74 -1.92 6.12 3.05
N GLN A 75 -2.36 6.82 2.00
CA GLN A 75 -1.50 7.55 1.06
C GLN A 75 -0.68 8.60 1.81
N ASN A 76 -1.38 9.52 2.49
CA ASN A 76 -0.77 10.63 3.21
C ASN A 76 0.12 10.14 4.37
N MET A 77 -0.23 8.97 4.96
CA MET A 77 0.60 8.34 6.00
C MET A 77 1.93 7.82 5.38
N LEU A 78 1.83 7.15 4.22
CA LEU A 78 3.01 6.63 3.47
C LEU A 78 3.85 7.77 2.87
N GLN A 79 3.20 8.93 2.59
CA GLN A 79 3.87 10.14 2.06
C GLN A 79 4.55 10.91 3.20
N PHE A 80 4.01 10.75 4.42
CA PHE A 80 4.55 11.34 5.66
C PHE A 80 5.93 10.73 5.99
N TYR A 81 6.10 9.43 5.68
CA TYR A 81 7.36 8.71 5.89
C TYR A 81 8.23 8.71 4.61
N ILE A 82 7.58 8.53 3.44
CA ILE A 82 8.29 8.30 2.16
C ILE A 82 7.81 9.32 1.09
N PRO A 83 8.70 10.23 0.59
CA PRO A 83 8.34 11.21 -0.47
C PRO A 83 8.26 10.54 -1.87
N GLU A 84 8.68 9.27 -1.97
CA GLU A 84 8.64 8.50 -3.22
C GLU A 84 7.22 8.02 -3.54
N VAL A 85 6.38 7.87 -2.50
CA VAL A 85 4.96 7.50 -2.65
C VAL A 85 4.18 8.70 -3.25
N GLU A 86 3.97 8.68 -4.57
CA GLU A 86 3.12 9.65 -5.27
C GLU A 86 1.64 9.40 -5.00
N GLY A 87 1.29 8.14 -4.74
CA GLY A 87 -0.09 7.78 -4.45
C GLY A 87 -0.27 6.34 -4.02
N VAL A 88 -1.53 5.97 -3.81
CA VAL A 88 -1.97 4.60 -3.48
C VAL A 88 -3.16 4.26 -4.40
N GLU A 89 -3.20 3.02 -4.90
CA GLU A 89 -4.29 2.56 -5.80
C GLU A 89 -4.94 1.29 -5.23
N GLN A 90 -6.26 1.17 -5.48
CA GLN A 90 -7.05 0.01 -5.09
C GLN A 90 -6.92 -1.08 -6.15
N VAL A 91 -6.54 -2.29 -5.72
CA VAL A 91 -6.55 -3.50 -6.55
C VAL A 91 -7.25 -4.63 -5.77
N MET A 92 -7.64 -5.70 -6.48
CA MET A 92 -8.21 -6.92 -5.85
C MET A 92 -7.47 -8.14 -6.40
N ASP A 93 -7.22 -9.11 -5.51
CA ASP A 93 -6.32 -10.24 -5.79
C ASP A 93 -6.78 -11.51 -5.08
N ASP A 94 -6.51 -12.65 -5.72
CA ASP A 94 -6.71 -14.00 -5.17
C ASP A 94 -6.19 -15.00 -6.22
N GLU A 95 -7.03 -15.30 -7.21
CA GLU A 95 -6.60 -15.93 -8.47
C GLU A 95 -6.54 -14.87 -9.58
N SER A 96 -7.35 -13.81 -9.41
CA SER A 96 -7.47 -12.72 -10.38
C SER A 96 -6.18 -11.88 -10.39
N ASP A 97 -5.43 -11.99 -11.50
CA ASP A 97 -4.14 -11.29 -11.67
C ASP A 97 -4.39 -9.78 -11.96
N MET A 1 18.59 15.08 11.17
CA MET A 1 18.25 14.18 10.03
C MET A 1 18.85 14.72 8.71
N GLY A 2 18.85 16.06 8.53
CA GLY A 2 19.20 16.69 7.26
C GLY A 2 20.45 17.56 7.32
N HIS A 3 21.44 17.14 8.13
CA HIS A 3 22.79 17.75 8.19
C HIS A 3 23.84 16.65 7.97
N HIS A 4 24.08 16.32 6.69
CA HIS A 4 25.06 15.28 6.30
C HIS A 4 26.50 15.83 6.35
N HIS A 5 27.12 15.70 7.54
CA HIS A 5 28.48 16.20 7.82
C HIS A 5 29.54 15.48 6.95
N HIS A 6 30.04 16.19 5.91
CA HIS A 6 31.05 15.73 4.92
C HIS A 6 30.45 14.68 3.94
N HIS A 7 30.00 13.54 4.51
CA HIS A 7 29.26 12.46 3.82
C HIS A 7 28.18 13.03 2.87
N HIS A 8 28.36 12.78 1.57
CA HIS A 8 27.40 13.13 0.53
C HIS A 8 26.53 11.89 0.24
N SER A 9 25.24 11.98 0.55
CA SER A 9 24.29 10.86 0.45
C SER A 9 24.03 10.50 -1.04
N HIS A 10 24.79 9.50 -1.54
CA HIS A 10 24.65 8.99 -2.92
C HIS A 10 24.80 7.45 -2.95
N MET A 11 23.81 6.75 -2.40
CA MET A 11 23.75 5.28 -2.44
C MET A 11 23.25 4.81 -3.82
N GLY A 12 23.57 3.55 -4.18
CA GLY A 12 23.18 2.96 -5.47
C GLY A 12 21.75 2.45 -5.46
N SER A 13 20.81 3.37 -5.18
CA SER A 13 19.39 3.05 -5.02
C SER A 13 18.54 4.29 -5.40
N GLU A 14 17.84 4.21 -6.53
CA GLU A 14 16.85 5.21 -6.97
C GLU A 14 15.61 5.10 -6.07
N GLU A 15 15.16 3.85 -5.90
CA GLU A 15 13.97 3.49 -5.11
C GLU A 15 14.07 2.00 -4.70
N ASP A 16 14.87 1.77 -3.66
CA ASP A 16 15.18 0.42 -3.16
C ASP A 16 13.95 -0.23 -2.48
N ASP A 17 14.00 -1.57 -2.33
CA ASP A 17 12.93 -2.38 -1.70
C ASP A 17 12.86 -2.14 -0.17
N GLY A 18 13.79 -1.33 0.37
CA GLY A 18 13.70 -0.85 1.74
C GLY A 18 12.48 0.02 1.97
N VAL A 19 12.12 0.81 0.93
CA VAL A 19 10.86 1.58 0.88
C VAL A 19 9.67 0.61 1.06
N VAL A 20 9.64 -0.41 0.20
CA VAL A 20 8.62 -1.48 0.16
C VAL A 20 8.47 -2.19 1.52
N ALA A 21 9.63 -2.47 2.14
CA ALA A 21 9.73 -3.19 3.42
C ALA A 21 9.08 -2.40 4.56
N MET A 22 9.41 -1.09 4.64
CA MET A 22 8.90 -0.23 5.72
C MET A 22 7.44 0.19 5.48
N ILE A 23 6.98 0.15 4.20
CA ILE A 23 5.54 0.36 3.89
C ILE A 23 4.74 -0.78 4.54
N LYS A 24 5.19 -2.04 4.32
CA LYS A 24 4.58 -3.25 4.93
C LYS A 24 4.46 -3.11 6.46
N GLU A 25 5.52 -2.60 7.09
CA GLU A 25 5.56 -2.37 8.54
C GLU A 25 4.52 -1.32 8.95
N LEU A 26 4.54 -0.15 8.26
CA LEU A 26 3.63 0.99 8.53
C LEU A 26 2.15 0.58 8.35
N LEU A 27 1.88 -0.34 7.42
CA LEU A 27 0.53 -0.88 7.22
C LEU A 27 0.15 -1.78 8.40
N ASP A 28 0.99 -2.79 8.64
CA ASP A 28 0.71 -3.91 9.57
C ASP A 28 0.52 -3.44 11.02
N THR A 29 1.17 -2.34 11.39
CA THR A 29 1.15 -1.79 12.75
C THR A 29 0.16 -0.61 12.91
N ARG A 30 -0.13 0.12 11.79
CA ARG A 30 -0.93 1.37 11.85
C ARG A 30 -2.24 1.23 11.05
N ILE A 31 -2.11 0.90 9.74
CA ILE A 31 -3.23 0.96 8.78
C ILE A 31 -4.16 -0.26 8.95
N ARG A 32 -3.60 -1.49 8.76
CA ARG A 32 -4.35 -2.76 8.84
C ARG A 32 -5.24 -2.84 10.13
N PRO A 33 -4.72 -2.59 11.40
CA PRO A 33 -5.56 -2.59 12.64
C PRO A 33 -6.77 -1.61 12.54
N THR A 34 -6.55 -0.43 11.93
CA THR A 34 -7.61 0.60 11.73
C THR A 34 -8.73 0.06 10.81
N VAL A 35 -8.32 -0.55 9.70
CA VAL A 35 -9.24 -1.12 8.68
C VAL A 35 -9.97 -2.36 9.24
N GLN A 36 -9.28 -3.11 10.12
CA GLN A 36 -9.84 -4.32 10.77
C GLN A 36 -10.85 -3.93 11.85
N GLU A 37 -10.64 -2.76 12.49
CA GLU A 37 -11.62 -2.16 13.41
C GLU A 37 -12.85 -1.66 12.63
N ASP A 38 -12.61 -1.20 11.39
CA ASP A 38 -13.68 -0.83 10.44
C ASP A 38 -14.42 -2.08 9.92
N GLY A 39 -13.74 -3.25 9.96
CA GLY A 39 -14.34 -4.52 9.55
C GLY A 39 -13.56 -5.19 8.42
N GLY A 40 -12.86 -4.36 7.60
CA GLY A 40 -12.08 -4.85 6.46
C GLY A 40 -10.64 -5.16 6.80
N ASP A 41 -9.75 -4.98 5.82
CA ASP A 41 -8.27 -5.15 5.97
C ASP A 41 -7.59 -4.69 4.66
N VAL A 42 -6.28 -4.36 4.76
CA VAL A 42 -5.46 -3.98 3.60
C VAL A 42 -4.26 -4.94 3.51
N ILE A 43 -4.08 -5.56 2.34
CA ILE A 43 -2.98 -6.50 2.06
C ILE A 43 -2.04 -5.82 1.06
N TYR A 44 -0.75 -5.72 1.40
CA TYR A 44 0.25 -5.09 0.54
C TYR A 44 0.45 -5.94 -0.74
N LYS A 45 -0.04 -5.41 -1.87
CA LYS A 45 0.03 -6.08 -3.17
C LYS A 45 1.34 -5.73 -3.88
N GLY A 46 1.64 -4.43 -3.95
CA GLY A 46 2.87 -3.99 -4.64
C GLY A 46 3.09 -2.48 -4.58
N PHE A 47 4.10 -2.05 -5.34
CA PHE A 47 4.50 -0.65 -5.47
C PHE A 47 5.02 -0.46 -6.91
N GLU A 48 4.27 0.32 -7.72
CA GLU A 48 4.58 0.54 -9.13
C GLU A 48 4.50 2.05 -9.45
N ASP A 49 5.65 2.64 -9.80
CA ASP A 49 5.75 4.02 -10.31
C ASP A 49 5.24 5.05 -9.29
N GLY A 50 5.55 4.79 -8.01
CA GLY A 50 5.17 5.68 -6.90
C GLY A 50 3.83 5.34 -6.27
N ILE A 51 3.12 4.35 -6.84
CA ILE A 51 1.76 3.99 -6.43
C ILE A 51 1.77 2.71 -5.58
N VAL A 52 1.39 2.86 -4.29
CA VAL A 52 1.25 1.76 -3.34
C VAL A 52 -0.11 1.08 -3.56
N GLN A 53 -0.10 -0.13 -4.12
CA GLN A 53 -1.32 -0.86 -4.47
C GLN A 53 -1.67 -1.86 -3.35
N LEU A 54 -2.92 -1.77 -2.83
CA LEU A 54 -3.38 -2.54 -1.67
C LEU A 54 -4.71 -3.25 -1.98
N LYS A 55 -4.90 -4.43 -1.36
CA LYS A 55 -6.13 -5.23 -1.46
C LYS A 55 -7.10 -4.80 -0.36
N LEU A 56 -8.21 -4.15 -0.75
CA LEU A 56 -9.25 -3.74 0.21
C LEU A 56 -10.26 -4.89 0.39
N GLN A 57 -10.62 -5.14 1.65
CA GLN A 57 -11.61 -6.18 2.03
C GLN A 57 -13.02 -5.57 2.18
N GLY A 58 -14.05 -6.43 2.42
CA GLY A 58 -15.43 -5.97 2.66
C GLY A 58 -15.52 -4.94 3.79
N SER A 59 -16.60 -4.13 3.78
CA SER A 59 -16.77 -2.91 4.59
C SER A 59 -15.95 -1.75 3.98
N CYS A 60 -14.60 -1.85 3.98
CA CYS A 60 -13.73 -0.75 3.50
C CYS A 60 -13.83 -0.55 1.98
N THR A 61 -14.27 -1.61 1.24
CA THR A 61 -14.49 -1.52 -0.22
C THR A 61 -16.00 -1.46 -0.58
N SER A 62 -16.87 -1.41 0.45
CA SER A 62 -18.34 -1.44 0.27
C SER A 62 -18.84 -0.11 -0.33
N CYS A 63 -18.60 1.02 0.36
CA CYS A 63 -18.99 2.36 -0.11
C CYS A 63 -17.81 3.03 -0.85
N PRO A 64 -18.09 3.74 -2.01
CA PRO A 64 -17.04 4.44 -2.82
C PRO A 64 -16.28 5.53 -2.02
N SER A 65 -17.02 6.24 -1.15
CA SER A 65 -16.44 7.29 -0.28
C SER A 65 -15.50 6.68 0.77
N SER A 66 -15.85 5.47 1.27
CA SER A 66 -15.02 4.72 2.23
C SER A 66 -13.66 4.33 1.60
N ILE A 67 -13.71 3.89 0.32
CA ILE A 67 -12.52 3.51 -0.46
C ILE A 67 -11.53 4.68 -0.58
N ILE A 68 -12.05 5.85 -1.03
CA ILE A 68 -11.23 7.03 -1.31
C ILE A 68 -10.65 7.64 -0.01
N THR A 69 -11.47 7.71 1.07
CA THR A 69 -11.03 8.18 2.41
C THR A 69 -9.86 7.34 2.92
N LEU A 70 -9.99 6.01 2.78
CA LEU A 70 -8.96 5.05 3.21
C LEU A 70 -7.67 5.26 2.40
N LYS A 71 -7.82 5.24 1.06
CA LYS A 71 -6.71 5.38 0.09
C LYS A 71 -5.90 6.68 0.33
N ASN A 72 -6.64 7.76 0.64
CA ASN A 72 -6.06 9.10 0.94
C ASN A 72 -5.32 9.09 2.28
N GLY A 73 -5.94 8.49 3.32
CA GLY A 73 -5.35 8.43 4.65
C GLY A 73 -4.01 7.69 4.69
N ILE A 74 -4.00 6.52 4.04
CA ILE A 74 -2.79 5.68 3.86
C ILE A 74 -1.72 6.47 3.08
N GLN A 75 -2.18 7.15 2.00
CA GLN A 75 -1.33 7.93 1.10
C GLN A 75 -0.52 8.99 1.87
N ASN A 76 -1.23 9.92 2.52
CA ASN A 76 -0.61 11.05 3.25
C ASN A 76 0.32 10.57 4.38
N MET A 77 -0.08 9.47 5.07
CA MET A 77 0.73 8.87 6.16
C MET A 77 2.07 8.35 5.60
N LEU A 78 1.99 7.55 4.52
CA LEU A 78 3.17 6.98 3.84
C LEU A 78 4.07 8.10 3.27
N GLN A 79 3.45 9.16 2.71
CA GLN A 79 4.16 10.32 2.11
C GLN A 79 4.93 11.11 3.19
N PHE A 80 4.36 11.17 4.41
CA PHE A 80 4.95 11.88 5.55
C PHE A 80 6.32 11.25 5.95
N TYR A 81 6.45 9.93 5.73
CA TYR A 81 7.69 9.18 6.06
C TYR A 81 8.54 8.90 4.80
N ILE A 82 7.90 8.82 3.62
CA ILE A 82 8.51 8.31 2.36
C ILE A 82 8.13 9.23 1.17
N PRO A 83 9.13 9.93 0.54
CA PRO A 83 8.89 10.80 -0.65
C PRO A 83 8.71 9.98 -1.97
N GLU A 84 9.00 8.66 -1.93
CA GLU A 84 8.80 7.77 -3.11
C GLU A 84 7.30 7.51 -3.36
N VAL A 85 6.49 7.58 -2.30
CA VAL A 85 5.03 7.41 -2.38
C VAL A 85 4.42 8.66 -3.02
N GLU A 86 4.10 8.55 -4.31
CA GLU A 86 3.40 9.58 -5.09
C GLU A 86 1.87 9.43 -4.90
N GLY A 87 1.43 8.20 -4.55
CA GLY A 87 0.03 7.93 -4.25
C GLY A 87 -0.22 6.49 -3.84
N VAL A 88 -1.51 6.17 -3.59
CA VAL A 88 -2.01 4.80 -3.29
C VAL A 88 -3.17 4.50 -4.26
N GLU A 89 -3.40 3.21 -4.57
CA GLU A 89 -4.49 2.77 -5.48
C GLU A 89 -5.08 1.44 -4.99
N GLN A 90 -6.39 1.27 -5.24
CA GLN A 90 -7.13 0.05 -4.88
C GLN A 90 -6.99 -1.01 -5.98
N VAL A 91 -6.67 -2.23 -5.57
CA VAL A 91 -6.78 -3.45 -6.38
C VAL A 91 -7.49 -4.51 -5.51
N MET A 92 -8.34 -5.34 -6.11
CA MET A 92 -9.13 -6.35 -5.37
C MET A 92 -8.96 -7.72 -6.03
N ASP A 93 -8.54 -8.72 -5.23
CA ASP A 93 -8.43 -10.11 -5.67
C ASP A 93 -9.79 -10.80 -5.55
N ASP A 94 -10.73 -10.37 -6.39
CA ASP A 94 -12.00 -11.04 -6.58
C ASP A 94 -11.91 -11.77 -7.92
N GLU A 95 -11.93 -10.96 -9.02
CA GLU A 95 -11.70 -11.40 -10.42
C GLU A 95 -12.51 -12.68 -10.79
N SER A 96 -13.70 -12.81 -10.15
CA SER A 96 -14.55 -14.00 -10.23
C SER A 96 -15.71 -13.76 -11.22
N ASP A 97 -15.35 -13.20 -12.38
CA ASP A 97 -16.32 -12.89 -13.47
C ASP A 97 -16.69 -14.17 -14.25
#